data_7ASK
#
_entry.id   7ASK
#
_cell.length_a   1.00
_cell.length_b   1.00
_cell.length_c   1.00
_cell.angle_alpha   90.00
_cell.angle_beta   90.00
_cell.angle_gamma   90.00
#
_symmetry.space_group_name_H-M   'P 1'
#
loop_
_entity.id
_entity.type
_entity.pdbx_description
1 polymer kDDX60
2 non-polymer 'MAGNESIUM ION'
3 non-polymer "ADENOSINE-5'-DIPHOSPHATE"
#
_entity_poly.entity_id   1
_entity_poly.type   'polypeptide(L)'
_entity_poly.pdbx_seq_one_letter_code
;MSSRYRELIAIFGEFLEENDFHVRISMDRVGEVKTLFSAKTIPVESETEAAIEVVTIEAARRRDALRRTCNAVLRTRHSD
QHVDVGTIVADEEERLAWKFLIGALAAKNSEILPVVEAELLLAAVEYHYATARPELCDMFVHLSASEMFFIDGDSLFMAA
LSPQSVDWDLIQPLHVIYNAQKLLYDMHCRGARFHVVFFDSLLWIWESAPAKLFMRENLRKTLMSLSENDAKVGLSISNF
SSYYSEAFETYVKQWEPEFILMSDGEQLGRLNPLQAFFVRPSAANNTHDSRRKANYTDADEANPYRLRRQYRSIVEDEAV
GDKAALYYRCIHLWAATRRLKVAYSSRIIYKENAMVVFTVRVDGASFERAVTIESDVQALAQSMEHEVQLPAISSASLGL
LDEEDLSCRERVVYAALHAYLRASARSEQEHQLCQALAITTYITGYLNKEARAQQVRPNPILAGFLNEISPFLLAVWRHA
DCTNGNGQEFDLIDGHLFSAVSQQLRTASVSELFDEYGVEDIESTWGVLDDQGSADIVNAPLSYLPVIDSVDVEKLQPYP
LITHELVERLAKGFGISTHRADAPYPTDFGAANELAGWDITTPFDRLNDVIDAEGDAIAKSMMTEKEAKNVQEYYKKFVR
NALKQAQSMGISGFAAHELAMVCSDNDSDDDAGGNSANNKTAGAKKVNKEHAGQRNKKERSKEDEIRERSNVIAATATVA
EWHKQMNHLLHAVDMSHGRTTNRDRDESINTIMAAIKRLSQEKFGKNFDPGYTLGGSTNTAVPLKLEMWRLLVAASQLRE
VEFAFAMEDPALKDSKGASKKKDSKSEYKMLYGFHVINQFVEREAVKGNHWGQLDPLRKAKPDMTIVEARSYLRWVYLSF
VEMHIQLKLKCRVVKLQLENWRAERERARLAQESPKIALGIPLFLYCHHHVLAVIRDEGPRMSSEDIDTVRSALKHFDLP
DSYYNKLDQCIARWQNMTLGTLLPSLLPQDKQLFETPEMLQLIHMGHLLERPFVREHDYRVAFNPDNWQRELLDIVDGRG
SAVVCAPTSAGKTFISYYCMYKALRRTNKKVVVYLAPARALINQAVADVCARYGSKKYKNPGRYIYGALGGADYHQFHDS
CQVLLTVPETFETMLLSPKYTDWVELIDYVILDEIHSMESNGNGDVWERILALLPCPFVALSATLGETQQLCSWLNRVQG
RLKEQTEEMSGKMRDFEVHLLPSEGKSIQRWNDIKKYIYLPPPGAALTQKKIKAQYNNCYIRDLHPLSILTADQLQRGFP
PDISLVPSEVVSLFEKMHSKFNEVVWPNYSSLQLAKTLRAQLMLIEPSKYFEAETYITQERARQYEAEVKNAFAYWAYLG
HEGCELPENLVEEDLDDFSASMNMAVESILRTFAQKLNEDEALLERHAADGMEKKKRMLLRQQHLQLLQQQEQENEPNQE
ESMEQKSEEQGGAQEEEQEKETVGSVSFPGSRQFIREHILNVLRELIARDMGPTIVFSFESEDCGDLVKYVVEQLEEAES
RYRKTNEFALYKARIERAAAAQEARRKQRESTLKQKRLTTGDDGDVEVADRDMSDGEGEDELFVVPDVLPEFTFIGEKCT
VEPEVVDSLMEDCEKEGEDLLLRALQRGIGMHHAGVKGKLRAHVERLFRGRHCGVIFSTETLALGIHSPCRSVVLAGDHI
LLNPTQFRQMMGRAGRRGLDYLGHLVFLGITMRRIKRLMTSSMTVIKGNVQMDPISNLRLLQLYDFNTLRHLKNEAGWKT
HVLKLAERLFVNPLFFQGRNSVAGGNMEGFTVEWLQMLLGYFQREGLHFSDHASSLGSILQDAMYVFREAHVGNEGFSFI
RMLTSGVFDKAHYSPLYDKKLNSGVLDEPLAELLAYLFSTHQTCGVPLEMHRSALLDPAVSTLWEGKTGPTQHRAVLSPI
DVCSPTIHAFDNTDFFALLSAFYNYLASHLAPQTGAALRLPCMKSTNKKCRIFGGGSTEFLLKQKLQESSVPYKARSPFV
AISGCGDLFTSVDDVTFTLRDGLYCDRTLLPILDLADGWRHDGAQILINACLLDFLRAKAQIDTTRKNYRFTLLEELNGL
SQSLSYAVLNRAEKILSNLAGLVRPTKLPRAKVLTAIMPDESEEGIFMAGAPRLLEVAERLNSLQPQIQKRLAEELLTAK
WAKRISEMNAQRKD
;
_entity_poly.pdbx_strand_id   F
#
loop_
_chem_comp.id
_chem_comp.type
_chem_comp.name
_chem_comp.formula
ADP non-polymer ADENOSINE-5'-DIPHOSPHATE 'C10 H15 N5 O10 P2'
MG non-polymer 'MAGNESIUM ION' 'Mg 2'
#
# COMPACT_ATOMS: atom_id res chain seq x y z
N MET A 1 -46.53 -23.16 35.08
CA MET A 1 -45.36 -23.54 35.91
C MET A 1 -45.50 -24.98 36.32
N SER A 2 -46.12 -25.23 37.51
CA SER A 2 -46.41 -26.54 38.04
C SER A 2 -47.08 -27.47 37.07
N SER A 3 -48.25 -27.05 36.51
CA SER A 3 -49.06 -27.78 35.57
C SER A 3 -48.32 -28.36 34.41
N ARG A 4 -47.46 -27.56 33.75
CA ARG A 4 -46.68 -27.97 32.60
C ARG A 4 -45.62 -28.97 32.97
N TYR A 5 -45.16 -28.93 34.23
CA TYR A 5 -44.13 -29.79 34.74
C TYR A 5 -44.75 -30.99 35.44
N ARG A 6 -46.10 -31.04 35.59
CA ARG A 6 -46.83 -32.26 35.83
C ARG A 6 -47.09 -32.98 34.53
N GLU A 7 -47.13 -32.23 33.40
CA GLU A 7 -47.53 -32.75 32.12
C GLU A 7 -46.46 -33.62 31.54
N LEU A 8 -45.20 -33.14 31.57
CA LEU A 8 -44.15 -33.62 30.71
C LEU A 8 -43.69 -35.00 31.10
N ILE A 9 -43.67 -35.28 32.44
CA ILE A 9 -43.32 -36.57 33.01
C ILE A 9 -44.32 -37.60 32.59
N ALA A 10 -45.63 -37.25 32.58
CA ALA A 10 -46.68 -38.17 32.19
C ALA A 10 -46.66 -38.51 30.72
N ILE A 11 -45.94 -37.73 29.87
CA ILE A 11 -45.78 -38.04 28.46
C ILE A 11 -44.68 -39.07 28.34
N PHE A 12 -43.66 -38.94 29.22
CA PHE A 12 -42.43 -39.69 29.15
C PHE A 12 -42.64 -41.10 29.59
N GLY A 13 -43.15 -41.34 30.83
CA GLY A 13 -43.27 -42.64 31.42
C GLY A 13 -44.18 -43.62 30.71
N GLU A 14 -45.13 -43.11 29.88
CA GLU A 14 -45.92 -43.88 28.96
C GLU A 14 -45.10 -44.66 27.95
N PHE A 15 -44.01 -44.05 27.43
CA PHE A 15 -43.09 -44.66 26.51
C PHE A 15 -42.38 -45.84 27.11
N LEU A 16 -41.87 -45.69 28.35
CA LEU A 16 -40.98 -46.68 28.91
C LEU A 16 -41.02 -46.49 30.39
N GLU A 17 -40.66 -47.56 31.15
CA GLU A 17 -40.81 -47.77 32.58
C GLU A 17 -40.88 -46.54 33.46
N GLU A 18 -41.86 -46.55 34.39
CA GLU A 18 -42.44 -45.35 34.95
C GLU A 18 -41.53 -44.70 35.94
N ASN A 19 -41.61 -43.35 36.00
CA ASN A 19 -40.61 -42.45 36.56
C ASN A 19 -39.35 -42.44 35.73
N ASP A 20 -38.68 -41.27 35.67
CA ASP A 20 -37.27 -41.18 35.40
C ASP A 20 -36.63 -40.52 36.58
N PHE A 21 -37.41 -40.35 37.66
CA PHE A 21 -37.42 -39.11 38.38
C PHE A 21 -36.96 -39.33 39.79
N HIS A 22 -36.16 -40.39 40.04
CA HIS A 22 -36.26 -41.28 41.18
C HIS A 22 -36.15 -42.69 40.67
N VAL A 23 -36.07 -42.89 39.34
CA VAL A 23 -35.29 -44.00 38.83
C VAL A 23 -34.43 -43.38 37.74
N ARG A 24 -33.15 -43.02 38.02
CA ARG A 24 -32.47 -42.93 39.29
C ARG A 24 -32.70 -41.54 39.82
N ILE A 25 -32.18 -41.26 41.04
CA ILE A 25 -32.22 -39.96 41.68
C ILE A 25 -31.34 -38.93 41.00
N SER A 26 -30.38 -39.39 40.16
CA SER A 26 -29.49 -38.57 39.40
C SER A 26 -29.54 -39.20 38.05
N MET A 27 -28.39 -39.57 37.45
CA MET A 27 -28.18 -40.96 37.11
C MET A 27 -26.88 -41.36 37.75
N ASP A 28 -25.75 -41.29 37.03
CA ASP A 28 -25.21 -40.03 36.57
C ASP A 28 -24.20 -40.44 35.53
N ARG A 29 -24.55 -41.50 34.76
CA ARG A 29 -23.74 -42.08 33.73
C ARG A 29 -23.59 -41.07 32.59
N VAL A 30 -24.97 -37.59 33.90
CA VAL A 30 -24.52 -37.10 32.57
C VAL A 30 -23.07 -37.49 32.35
N GLY A 31 -22.73 -37.85 31.10
CA GLY A 31 -21.38 -38.19 30.74
C GLY A 31 -21.47 -38.94 29.46
N GLU A 32 -22.55 -39.74 29.32
CA GLU A 32 -22.89 -40.50 28.15
C GLU A 32 -23.37 -39.51 27.11
N VAL A 33 -24.54 -38.91 27.38
CA VAL A 33 -25.20 -37.80 26.70
C VAL A 33 -24.27 -36.79 26.07
N LYS A 34 -23.36 -36.24 26.90
CA LYS A 34 -22.49 -35.17 26.50
C LYS A 34 -21.44 -35.56 25.47
N THR A 35 -20.94 -36.82 25.53
CA THR A 35 -20.17 -37.48 24.49
C THR A 35 -20.90 -37.58 23.19
N LEU A 36 -22.21 -37.93 23.28
CA LEU A 36 -23.00 -38.34 22.14
C LEU A 36 -23.29 -37.18 21.23
N PHE A 37 -23.68 -36.03 21.82
CA PHE A 37 -23.86 -34.76 21.16
C PHE A 37 -22.63 -34.27 20.44
N SER A 38 -21.56 -33.99 21.22
CA SER A 38 -20.31 -33.48 20.72
C SER A 38 -19.33 -34.60 20.73
N ALA A 39 -19.51 -35.58 19.83
CA ALA A 39 -18.41 -36.04 19.01
C ALA A 39 -19.02 -36.92 17.92
N LYS A 40 -21.35 -35.15 16.89
CA LYS A 40 -21.22 -34.13 15.83
C LYS A 40 -21.31 -32.78 16.45
N THR A 41 -22.55 -32.31 16.70
CA THR A 41 -22.93 -30.93 16.80
C THR A 41 -22.39 -30.30 18.05
N ILE A 42 -22.20 -28.96 17.98
CA ILE A 42 -21.62 -28.14 19.01
C ILE A 42 -22.41 -28.07 20.32
N PRO A 43 -23.73 -27.89 20.43
CA PRO A 43 -24.25 -27.14 21.57
C PRO A 43 -24.68 -28.08 22.68
N VAL A 44 -24.01 -28.00 23.85
CA VAL A 44 -24.40 -28.72 25.03
C VAL A 44 -24.20 -27.77 26.17
N GLU A 45 -22.92 -27.38 26.42
CA GLU A 45 -22.51 -26.64 27.58
C GLU A 45 -22.29 -25.23 27.13
N SER A 46 -22.22 -24.27 28.09
CA SER A 46 -21.72 -22.95 27.83
C SER A 46 -20.24 -23.04 28.10
N GLU A 47 -19.46 -23.33 27.03
CA GLU A 47 -18.07 -23.69 27.12
C GLU A 47 -17.24 -22.55 27.67
N THR A 48 -16.37 -22.88 28.65
CA THR A 48 -15.72 -21.93 29.51
C THR A 48 -14.25 -22.08 29.29
N GLU A 49 -13.55 -20.95 29.02
CA GLU A 49 -12.14 -20.89 28.77
C GLU A 49 -11.54 -20.54 30.10
N ALA A 50 -10.94 -19.33 30.21
CA ALA A 50 -10.48 -18.77 31.47
C ALA A 50 -11.71 -18.40 32.25
N ALA A 51 -12.69 -17.79 31.53
CA ALA A 51 -14.04 -17.62 31.98
C ALA A 51 -14.83 -17.37 30.73
N ILE A 52 -16.16 -17.65 30.78
CA ILE A 52 -17.13 -17.11 29.84
C ILE A 52 -17.21 -15.64 30.05
N GLU A 53 -17.57 -14.89 28.98
CA GLU A 53 -17.36 -13.46 28.95
C GLU A 53 -18.50 -12.77 29.64
N VAL A 54 -19.50 -12.26 28.89
CA VAL A 54 -20.48 -11.35 29.43
C VAL A 54 -21.75 -12.11 29.68
N VAL A 55 -21.79 -13.40 29.28
CA VAL A 55 -22.83 -14.35 29.62
C VAL A 55 -24.10 -13.91 28.93
N THR A 56 -23.92 -13.42 27.68
CA THR A 56 -24.93 -13.27 26.68
C THR A 56 -24.24 -13.61 25.38
N ILE A 57 -22.93 -14.00 25.46
CA ILE A 57 -22.27 -14.78 24.43
C ILE A 57 -22.87 -16.15 24.39
N GLU A 58 -23.28 -16.68 25.56
CA GLU A 58 -23.69 -18.05 25.68
C GLU A 58 -24.78 -18.11 26.70
N ALA A 59 -25.57 -17.04 26.85
CA ALA A 59 -26.90 -17.18 27.40
C ALA A 59 -27.81 -17.19 26.20
N ALA A 60 -28.03 -16.01 25.59
CA ALA A 60 -28.94 -15.79 24.49
C ALA A 60 -28.64 -16.67 23.30
N ARG A 61 -27.49 -16.44 22.65
CA ARG A 61 -27.04 -17.14 21.46
C ARG A 61 -26.68 -18.60 21.67
N ARG A 62 -26.65 -19.11 22.93
CA ARG A 62 -26.41 -20.52 23.17
C ARG A 62 -27.72 -21.21 23.15
N ARG A 63 -28.67 -20.79 24.02
CA ARG A 63 -29.81 -21.57 24.44
C ARG A 63 -30.83 -21.86 23.35
N ASP A 64 -30.75 -21.18 22.16
CA ASP A 64 -31.41 -21.59 20.93
C ASP A 64 -30.98 -22.99 20.59
N ALA A 65 -29.69 -23.11 20.19
CA ALA A 65 -28.99 -24.27 19.70
C ALA A 65 -29.04 -25.44 20.67
N LEU A 66 -28.98 -25.15 21.99
CA LEU A 66 -28.92 -26.11 23.06
C LEU A 66 -30.22 -26.84 23.16
N ARG A 67 -31.34 -26.10 23.20
CA ARG A 67 -32.67 -26.65 23.32
C ARG A 67 -33.25 -27.00 21.99
N ARG A 68 -32.51 -26.79 20.87
CA ARG A 68 -32.89 -27.26 19.57
C ARG A 68 -32.57 -28.71 19.47
N THR A 69 -31.27 -29.07 19.63
CA THR A 69 -30.77 -30.43 19.63
C THR A 69 -31.44 -31.31 20.67
N CYS A 70 -31.77 -30.73 21.87
CA CYS A 70 -32.57 -31.35 22.90
C CYS A 70 -33.90 -31.87 22.38
N ASN A 71 -34.68 -30.96 21.77
CA ASN A 71 -36.05 -31.19 21.41
C ASN A 71 -36.11 -32.12 20.24
N ALA A 72 -35.40 -31.78 19.15
CA ALA A 72 -35.40 -32.50 17.90
C ALA A 72 -34.89 -33.93 17.98
N VAL A 73 -34.21 -34.31 19.09
CA VAL A 73 -33.85 -35.69 19.38
C VAL A 73 -35.06 -36.33 19.97
N LEU A 74 -35.55 -35.83 21.13
CA LEU A 74 -36.57 -36.49 21.93
C LEU A 74 -37.87 -36.72 21.19
N ARG A 75 -38.28 -35.77 20.30
CA ARG A 75 -39.45 -35.92 19.45
C ARG A 75 -39.37 -37.11 18.51
N THR A 76 -38.15 -37.47 18.07
CA THR A 76 -37.87 -38.60 17.18
C THR A 76 -37.71 -39.87 17.98
N ARG A 77 -37.43 -39.74 19.29
CA ARG A 77 -37.23 -40.86 20.19
C ARG A 77 -38.54 -41.10 20.92
N HIS A 78 -39.62 -40.40 20.48
CA HIS A 78 -40.96 -40.65 20.93
C HIS A 78 -41.65 -41.55 19.93
N SER A 79 -40.96 -41.92 18.81
CA SER A 79 -41.47 -42.83 17.81
C SER A 79 -41.72 -44.19 18.41
N ASP A 80 -42.77 -44.87 17.88
CA ASP A 80 -43.50 -46.02 18.39
C ASP A 80 -44.96 -45.63 18.26
N GLN A 81 -45.23 -44.34 17.97
CA GLN A 81 -46.34 -43.95 17.15
C GLN A 81 -45.97 -42.60 16.65
N HIS A 82 -45.82 -41.62 17.58
CA HIS A 82 -45.84 -40.23 17.24
C HIS A 82 -44.45 -39.72 17.06
N VAL A 83 -44.23 -39.03 15.92
CA VAL A 83 -43.26 -37.98 15.77
C VAL A 83 -44.06 -36.72 15.55
N ASP A 84 -45.37 -36.79 15.90
CA ASP A 84 -46.36 -35.78 15.61
C ASP A 84 -46.57 -34.90 16.81
N VAL A 85 -45.78 -35.13 17.89
CA VAL A 85 -45.92 -34.43 19.15
C VAL A 85 -44.62 -33.73 19.39
N GLY A 86 -44.71 -32.49 19.93
CA GLY A 86 -43.56 -31.66 20.21
C GLY A 86 -43.17 -31.84 21.64
N THR A 87 -41.86 -31.69 21.90
CA THR A 87 -41.27 -31.78 23.21
C THR A 87 -40.48 -30.50 23.27
N ILE A 88 -40.78 -29.64 24.27
CA ILE A 88 -40.11 -28.38 24.44
C ILE A 88 -39.77 -28.30 25.89
N VAL A 89 -38.48 -28.04 26.22
CA VAL A 89 -38.01 -27.94 27.57
C VAL A 89 -38.14 -26.50 28.00
N ALA A 90 -38.45 -26.29 29.30
CA ALA A 90 -38.54 -25.00 29.92
C ALA A 90 -37.20 -24.65 30.51
N ASP A 91 -36.98 -25.00 31.81
CA ASP A 91 -35.83 -24.56 32.56
C ASP A 91 -35.44 -25.74 33.40
N GLU A 92 -36.35 -26.21 34.27
CA GLU A 92 -36.10 -27.28 35.21
C GLU A 92 -36.34 -28.59 34.49
N GLU A 93 -36.79 -28.52 33.23
CA GLU A 93 -37.12 -29.66 32.43
C GLU A 93 -35.95 -30.05 31.58
N GLU A 94 -34.78 -29.35 31.75
CA GLU A 94 -33.55 -29.67 31.06
C GLU A 94 -33.00 -30.92 31.66
N ARG A 95 -32.77 -30.91 32.98
CA ARG A 95 -32.37 -32.05 33.78
C ARG A 95 -33.27 -33.24 33.59
N LEU A 96 -34.61 -33.01 33.63
CA LEU A 96 -35.64 -33.97 33.32
C LEU A 96 -35.41 -34.66 32.00
N ALA A 97 -35.28 -33.86 30.92
CA ALA A 97 -35.01 -34.29 29.57
C ALA A 97 -33.80 -35.19 29.44
N TRP A 98 -32.77 -34.96 30.26
CA TRP A 98 -31.59 -35.79 30.29
C TRP A 98 -31.83 -37.08 31.03
N LYS A 99 -32.55 -37.08 32.17
CA LYS A 99 -32.90 -38.31 32.88
C LYS A 99 -33.76 -39.22 32.03
N PHE A 100 -34.64 -38.63 31.19
CA PHE A 100 -35.46 -39.27 30.20
C PHE A 100 -34.64 -39.90 29.11
N LEU A 101 -33.38 -39.47 28.93
CA LEU A 101 -32.56 -39.85 27.82
C LEU A 101 -31.75 -41.00 28.28
N ILE A 102 -30.97 -40.86 29.37
CA ILE A 102 -29.98 -41.81 29.85
C ILE A 102 -30.60 -43.15 30.20
N GLY A 103 -31.89 -43.14 30.64
CA GLY A 103 -32.61 -44.33 31.03
C GLY A 103 -33.35 -44.95 29.89
N ALA A 104 -33.11 -44.47 28.65
CA ALA A 104 -33.66 -44.99 27.44
C ALA A 104 -32.50 -45.48 26.63
N LEU A 105 -31.27 -45.01 26.92
CA LEU A 105 -30.11 -45.25 26.10
C LEU A 105 -29.60 -46.63 26.38
N ALA A 106 -29.59 -47.00 27.69
CA ALA A 106 -29.09 -48.27 28.17
C ALA A 106 -30.21 -49.26 28.33
N ALA A 107 -31.45 -48.87 27.98
CA ALA A 107 -32.60 -49.75 28.02
C ALA A 107 -32.57 -50.83 26.96
N LYS A 108 -32.19 -50.49 25.71
CA LYS A 108 -32.33 -51.40 24.59
C LYS A 108 -31.01 -51.62 23.92
N ASN A 109 -30.24 -50.53 23.69
CA ASN A 109 -28.96 -50.52 23.01
C ASN A 109 -29.00 -51.16 21.64
N SER A 110 -29.97 -50.77 20.79
CA SER A 110 -30.00 -51.20 19.42
C SER A 110 -30.75 -50.15 18.65
N GLU A 111 -32.05 -49.96 18.98
CA GLU A 111 -32.96 -48.99 18.42
C GLU A 111 -32.45 -47.58 18.55
N ILE A 112 -31.74 -47.33 19.66
CA ILE A 112 -31.20 -46.07 20.10
C ILE A 112 -30.31 -45.45 19.04
N LEU A 113 -29.44 -46.27 18.41
CA LEU A 113 -28.38 -45.80 17.54
C LEU A 113 -28.93 -45.07 16.32
N PRO A 114 -29.80 -45.58 15.44
CA PRO A 114 -30.19 -44.87 14.24
C PRO A 114 -31.00 -43.64 14.54
N VAL A 115 -31.98 -43.70 15.48
CA VAL A 115 -32.86 -42.60 15.80
C VAL A 115 -32.14 -41.41 16.42
N VAL A 116 -30.90 -41.62 16.93
CA VAL A 116 -30.01 -40.57 17.35
C VAL A 116 -29.18 -40.15 16.16
N GLU A 117 -28.32 -41.07 15.63
CA GLU A 117 -27.31 -40.79 14.63
C GLU A 117 -27.84 -40.11 13.40
N ALA A 118 -28.98 -40.59 12.84
CA ALA A 118 -29.58 -40.05 11.65
C ALA A 118 -30.12 -38.67 11.90
N GLU A 119 -30.88 -38.49 13.01
CA GLU A 119 -31.44 -37.24 13.49
C GLU A 119 -30.39 -36.16 13.64
N LEU A 120 -29.24 -36.54 14.23
CA LEU A 120 -28.03 -35.76 14.35
C LEU A 120 -27.60 -35.30 12.98
N LEU A 121 -27.28 -36.22 12.07
CA LEU A 121 -26.71 -35.93 10.78
C LEU A 121 -27.62 -35.10 9.89
N LEU A 122 -28.97 -35.23 10.05
CA LEU A 122 -29.95 -34.30 9.54
C LEU A 122 -29.77 -32.92 10.10
N ALA A 123 -29.88 -32.78 11.45
CA ALA A 123 -29.95 -31.53 12.16
C ALA A 123 -28.67 -30.75 12.06
N ALA A 124 -27.52 -31.44 11.94
CA ALA A 124 -26.20 -30.87 11.76
C ALA A 124 -26.13 -30.04 10.51
N VAL A 125 -26.61 -30.62 9.38
CA VAL A 125 -26.64 -29.98 8.08
C VAL A 125 -27.67 -28.87 8.05
N GLU A 126 -28.65 -28.89 8.98
CA GLU A 126 -29.59 -27.80 9.14
C GLU A 126 -28.93 -26.63 9.78
N TYR A 127 -28.10 -26.89 10.82
CA TYR A 127 -27.48 -25.86 11.63
C TYR A 127 -26.37 -25.21 10.86
N HIS A 128 -25.60 -26.01 10.08
CA HIS A 128 -24.56 -25.56 9.18
C HIS A 128 -25.02 -24.57 8.14
N TYR A 129 -26.31 -24.68 7.71
CA TYR A 129 -26.95 -23.76 6.79
C TYR A 129 -27.36 -22.52 7.55
N ALA A 130 -27.72 -22.70 8.84
CA ALA A 130 -28.24 -21.67 9.69
C ALA A 130 -27.15 -20.92 10.42
N THR A 131 -25.86 -21.17 10.08
CA THR A 131 -24.74 -20.67 10.86
C THR A 131 -24.40 -19.35 10.26
N ALA A 132 -24.62 -18.27 11.06
CA ALA A 132 -25.41 -17.19 10.51
C ALA A 132 -25.98 -16.47 11.69
N ARG A 133 -25.79 -15.09 11.58
CA ARG A 133 -26.13 -13.93 10.82
C ARG A 133 -25.20 -13.85 9.61
N PRO A 134 -25.65 -13.03 8.32
CA PRO A 134 -25.31 -12.97 6.91
C PRO A 134 -24.29 -11.81 6.36
N GLU A 135 -23.83 -11.42 5.24
CA GLU A 135 -23.41 -10.00 5.02
C GLU A 135 -23.98 -9.48 3.72
N LEU A 136 -23.83 -8.20 3.37
CA LEU A 136 -24.73 -7.30 2.65
C LEU A 136 -23.84 -6.91 1.51
N CYS A 137 -23.13 -7.60 0.43
CA CYS A 137 -21.84 -7.01 -0.02
C CYS A 137 -22.32 -6.78 -1.43
N ASP A 138 -21.57 -6.35 -2.49
CA ASP A 138 -21.20 -5.01 -2.40
C ASP A 138 -19.92 -4.64 -3.11
N MET A 139 -20.13 -4.18 -4.35
CA MET A 139 -21.46 -4.64 -4.63
C MET A 139 -21.42 -6.01 -5.31
N PHE A 140 -21.89 -6.21 -6.60
CA PHE A 140 -21.13 -7.44 -6.94
C PHE A 140 -19.66 -7.15 -7.18
N VAL A 141 -19.39 -5.94 -7.42
CA VAL A 141 -18.33 -5.69 -8.36
C VAL A 141 -16.98 -6.16 -7.88
N HIS A 142 -16.68 -6.04 -6.56
CA HIS A 142 -15.32 -6.10 -6.02
C HIS A 142 -14.64 -7.42 -6.30
N LEU A 143 -15.36 -8.55 -6.07
CA LEU A 143 -14.83 -9.88 -6.24
C LEU A 143 -15.33 -10.46 -7.52
N SER A 144 -16.17 -9.71 -8.27
CA SER A 144 -16.71 -10.08 -9.55
C SER A 144 -15.96 -9.32 -10.62
N ALA A 145 -14.62 -9.40 -10.65
CA ALA A 145 -13.95 -10.67 -10.76
C ALA A 145 -12.82 -10.39 -11.71
N SER A 146 -11.77 -11.21 -11.49
CA SER A 146 -10.73 -11.45 -12.48
C SER A 146 -11.16 -12.63 -13.37
N GLU A 147 -11.59 -13.83 -12.65
CA GLU A 147 -10.49 -14.81 -12.46
C GLU A 147 -11.04 -16.14 -12.86
N MET A 148 -11.48 -17.37 -12.16
CA MET A 148 -12.42 -18.49 -12.39
C MET A 148 -13.56 -18.45 -11.42
N PHE A 149 -14.78 -18.22 -11.94
CA PHE A 149 -15.98 -18.09 -11.15
C PHE A 149 -16.94 -19.00 -11.86
N PHE A 150 -17.85 -19.63 -11.08
CA PHE A 150 -18.84 -20.56 -11.56
C PHE A 150 -20.20 -20.16 -10.98
N ILE A 151 -21.26 -20.55 -11.70
CA ILE A 151 -22.59 -20.66 -11.14
C ILE A 151 -23.13 -21.86 -11.85
N ASP A 152 -23.71 -22.82 -11.08
CA ASP A 152 -24.24 -24.10 -11.48
C ASP A 152 -25.75 -23.84 -11.74
N GLY A 153 -26.65 -24.02 -12.78
CA GLY A 153 -27.46 -23.49 -13.59
C GLY A 153 -28.83 -23.85 -13.11
N ASP A 154 -28.73 -25.20 -12.73
CA ASP A 154 -29.92 -25.37 -11.94
C ASP A 154 -30.34 -24.09 -11.25
N SER A 155 -29.45 -23.57 -10.37
CA SER A 155 -29.56 -22.27 -9.73
C SER A 155 -29.91 -21.13 -10.68
N LEU A 156 -29.29 -21.13 -11.89
CA LEU A 156 -29.52 -20.18 -12.96
C LEU A 156 -30.97 -20.19 -13.40
N PHE A 157 -31.52 -21.40 -13.69
CA PHE A 157 -32.90 -21.54 -14.13
C PHE A 157 -33.86 -21.01 -13.08
N MET A 158 -33.73 -21.50 -11.81
CA MET A 158 -34.56 -21.06 -10.70
C MET A 158 -34.43 -19.60 -10.35
N ALA A 159 -33.39 -18.89 -10.86
CA ALA A 159 -33.20 -17.47 -10.66
C ALA A 159 -34.11 -16.70 -11.58
N ALA A 160 -34.40 -17.27 -12.77
CA ALA A 160 -35.29 -16.70 -13.74
C ALA A 160 -36.72 -16.94 -13.36
N LEU A 161 -37.00 -18.14 -12.78
CA LEU A 161 -38.33 -18.55 -12.38
C LEU A 161 -38.64 -18.07 -10.98
N SER A 162 -37.66 -17.45 -10.28
CA SER A 162 -37.78 -16.91 -8.95
C SER A 162 -38.95 -15.98 -8.63
N PRO A 163 -39.42 -15.00 -9.38
CA PRO A 163 -40.09 -13.88 -8.72
C PRO A 163 -41.57 -14.06 -8.58
N GLN A 164 -42.04 -14.23 -7.31
CA GLN A 164 -42.87 -13.24 -6.69
C GLN A 164 -41.97 -12.52 -5.72
N SER A 165 -42.40 -11.31 -5.29
CA SER A 165 -41.58 -10.13 -5.15
C SER A 165 -41.62 -9.45 -6.49
N VAL A 166 -42.87 -9.07 -6.89
CA VAL A 166 -43.32 -8.72 -8.23
C VAL A 166 -43.59 -10.01 -8.96
N ASP A 167 -44.89 -10.34 -9.13
CA ASP A 167 -45.38 -11.32 -10.07
C ASP A 167 -44.94 -10.96 -11.46
N TRP A 168 -44.58 -12.00 -12.25
CA TRP A 168 -43.72 -11.92 -13.41
C TRP A 168 -44.39 -11.08 -14.50
N ASP A 169 -43.61 -10.14 -15.10
CA ASP A 169 -44.12 -9.14 -16.02
C ASP A 169 -43.86 -9.59 -17.42
N LEU A 170 -44.57 -8.92 -18.38
CA LEU A 170 -44.58 -9.16 -19.81
C LEU A 170 -45.37 -10.39 -20.11
N ILE A 171 -46.47 -10.22 -20.88
CA ILE A 171 -47.30 -11.31 -21.31
C ILE A 171 -46.55 -11.98 -22.44
N GLN A 172 -46.17 -13.26 -22.21
CA GLN A 172 -45.47 -14.07 -23.17
C GLN A 172 -46.05 -15.45 -22.99
N PRO A 173 -46.07 -16.33 -23.99
CA PRO A 173 -46.66 -17.65 -23.83
C PRO A 173 -45.52 -18.62 -23.69
N LEU A 174 -44.80 -18.54 -22.54
CA LEU A 174 -43.81 -19.49 -22.09
C LEU A 174 -42.62 -19.48 -23.00
N HIS A 175 -42.18 -18.26 -23.39
CA HIS A 175 -40.84 -18.03 -23.87
C HIS A 175 -40.30 -17.02 -22.91
N VAL A 176 -39.32 -17.47 -22.09
CA VAL A 176 -38.99 -16.81 -20.85
C VAL A 176 -37.50 -16.65 -20.84
N ILE A 177 -36.76 -17.61 -21.48
CA ILE A 177 -35.33 -17.78 -21.50
C ILE A 177 -34.47 -16.58 -21.91
N TYR A 178 -35.09 -15.46 -22.36
CA TYR A 178 -34.55 -14.12 -22.40
C TYR A 178 -33.80 -13.73 -21.13
N ASN A 179 -34.30 -14.15 -19.94
CA ASN A 179 -33.70 -14.00 -18.64
C ASN A 179 -32.23 -14.32 -18.63
N ALA A 180 -31.87 -15.56 -19.02
CA ALA A 180 -30.50 -16.04 -19.12
C ALA A 180 -29.61 -15.11 -19.92
N GLN A 181 -30.01 -14.78 -21.19
CA GLN A 181 -29.38 -13.80 -22.06
C GLN A 181 -29.12 -12.46 -21.41
N LYS A 182 -30.09 -11.94 -20.61
CA LYS A 182 -30.04 -10.62 -20.00
C LYS A 182 -28.94 -10.52 -18.98
N LEU A 183 -28.78 -11.58 -18.15
CA LEU A 183 -27.88 -11.61 -17.02
C LEU A 183 -26.47 -11.75 -17.52
N LEU A 184 -26.25 -12.72 -18.45
CA LEU A 184 -25.06 -12.88 -19.24
C LEU A 184 -24.54 -11.59 -19.83
N TYR A 185 -25.47 -10.77 -20.36
CA TYR A 185 -25.20 -9.53 -21.04
C TYR A 185 -25.08 -8.39 -20.05
N ASP A 186 -25.13 -8.67 -18.73
CA ASP A 186 -24.96 -7.66 -17.73
C ASP A 186 -23.57 -7.80 -17.22
N MET A 187 -23.19 -9.00 -16.71
CA MET A 187 -21.95 -9.11 -15.97
C MET A 187 -20.78 -9.55 -16.81
N HIS A 188 -20.92 -9.79 -18.13
CA HIS A 188 -19.76 -9.83 -19.00
C HIS A 188 -19.47 -8.52 -19.69
N CYS A 189 -20.30 -7.48 -19.47
CA CYS A 189 -20.46 -6.41 -20.44
C CYS A 189 -19.87 -5.10 -19.96
N ARG A 190 -18.90 -5.12 -19.02
CA ARG A 190 -18.80 -4.17 -17.92
C ARG A 190 -18.47 -4.91 -16.67
N GLY A 191 -18.37 -6.24 -16.73
CA GLY A 191 -17.51 -6.93 -15.80
C GLY A 191 -16.66 -7.86 -16.59
N ALA A 192 -15.62 -8.41 -15.93
CA ALA A 192 -15.08 -9.70 -16.27
C ALA A 192 -15.89 -10.65 -15.46
N ARG A 193 -15.73 -11.95 -15.70
CA ARG A 193 -15.69 -13.00 -14.73
C ARG A 193 -14.52 -13.87 -15.11
N PHE A 194 -14.53 -14.79 -16.01
CA PHE A 194 -14.26 -16.05 -16.69
C PHE A 194 -14.99 -17.27 -16.15
N HIS A 195 -15.86 -17.28 -16.80
CA HIS A 195 -17.05 -17.93 -16.31
C HIS A 195 -17.30 -19.23 -17.00
N VAL A 196 -17.72 -19.98 -16.28
CA VAL A 196 -18.04 -21.39 -16.38
C VAL A 196 -19.46 -21.57 -15.89
N VAL A 197 -20.32 -22.20 -16.73
CA VAL A 197 -21.59 -22.78 -15.92
C VAL A 197 -21.82 -24.26 -16.08
N PHE A 198 -22.24 -24.93 -14.97
CA PHE A 198 -22.06 -26.36 -14.82
C PHE A 198 -23.44 -26.47 -15.18
N PHE A 199 -24.09 -27.35 -15.47
CA PHE A 199 -25.61 -27.58 -15.14
C PHE A 199 -25.45 -28.94 -14.51
N ASP A 200 -25.64 -29.27 -13.13
CA ASP A 200 -25.17 -30.12 -12.01
C ASP A 200 -26.35 -30.90 -11.47
N SER A 201 -27.02 -31.68 -12.34
CA SER A 201 -28.44 -31.85 -12.37
C SER A 201 -28.74 -33.20 -12.96
N LEU A 202 -29.41 -34.07 -12.17
CA LEU A 202 -30.84 -33.99 -11.97
C LEU A 202 -30.99 -34.29 -10.51
N LEU A 203 -30.47 -33.37 -9.67
CA LEU A 203 -31.23 -32.51 -8.79
C LEU A 203 -32.73 -32.70 -8.87
N TRP A 204 -33.37 -32.23 -9.98
CA TRP A 204 -34.80 -32.02 -10.07
C TRP A 204 -35.49 -33.35 -9.87
N ILE A 205 -36.62 -33.47 -9.12
CA ILE A 205 -37.40 -32.54 -8.34
C ILE A 205 -37.93 -31.37 -9.12
N TRP A 206 -38.61 -31.73 -10.23
CA TRP A 206 -39.83 -31.11 -10.65
C TRP A 206 -40.56 -32.28 -11.28
N GLU A 207 -41.91 -32.31 -11.32
CA GLU A 207 -42.87 -31.36 -10.83
C GLU A 207 -42.88 -31.21 -9.33
N SER A 208 -43.02 -29.95 -8.88
CA SER A 208 -43.86 -29.61 -7.77
C SER A 208 -45.03 -28.87 -8.35
N ALA A 209 -44.86 -28.41 -9.61
CA ALA A 209 -45.88 -27.85 -10.46
C ALA A 209 -45.39 -28.26 -11.82
N PRO A 210 -46.24 -28.68 -12.78
CA PRO A 210 -45.89 -29.02 -14.16
C PRO A 210 -44.71 -28.30 -14.77
N ALA A 211 -43.72 -29.06 -15.26
CA ALA A 211 -42.52 -28.51 -15.82
C ALA A 211 -42.04 -29.55 -16.79
N LYS A 212 -41.33 -29.15 -17.87
CA LYS A 212 -40.06 -28.48 -17.81
C LYS A 212 -39.85 -28.05 -19.24
N LEU A 213 -40.34 -26.84 -19.61
CA LEU A 213 -39.72 -25.55 -19.40
C LEU A 213 -38.22 -25.57 -19.09
N PHE A 214 -36.36 -28.03 -19.51
CA PHE A 214 -35.06 -27.77 -18.88
C PHE A 214 -34.11 -27.65 -20.02
N MET A 215 -33.89 -28.80 -20.71
CA MET A 215 -33.00 -29.07 -21.82
C MET A 215 -33.05 -28.09 -22.97
N ARG A 216 -34.11 -27.25 -23.05
CA ARG A 216 -34.30 -26.13 -23.94
C ARG A 216 -33.09 -25.23 -23.89
N GLU A 217 -32.72 -24.79 -22.66
CA GLU A 217 -31.68 -23.85 -22.38
C GLU A 217 -30.33 -24.53 -22.44
N ASN A 218 -30.21 -25.78 -21.92
CA ASN A 218 -29.02 -26.61 -22.00
C ASN A 218 -28.46 -26.66 -23.41
N LEU A 219 -29.19 -27.33 -24.32
CA LEU A 219 -28.88 -27.50 -25.73
C LEU A 219 -28.69 -26.19 -26.43
N ARG A 220 -29.44 -25.14 -26.04
CA ARG A 220 -29.36 -23.78 -26.55
C ARG A 220 -27.96 -23.26 -26.41
N LYS A 221 -27.49 -23.03 -25.15
CA LYS A 221 -26.21 -22.44 -24.87
C LYS A 221 -25.04 -23.28 -25.35
N THR A 222 -25.16 -24.64 -25.34
CA THR A 222 -24.21 -25.56 -25.94
C THR A 222 -23.89 -25.19 -27.38
N LEU A 223 -24.93 -24.97 -28.22
CA LEU A 223 -24.88 -24.71 -29.64
C LEU A 223 -24.30 -23.35 -29.91
N MET A 224 -24.68 -22.37 -29.07
CA MET A 224 -24.28 -20.98 -29.07
C MET A 224 -22.77 -20.91 -29.06
N SER A 225 -22.13 -21.31 -27.94
CA SER A 225 -20.72 -21.17 -27.71
C SER A 225 -19.91 -22.05 -28.65
N LEU A 226 -20.43 -23.25 -29.03
CA LEU A 226 -19.69 -24.22 -29.80
C LEU A 226 -19.98 -24.12 -31.29
N SER A 227 -20.73 -23.08 -31.73
CA SER A 227 -20.58 -22.42 -33.03
C SER A 227 -19.13 -22.04 -33.24
N GLU A 228 -18.66 -21.12 -32.36
CA GLU A 228 -17.32 -20.99 -31.84
C GLU A 228 -17.22 -19.56 -31.39
N ASN A 229 -17.85 -18.63 -32.12
CA ASN A 229 -18.05 -17.25 -31.71
C ASN A 229 -19.17 -16.73 -32.57
N ASP A 230 -19.80 -15.63 -32.13
CA ASP A 230 -20.95 -15.03 -32.77
C ASP A 230 -21.17 -13.68 -32.11
N ALA A 231 -20.36 -13.36 -31.07
CA ALA A 231 -20.41 -12.12 -30.33
C ALA A 231 -21.73 -11.87 -29.64
N LYS A 232 -22.26 -12.91 -28.94
CA LYS A 232 -23.38 -12.78 -28.05
C LYS A 232 -23.48 -14.06 -27.26
N VAL A 233 -22.58 -15.02 -27.56
CA VAL A 233 -22.77 -16.42 -27.23
C VAL A 233 -21.82 -16.93 -26.19
N GLY A 234 -20.88 -16.09 -25.68
CA GLY A 234 -19.76 -16.55 -24.89
C GLY A 234 -19.27 -16.14 -23.54
N LEU A 235 -19.50 -17.16 -22.98
CA LEU A 235 -19.34 -17.69 -21.65
C LEU A 235 -18.67 -19.01 -21.91
N SER A 236 -18.89 -20.06 -21.09
CA SER A 236 -18.96 -21.30 -21.81
C SER A 236 -19.32 -22.31 -20.77
N ILE A 237 -19.72 -23.47 -20.92
CA ILE A 237 -20.57 -24.43 -20.28
C ILE A 237 -19.79 -25.78 -20.27
N SER A 238 -19.77 -26.66 -19.35
CA SER A 238 -19.72 -28.09 -19.30
C SER A 238 -20.67 -28.93 -18.39
N ASN A 239 -20.83 -30.18 -18.89
CA ASN A 239 -21.81 -31.21 -19.12
C ASN A 239 -22.30 -31.63 -17.90
N PHE A 240 -21.80 -31.55 -16.56
CA PHE A 240 -21.55 -32.72 -15.75
C PHE A 240 -22.07 -32.39 -14.37
N SER A 241 -22.87 -33.26 -13.59
CA SER A 241 -22.94 -34.71 -13.50
C SER A 241 -21.73 -35.33 -12.85
N SER A 242 -21.88 -35.95 -11.65
CA SER A 242 -22.76 -37.06 -11.51
C SER A 242 -23.63 -36.81 -10.31
N TYR A 243 -24.88 -36.35 -10.58
CA TYR A 243 -25.44 -35.11 -10.08
C TYR A 243 -24.42 -34.03 -9.73
N TYR A 244 -24.59 -33.37 -8.56
CA TYR A 244 -23.58 -33.30 -7.51
C TYR A 244 -23.13 -34.63 -6.94
N SER A 245 -21.87 -34.59 -6.45
CA SER A 245 -20.94 -35.64 -6.17
C SER A 245 -19.63 -35.09 -6.63
N GLU A 246 -18.59 -35.33 -5.81
CA GLU A 246 -17.25 -34.85 -6.02
C GLU A 246 -16.48 -36.15 -6.01
N ALA A 247 -15.40 -36.18 -6.82
CA ALA A 247 -14.71 -37.33 -7.36
C ALA A 247 -14.89 -37.25 -8.84
N PHE A 248 -15.26 -36.06 -9.33
CA PHE A 248 -15.55 -35.79 -10.71
C PHE A 248 -15.12 -34.35 -10.81
N GLU A 249 -15.85 -33.48 -10.09
CA GLU A 249 -15.70 -32.05 -10.08
C GLU A 249 -14.46 -31.60 -9.33
N THR A 250 -13.74 -32.56 -8.70
CA THR A 250 -12.52 -32.33 -7.96
C THR A 250 -11.42 -31.92 -8.89
N TYR A 251 -11.18 -32.74 -9.94
CA TYR A 251 -10.11 -32.61 -10.91
C TYR A 251 -10.11 -31.28 -11.63
N VAL A 252 -11.31 -30.67 -11.78
CA VAL A 252 -11.57 -29.40 -12.39
C VAL A 252 -11.32 -28.32 -11.36
N LYS A 253 -12.06 -28.36 -10.22
CA LYS A 253 -12.08 -27.40 -9.13
C LYS A 253 -10.72 -27.00 -8.64
N GLN A 254 -9.80 -27.99 -8.50
CA GLN A 254 -8.42 -27.79 -8.15
C GLN A 254 -7.72 -26.88 -9.13
N TRP A 255 -7.55 -27.39 -10.37
CA TRP A 255 -6.73 -26.86 -11.43
C TRP A 255 -6.94 -25.40 -11.80
N GLU A 256 -8.20 -24.90 -11.79
CA GLU A 256 -8.51 -23.53 -12.17
C GLU A 256 -9.03 -22.67 -11.05
N PRO A 257 -8.46 -22.45 -9.73
CA PRO A 257 -8.89 -21.73 -8.51
C PRO A 257 -9.77 -20.49 -8.64
N GLU A 258 -10.92 -20.46 -7.94
CA GLU A 258 -12.15 -19.91 -8.44
C GLU A 258 -12.74 -19.15 -7.29
N PHE A 259 -14.06 -18.69 -7.09
CA PHE A 259 -15.15 -18.75 -6.26
C PHE A 259 -16.86 -18.54 -6.82
N ILE A 260 -17.93 -18.98 -5.75
CA ILE A 260 -18.94 -19.89 -6.22
C ILE A 260 -20.35 -19.38 -6.01
N LEU A 261 -21.31 -19.78 -6.83
CA LEU A 261 -22.52 -19.02 -6.74
C LEU A 261 -23.60 -20.01 -7.05
N MET A 262 -24.71 -20.17 -6.32
CA MET A 262 -25.38 -21.37 -5.89
C MET A 262 -26.69 -20.97 -5.27
N SER A 263 -27.85 -21.56 -4.74
CA SER A 263 -29.13 -21.04 -4.29
C SER A 263 -29.60 -22.02 -3.26
N ASP A 264 -29.25 -21.88 -2.04
CA ASP A 264 -30.09 -22.66 -1.16
C ASP A 264 -31.27 -21.78 -0.85
N GLY A 265 -32.51 -22.21 -1.21
CA GLY A 265 -33.57 -22.16 -0.45
C GLY A 265 -34.29 -20.85 -0.54
N GLU A 266 -35.64 -20.92 -0.66
CA GLU A 266 -36.49 -19.83 -0.25
C GLU A 266 -37.26 -20.23 0.99
N GLN A 267 -38.41 -20.96 1.04
CA GLN A 267 -39.41 -21.47 0.12
C GLN A 267 -38.92 -22.27 -1.06
N LEU A 268 -39.82 -22.45 -2.07
CA LEU A 268 -40.47 -23.72 -2.39
C LEU A 268 -39.72 -24.93 -1.91
N GLY A 269 -40.25 -25.55 -0.82
CA GLY A 269 -39.43 -26.21 0.18
C GLY A 269 -38.67 -27.40 -0.34
N ARG A 270 -39.35 -28.48 -0.81
CA ARG A 270 -40.57 -28.99 -0.23
C ARG A 270 -40.23 -29.46 1.17
N LEU A 271 -39.11 -30.20 1.29
CA LEU A 271 -38.35 -30.28 2.51
C LEU A 271 -37.00 -30.79 2.07
N ASN A 272 -36.82 -32.12 2.11
CA ASN A 272 -35.59 -32.84 1.86
C ASN A 272 -35.02 -32.69 0.46
N PRO A 273 -35.72 -32.59 -0.67
CA PRO A 273 -35.08 -32.60 -1.98
C PRO A 273 -34.18 -31.40 -2.19
N LEU A 274 -34.64 -30.20 -1.80
CA LEU A 274 -33.93 -28.97 -2.07
C LEU A 274 -32.88 -28.78 -1.00
N GLN A 275 -33.26 -28.42 0.25
CA GLN A 275 -32.36 -28.00 1.30
C GLN A 275 -31.20 -28.93 1.55
N ALA A 276 -31.47 -30.25 1.71
CA ALA A 276 -30.49 -31.30 1.92
C ALA A 276 -29.31 -31.17 0.99
N PHE A 277 -29.59 -31.36 -0.32
CA PHE A 277 -28.64 -31.79 -1.29
C PHE A 277 -27.94 -30.58 -1.89
N PHE A 278 -28.45 -29.34 -1.66
CA PHE A 278 -27.72 -28.10 -1.91
C PHE A 278 -26.78 -27.72 -0.80
N VAL A 279 -27.22 -27.83 0.48
CA VAL A 279 -26.45 -27.47 1.66
C VAL A 279 -25.16 -28.25 1.72
N ARG A 280 -25.22 -29.56 1.46
CA ARG A 280 -24.11 -30.48 1.66
C ARG A 280 -22.93 -30.17 0.74
N PRO A 281 -23.06 -29.72 -0.51
CA PRO A 281 -21.97 -29.16 -1.29
C PRO A 281 -21.21 -28.07 -0.56
N SER A 282 -21.91 -27.09 0.08
CA SER A 282 -21.34 -25.98 0.81
C SER A 282 -20.31 -26.43 1.81
N ALA A 283 -20.67 -27.47 2.61
CA ALA A 283 -19.80 -28.14 3.56
C ALA A 283 -18.57 -28.73 2.92
N ALA A 284 -18.75 -29.51 1.83
CA ALA A 284 -17.72 -30.16 1.04
C ALA A 284 -16.63 -29.21 0.65
N ASN A 285 -17.06 -28.08 0.03
CA ASN A 285 -16.24 -26.97 -0.44
C ASN A 285 -15.32 -26.47 0.64
N ASN A 286 -15.90 -26.18 1.83
CA ASN A 286 -15.25 -25.61 2.99
C ASN A 286 -14.26 -26.53 3.65
N THR A 287 -14.20 -27.83 3.26
CA THR A 287 -13.37 -28.81 3.93
C THR A 287 -12.48 -29.42 2.87
N HIS A 288 -12.57 -28.87 1.64
CA HIS A 288 -11.51 -28.89 0.66
C HIS A 288 -10.70 -27.63 0.86
N ASP A 289 -11.03 -26.54 0.13
CA ASP A 289 -10.02 -25.69 -0.45
C ASP A 289 -9.52 -24.61 0.48
N SER A 290 -10.34 -23.67 1.03
CA SER A 290 -11.77 -23.62 1.22
C SER A 290 -12.32 -22.53 0.36
N ARG A 291 -13.53 -22.73 -0.22
CA ARG A 291 -14.14 -21.76 -1.11
C ARG A 291 -15.42 -21.30 -0.50
N ARG A 292 -15.85 -20.53 -1.04
CA ARG A 292 -16.87 -19.93 -0.47
C ARG A 292 -18.02 -19.64 -1.49
N LYS A 293 -19.43 -19.39 -1.12
CA LYS A 293 -20.68 -19.65 -1.65
C LYS A 293 -21.33 -18.27 -1.61
N ALA A 294 -22.32 -17.86 -2.55
CA ALA A 294 -23.11 -16.79 -2.75
C ALA A 294 -24.44 -17.20 -3.33
N ASN A 295 -25.28 -16.45 -2.90
CA ASN A 295 -26.33 -15.93 -3.72
C ASN A 295 -27.84 -16.08 -3.58
N TYR A 296 -28.50 -16.66 -4.68
CA TYR A 296 -29.65 -16.42 -4.91
C TYR A 296 -30.95 -15.74 -4.67
N THR A 297 -30.44 -14.34 -4.59
CA THR A 297 -31.10 -13.34 -3.68
C THR A 297 -31.72 -12.35 -4.61
N ASP A 298 -30.97 -11.28 -4.96
CA ASP A 298 -31.37 -10.27 -5.88
C ASP A 298 -30.08 -9.62 -6.29
N ALA A 299 -29.35 -10.31 -7.19
CA ALA A 299 -28.05 -9.92 -7.66
C ALA A 299 -28.19 -8.98 -8.82
N ASP A 300 -27.04 -8.44 -9.31
CA ASP A 300 -26.79 -7.26 -10.12
C ASP A 300 -27.15 -5.97 -9.39
N GLU A 301 -26.47 -5.61 -8.28
CA GLU A 301 -25.41 -6.58 -8.17
C GLU A 301 -25.15 -6.83 -6.68
N ALA A 302 -25.59 -7.49 -5.81
CA ALA A 302 -25.20 -7.73 -4.41
C ALA A 302 -26.10 -8.30 -3.36
N ASN A 303 -25.29 -9.10 -2.74
CA ASN A 303 -25.72 -10.37 -2.22
C ASN A 303 -24.72 -10.61 -1.07
N PRO A 304 -25.37 -11.90 -0.49
CA PRO A 304 -24.91 -12.78 0.59
C PRO A 304 -24.03 -13.59 0.62
N TYR A 305 -23.23 -13.60 1.44
CA TYR A 305 -22.99 -14.78 2.02
C TYR A 305 -22.15 -14.73 2.87
N ARG A 306 -21.01 -15.66 2.92
CA ARG A 306 -20.52 -16.77 4.14
C ARG A 306 -19.48 -17.52 3.36
N LEU A 307 -18.24 -17.62 3.93
CA LEU A 307 -16.99 -16.91 4.14
C LEU A 307 -15.96 -17.73 4.39
N ARG A 308 -15.55 -17.30 5.55
CA ARG A 308 -14.35 -17.38 6.36
C ARG A 308 -14.85 -17.65 7.76
N ARG A 309 -15.91 -18.41 7.99
CA ARG A 309 -16.04 -19.10 9.26
C ARG A 309 -15.72 -20.57 9.29
N GLN A 310 -15.00 -20.98 10.38
CA GLN A 310 -14.44 -22.30 10.58
C GLN A 310 -15.53 -23.33 10.62
N TYR A 311 -15.15 -24.52 10.13
CA TYR A 311 -16.02 -25.54 9.64
C TYR A 311 -16.01 -26.71 10.58
N ARG A 312 -17.05 -27.56 10.43
CA ARG A 312 -17.10 -28.87 11.02
C ARG A 312 -16.58 -29.80 9.95
N SER A 313 -15.55 -30.60 10.29
CA SER A 313 -14.94 -31.53 9.40
C SER A 313 -15.00 -32.86 10.10
N ILE A 314 -15.55 -33.95 9.49
CA ILE A 314 -15.86 -34.13 8.09
C ILE A 314 -17.35 -33.90 7.96
N VAL A 315 -18.16 -34.96 8.18
CA VAL A 315 -19.61 -34.94 8.22
C VAL A 315 -20.15 -34.91 6.80
N GLU A 316 -20.82 -36.00 6.36
CA GLU A 316 -21.24 -36.17 4.99
C GLU A 316 -22.36 -37.17 4.98
N ASP A 317 -23.11 -37.20 3.86
CA ASP A 317 -23.99 -38.30 3.48
C ASP A 317 -24.76 -37.76 2.32
N GLU A 318 -24.59 -38.35 1.11
CA GLU A 318 -25.58 -38.31 0.06
C GLU A 318 -26.49 -39.48 0.29
N ALA A 319 -27.82 -39.24 0.35
CA ALA A 319 -28.77 -40.33 0.28
C ALA A 319 -30.15 -39.80 -0.05
N VAL A 320 -30.30 -38.51 -0.42
CA VAL A 320 -31.48 -38.02 -1.09
C VAL A 320 -31.19 -38.03 -2.58
N GLY A 321 -31.62 -36.98 -3.33
CA GLY A 321 -31.20 -36.73 -4.69
C GLY A 321 -32.07 -37.45 -5.69
N ASP A 322 -33.13 -38.15 -5.21
CA ASP A 322 -33.19 -39.59 -5.33
C ASP A 322 -34.07 -39.92 -6.52
N LYS A 323 -33.67 -40.96 -7.30
CA LYS A 323 -34.47 -41.52 -8.36
C LYS A 323 -35.65 -42.27 -7.72
N SER A 668 -27.86 30.10 13.39
CA SER A 668 -28.20 30.49 14.78
C SER A 668 -27.32 29.78 15.77
N ASP A 669 -26.82 28.56 15.44
CA ASP A 669 -25.86 27.84 16.24
C ASP A 669 -24.48 28.04 15.68
N ASP A 670 -24.35 28.91 14.65
CA ASP A 670 -23.08 29.45 14.23
C ASP A 670 -22.92 30.82 14.85
N ASP A 671 -23.95 31.31 15.58
CA ASP A 671 -24.07 32.69 15.98
C ASP A 671 -24.02 32.72 17.47
N ALA A 672 -25.17 32.39 18.12
CA ALA A 672 -25.53 32.73 19.49
C ALA A 672 -24.61 32.25 20.58
N GLY A 673 -23.78 31.22 20.29
CA GLY A 673 -22.71 30.75 21.16
C GLY A 673 -21.57 31.72 21.32
N GLY A 674 -21.55 32.79 20.50
CA GLY A 674 -20.56 33.83 20.53
C GLY A 674 -20.97 34.99 21.41
N ASN A 675 -21.96 34.81 22.32
CA ASN A 675 -22.56 35.91 23.04
C ASN A 675 -22.71 35.56 24.49
N SER A 676 -23.50 34.51 24.79
CA SER A 676 -23.98 34.22 26.13
C SER A 676 -22.90 33.86 27.11
N ALA A 677 -21.92 33.02 26.70
CA ALA A 677 -20.97 32.40 27.59
C ALA A 677 -19.61 32.96 27.35
N ASN A 678 -19.54 34.17 26.77
CA ASN A 678 -18.32 34.75 26.27
C ASN A 678 -17.83 35.83 27.18
N ASN A 679 -18.26 35.80 28.46
CA ASN A 679 -17.82 36.72 29.49
C ASN A 679 -16.35 36.55 29.77
N LYS A 680 -15.89 35.28 29.80
CA LYS A 680 -14.50 34.92 29.91
C LYS A 680 -14.50 33.44 29.72
N THR A 681 -14.09 32.98 28.51
CA THR A 681 -13.88 31.58 28.25
C THR A 681 -12.83 31.54 27.17
N ALA A 682 -11.55 31.19 27.49
CA ALA A 682 -10.86 31.66 28.66
C ALA A 682 -9.48 32.06 28.20
N GLY A 683 -9.24 33.32 27.76
CA GLY A 683 -10.22 34.22 27.18
C GLY A 683 -10.52 33.82 25.76
N ALA A 684 -9.64 32.99 25.16
CA ALA A 684 -9.95 32.23 23.99
C ALA A 684 -8.99 31.09 24.02
N LYS A 685 -9.37 29.95 23.41
CA LYS A 685 -8.55 28.79 23.32
C LYS A 685 -8.60 28.42 21.88
N LYS A 686 -7.41 28.36 21.26
CA LYS A 686 -7.16 28.87 19.92
C LYS A 686 -5.68 29.12 19.93
N VAL A 687 -5.18 29.48 21.14
CA VAL A 687 -3.80 29.63 21.51
C VAL A 687 -3.26 28.23 21.77
N ASN A 688 -4.17 27.27 22.07
CA ASN A 688 -3.87 25.88 22.23
C ASN A 688 -4.08 25.14 20.94
N LYS A 689 -4.42 25.86 19.84
CA LYS A 689 -4.57 25.23 18.55
C LYS A 689 -3.28 25.45 17.84
N GLU A 690 -2.95 26.72 17.54
CA GLU A 690 -1.83 27.17 16.76
C GLU A 690 -0.51 26.62 17.25
N HIS A 691 -0.30 26.67 18.58
CA HIS A 691 0.85 26.13 19.27
C HIS A 691 1.13 24.67 18.97
N ALA A 692 0.07 23.84 18.91
CA ALA A 692 0.13 22.40 18.73
C ALA A 692 0.69 22.09 17.38
N GLY A 693 0.16 22.76 16.34
CA GLY A 693 0.47 22.54 14.96
C GLY A 693 1.82 23.11 14.62
N GLN A 694 2.37 24.02 15.46
CA GLN A 694 3.59 24.74 15.16
C GLN A 694 4.76 24.07 15.85
N ARG A 695 4.48 23.07 16.72
CA ARG A 695 5.48 22.16 17.25
C ARG A 695 5.45 20.88 16.50
N ASN A 696 4.58 20.78 15.47
CA ASN A 696 4.21 19.50 14.92
C ASN A 696 5.28 19.08 13.94
N LYS A 697 5.31 17.75 13.68
CA LYS A 697 6.35 16.92 13.10
C LYS A 697 7.32 17.56 12.14
N LYS A 698 8.61 17.14 12.22
CA LYS A 698 9.66 17.64 11.38
C LYS A 698 10.14 16.48 10.57
N GLU A 699 10.37 16.70 9.26
CA GLU A 699 10.91 15.70 8.40
C GLU A 699 11.84 16.34 7.38
N ARG A 700 11.36 17.26 6.51
CA ARG A 700 12.02 17.52 5.23
C ARG A 700 12.32 18.99 5.06
N SER A 701 12.98 19.33 3.91
CA SER A 701 13.70 20.55 3.65
C SER A 701 12.78 21.62 3.06
N LYS A 702 13.28 22.40 2.06
CA LYS A 702 12.86 23.76 1.86
C LYS A 702 13.13 24.15 0.43
N GLU A 703 12.34 25.11 -0.12
CA GLU A 703 12.81 26.03 -1.14
C GLU A 703 12.18 27.37 -0.82
N ASP A 704 12.65 28.45 -1.50
CA ASP A 704 12.63 29.83 -1.03
C ASP A 704 11.28 30.35 -0.66
N GLU A 705 11.16 30.99 0.52
CA GLU A 705 10.00 31.78 0.86
C GLU A 705 10.48 32.83 1.80
N ILE A 706 10.01 34.07 1.61
CA ILE A 706 10.14 35.16 2.55
C ILE A 706 8.81 35.85 2.45
N ARG A 707 8.52 36.78 3.39
CA ARG A 707 7.37 37.64 3.30
C ARG A 707 7.42 38.53 2.07
N GLU A 708 6.27 38.68 1.38
CA GLU A 708 6.15 39.51 0.21
C GLU A 708 4.86 40.26 0.37
N ARG A 709 4.69 41.33 -0.43
CA ARG A 709 3.64 42.30 -0.20
C ARG A 709 3.16 42.89 -1.50
N SER A 710 3.99 42.82 -2.56
CA SER A 710 3.86 43.69 -3.71
C SER A 710 3.10 43.01 -4.81
N ASN A 711 2.69 43.83 -5.81
CA ASN A 711 2.10 43.40 -7.05
C ASN A 711 3.09 43.92 -8.07
N VAL A 712 3.57 43.02 -8.96
CA VAL A 712 4.78 43.24 -9.72
C VAL A 712 4.39 43.35 -11.16
N ILE A 713 4.88 44.43 -11.83
CA ILE A 713 4.99 44.54 -13.27
C ILE A 713 6.37 45.07 -13.52
N ALA A 714 6.85 44.97 -14.78
CA ALA A 714 8.25 45.16 -15.11
C ALA A 714 8.36 46.34 -16.02
N ALA A 715 9.30 47.25 -15.67
CA ALA A 715 9.66 48.43 -16.42
C ALA A 715 10.54 49.20 -15.48
N THR A 716 11.67 49.72 -16.01
CA THR A 716 12.63 50.50 -15.26
C THR A 716 12.98 51.65 -16.18
N ALA A 717 13.50 52.75 -15.62
CA ALA A 717 13.84 53.95 -16.35
C ALA A 717 15.08 54.49 -15.71
N THR A 718 15.58 55.65 -16.23
CA THR A 718 16.74 56.36 -15.73
C THR A 718 16.50 56.76 -14.30
N VAL A 719 15.29 57.32 -14.05
CA VAL A 719 14.90 58.17 -12.93
C VAL A 719 16.06 58.92 -12.30
N ALA A 720 16.62 59.87 -13.07
CA ALA A 720 17.41 60.95 -12.56
C ALA A 720 16.75 62.16 -13.12
N GLU A 721 17.04 62.45 -14.41
CA GLU A 721 15.99 62.27 -15.39
C GLU A 721 16.62 62.39 -16.77
N TRP A 722 17.95 62.62 -16.85
CA TRP A 722 18.69 62.36 -18.06
C TRP A 722 20.15 62.29 -17.73
N HIS A 723 20.97 61.98 -18.75
CA HIS A 723 22.36 62.35 -18.79
C HIS A 723 22.58 63.00 -20.12
N LYS A 724 22.26 62.22 -21.19
CA LYS A 724 21.99 62.62 -22.56
C LYS A 724 23.24 62.92 -23.34
N GLN A 725 24.41 62.59 -22.77
CA GLN A 725 25.62 62.36 -23.50
C GLN A 725 26.49 61.64 -22.52
N MET A 726 27.58 61.02 -23.02
CA MET A 726 28.48 60.22 -22.23
C MET A 726 29.64 61.08 -21.77
N ASN A 727 29.74 62.32 -22.31
CA ASN A 727 30.83 63.21 -22.06
C ASN A 727 30.40 64.18 -20.98
N HIS A 728 29.18 63.96 -20.42
CA HIS A 728 28.64 64.70 -19.32
C HIS A 728 28.85 63.89 -18.07
N LEU A 729 29.51 62.72 -18.21
CA LEU A 729 29.66 61.76 -17.16
C LEU A 729 31.12 61.59 -16.94
N LEU A 730 31.86 61.46 -18.07
CA LEU A 730 33.26 61.14 -18.23
C LEU A 730 34.19 61.70 -17.17
N HIS A 731 34.92 60.87 -16.37
CA HIS A 731 34.77 59.45 -16.20
C HIS A 731 33.64 59.25 -15.23
N ALA A 732 32.88 58.15 -15.38
CA ALA A 732 31.58 58.01 -14.78
C ALA A 732 31.76 57.51 -13.38
N VAL A 733 31.74 56.18 -13.20
CA VAL A 733 31.65 55.56 -11.91
C VAL A 733 32.82 54.64 -11.84
N ASP A 734 33.15 54.16 -10.63
CA ASP A 734 34.38 53.48 -10.37
C ASP A 734 34.02 52.42 -9.36
N MET A 735 35.01 52.03 -8.52
CA MET A 735 35.04 50.78 -7.82
C MET A 735 33.98 50.71 -6.74
N SER A 736 33.82 51.81 -5.96
CA SER A 736 33.34 51.81 -4.60
C SER A 736 31.99 51.19 -4.39
N HIS A 737 31.88 50.43 -3.26
CA HIS A 737 31.07 49.25 -3.04
C HIS A 737 31.78 48.07 -3.66
N GLY A 738 33.03 48.31 -4.12
CA GLY A 738 34.00 47.39 -4.62
C GLY A 738 34.59 46.49 -3.61
N ARG A 739 34.29 46.72 -2.30
CA ARG A 739 34.66 45.85 -1.22
C ARG A 739 34.06 44.47 -1.37
N THR A 740 32.96 44.36 -2.17
CA THR A 740 32.34 43.14 -2.64
C THR A 740 33.24 42.38 -3.60
N THR A 741 34.35 43.00 -4.06
CA THR A 741 35.37 42.35 -4.84
C THR A 741 36.47 42.01 -3.88
N ASN A 742 37.02 43.04 -3.20
CA ASN A 742 38.24 43.03 -2.41
C ASN A 742 38.34 41.83 -1.52
N ARG A 743 37.48 41.78 -0.47
CA ARG A 743 37.38 40.70 0.47
C ARG A 743 37.01 39.39 -0.16
N ASP A 744 35.99 39.38 -1.04
CA ASP A 744 35.42 38.17 -1.58
C ASP A 744 36.38 37.33 -2.38
N ARG A 745 37.39 37.97 -3.03
CA ARG A 745 38.38 37.26 -3.80
C ARG A 745 39.58 36.94 -2.94
N ASP A 746 39.67 37.55 -1.74
CA ASP A 746 40.66 37.23 -0.75
C ASP A 746 40.26 35.91 -0.13
N GLU A 747 39.03 35.83 0.41
CA GLU A 747 38.37 34.66 0.95
C GLU A 747 38.38 33.46 0.04
N SER A 748 38.22 33.68 -1.29
CA SER A 748 38.24 32.67 -2.32
C SER A 748 39.54 31.91 -2.29
N ILE A 749 40.67 32.66 -2.25
CA ILE A 749 41.99 32.12 -2.30
C ILE A 749 42.32 31.53 -0.96
N ASN A 750 41.72 32.04 0.15
CA ASN A 750 41.94 31.49 1.48
C ASN A 750 41.31 30.14 1.66
N THR A 751 40.39 29.74 0.74
CA THR A 751 39.90 28.39 0.64
C THR A 751 40.98 27.46 0.18
N ILE A 752 41.67 27.78 -0.94
CA ILE A 752 42.68 26.95 -1.56
C ILE A 752 43.87 26.74 -0.63
N MET A 753 44.14 27.72 0.26
CA MET A 753 45.00 27.60 1.41
C MET A 753 44.63 26.46 2.31
N ALA A 754 43.38 26.49 2.86
CA ALA A 754 42.89 25.59 3.88
C ALA A 754 42.73 24.21 3.32
N ALA A 755 42.18 24.10 2.10
CA ALA A 755 41.90 22.89 1.37
C ALA A 755 43.14 22.05 1.15
N ILE A 756 44.25 22.68 0.70
CA ILE A 756 45.49 22.03 0.39
C ILE A 756 46.34 21.91 1.64
N LYS A 757 45.95 22.58 2.75
CA LYS A 757 46.58 22.38 4.03
C LYS A 757 46.03 21.14 4.67
N ARG A 758 44.68 20.97 4.67
CA ARG A 758 43.97 19.79 5.10
C ARG A 758 44.36 18.57 4.30
N LEU A 759 44.66 18.78 2.99
CA LEU A 759 45.25 17.80 2.11
C LEU A 759 46.55 17.29 2.65
N SER A 760 47.44 18.18 3.17
CA SER A 760 48.79 17.87 3.62
C SER A 760 48.81 16.72 4.61
N GLN A 761 48.14 16.93 5.76
CA GLN A 761 48.07 16.03 6.88
C GLN A 761 47.35 14.73 6.57
N GLU A 762 46.67 14.66 5.40
CA GLU A 762 45.89 13.54 4.97
C GLU A 762 46.68 12.73 3.98
N LYS A 763 47.17 13.36 2.89
CA LYS A 763 47.83 12.78 1.74
C LYS A 763 48.93 11.80 2.08
N PHE A 764 49.87 12.19 2.97
CA PHE A 764 50.91 11.32 3.49
C PHE A 764 50.28 10.19 4.26
N GLY A 765 49.39 10.57 5.21
CA GLY A 765 48.62 9.72 6.10
C GLY A 765 49.39 8.65 6.81
N LYS A 766 48.65 7.58 7.20
CA LYS A 766 49.18 6.32 7.66
C LYS A 766 49.69 5.56 6.45
N ASN A 767 50.94 5.88 6.02
CA ASN A 767 51.55 5.36 4.82
C ASN A 767 51.69 3.86 4.89
N PHE A 768 51.41 3.18 3.75
CA PHE A 768 51.06 1.78 3.74
C PHE A 768 52.27 0.91 3.78
N ASP A 769 52.11 -0.27 4.42
CA ASP A 769 53.13 -1.27 4.56
C ASP A 769 52.43 -2.55 4.17
N PRO A 770 52.88 -3.32 3.17
CA PRO A 770 52.34 -4.64 2.89
C PRO A 770 52.89 -5.63 3.90
N GLY A 771 52.10 -6.60 4.43
CA GLY A 771 50.67 -6.74 4.38
C GLY A 771 50.16 -6.55 5.77
N TYR A 772 49.19 -5.63 5.95
CA TYR A 772 48.39 -5.54 7.14
C TYR A 772 47.04 -5.10 6.69
N THR A 773 45.99 -5.78 7.20
CA THR A 773 44.60 -5.48 6.94
C THR A 773 43.89 -5.89 8.21
N LEU A 774 42.75 -5.23 8.60
CA LEU A 774 42.14 -4.10 7.95
C LEU A 774 42.78 -2.84 8.46
N GLY A 775 43.49 -2.95 9.63
CA GLY A 775 44.19 -1.93 10.40
C GLY A 775 43.71 -0.54 10.15
N GLY A 776 44.64 0.31 9.64
CA GLY A 776 44.34 1.20 8.54
C GLY A 776 43.20 2.12 8.78
N SER A 777 43.32 2.96 9.83
CA SER A 777 42.26 3.73 10.44
C SER A 777 41.68 4.74 9.48
N THR A 778 42.48 5.15 8.47
CA THR A 778 42.22 6.27 7.60
C THR A 778 41.48 5.77 6.36
N ASN A 779 41.14 4.46 6.30
CA ASN A 779 40.10 3.89 5.46
C ASN A 779 38.78 4.61 5.65
N THR A 780 38.51 4.95 6.93
CA THR A 780 37.32 5.58 7.44
C THR A 780 37.31 7.03 7.04
N ALA A 781 38.50 7.68 7.03
CA ALA A 781 38.65 9.10 7.02
C ALA A 781 38.23 9.72 5.73
N VAL A 782 38.91 9.38 4.62
CA VAL A 782 38.69 9.92 3.30
C VAL A 782 37.25 9.90 2.80
N PRO A 783 36.41 8.86 2.96
CA PRO A 783 34.97 8.91 2.76
C PRO A 783 34.20 10.02 3.45
N LEU A 784 34.49 10.29 4.76
CA LEU A 784 33.96 11.40 5.51
C LEU A 784 34.37 12.72 4.89
N LYS A 785 35.69 12.94 4.74
CA LYS A 785 36.34 14.14 4.23
C LYS A 785 35.76 14.59 2.91
N LEU A 786 35.55 13.63 1.98
CA LEU A 786 34.88 13.79 0.71
C LEU A 786 33.54 14.47 0.84
N GLU A 787 32.62 13.89 1.66
CA GLU A 787 31.30 14.44 1.97
C GLU A 787 31.38 15.86 2.48
N MET A 788 32.36 16.15 3.36
CA MET A 788 32.62 17.46 3.93
C MET A 788 32.80 18.51 2.87
N TRP A 789 33.79 18.32 1.98
CA TRP A 789 34.10 19.26 0.93
C TRP A 789 33.05 19.31 -0.16
N ARG A 790 32.06 18.38 -0.19
CA ARG A 790 30.87 18.50 -1.01
C ARG A 790 29.82 19.39 -0.39
N LEU A 791 29.62 19.31 0.94
CA LEU A 791 28.72 20.15 1.70
C LEU A 791 29.13 21.61 1.60
N LEU A 792 30.46 21.85 1.53
CA LEU A 792 31.10 23.13 1.71
C LEU A 792 30.96 23.99 0.48
N VAL A 793 30.78 23.38 -0.71
CA VAL A 793 31.08 23.95 -2.01
C VAL A 793 30.32 25.21 -2.29
N ALA A 794 28.98 25.19 -2.07
CA ALA A 794 28.13 26.36 -1.98
C ALA A 794 28.64 27.39 -1.02
N ALA A 795 29.11 28.52 -1.60
CA ALA A 795 29.48 29.74 -0.92
C ALA A 795 30.56 29.52 0.10
N SER A 796 31.64 28.80 -0.30
CA SER A 796 32.98 29.06 0.18
C SER A 796 33.96 28.10 -0.46
N GLN A 797 33.68 27.61 -1.70
CA GLN A 797 34.80 27.28 -2.56
C GLN A 797 34.51 27.75 -3.95
N LEU A 798 33.23 27.81 -4.37
CA LEU A 798 32.89 28.34 -5.67
C LEU A 798 32.48 29.76 -5.43
N ARG A 799 31.39 30.22 -6.08
CA ARG A 799 31.06 31.60 -6.28
C ARG A 799 30.96 32.41 -5.02
N GLU A 800 31.55 33.62 -5.11
CA GLU A 800 31.04 34.83 -4.54
C GLU A 800 30.78 35.74 -5.71
N VAL A 801 30.69 35.13 -6.92
CA VAL A 801 30.72 35.80 -8.19
C VAL A 801 29.66 35.16 -9.04
N GLU A 802 28.51 34.83 -8.42
CA GLU A 802 27.19 34.99 -8.98
C GLU A 802 26.72 33.76 -9.71
N PHE A 803 27.67 32.96 -10.25
CA PHE A 803 27.51 31.86 -11.17
C PHE A 803 27.89 32.33 -12.57
N ALA A 804 27.02 32.94 -13.42
CA ALA A 804 25.84 33.73 -13.15
C ALA A 804 24.64 33.03 -13.74
N PHE A 805 24.46 33.12 -15.09
CA PHE A 805 23.27 32.68 -15.80
C PHE A 805 23.06 31.19 -15.71
N ALA A 806 24.16 30.43 -15.87
CA ALA A 806 24.26 29.02 -16.16
C ALA A 806 24.24 28.81 -17.65
N MET A 807 24.42 29.92 -18.42
CA MET A 807 24.66 30.05 -19.84
C MET A 807 23.81 29.15 -20.72
N GLU A 808 24.34 28.82 -21.92
CA GLU A 808 23.94 27.67 -22.68
C GLU A 808 25.02 26.65 -22.42
N ASP A 809 24.72 25.37 -22.75
CA ASP A 809 25.41 24.22 -22.22
C ASP A 809 26.90 24.16 -22.59
N PRO A 810 27.40 24.34 -23.83
CA PRO A 810 28.80 24.11 -24.13
C PRO A 810 29.71 25.18 -23.58
N ALA A 811 29.18 26.35 -23.16
CA ALA A 811 29.94 27.50 -22.71
C ALA A 811 30.92 27.22 -21.60
N LEU A 812 30.52 26.35 -20.65
CA LEU A 812 31.28 25.88 -19.51
C LEU A 812 32.56 25.17 -19.92
N LYS A 813 32.55 24.58 -21.13
CA LYS A 813 33.60 23.74 -21.65
C LYS A 813 34.59 24.65 -22.30
N ASP A 814 34.17 25.34 -23.38
CA ASP A 814 35.05 26.04 -24.29
C ASP A 814 35.72 27.26 -23.67
N SER A 815 35.23 27.75 -22.52
CA SER A 815 35.86 28.84 -21.79
C SER A 815 36.75 28.32 -20.70
N LYS A 816 36.90 26.98 -20.56
CA LYS A 816 37.73 26.34 -19.58
C LYS A 816 39.01 25.99 -20.27
N GLY A 817 38.94 25.12 -21.32
CA GLY A 817 40.07 24.58 -22.04
C GLY A 817 41.08 25.60 -22.51
N ALA A 818 40.58 26.79 -22.90
CA ALA A 818 41.33 27.97 -23.28
C ALA A 818 42.36 28.39 -22.25
N SER A 819 41.90 28.67 -21.01
CA SER A 819 42.67 29.17 -19.89
C SER A 819 43.92 28.37 -19.58
N LYS A 820 43.78 27.04 -19.48
CA LYS A 820 44.86 26.10 -19.24
C LYS A 820 45.92 26.16 -20.31
N LYS A 821 45.50 26.31 -21.59
CA LYS A 821 46.37 26.24 -22.74
C LYS A 821 47.24 27.49 -22.87
N LYS A 822 46.95 28.55 -22.10
CA LYS A 822 47.74 29.76 -22.07
C LYS A 822 48.86 29.57 -21.10
N ASP A 823 48.55 28.95 -19.93
CA ASP A 823 49.50 28.60 -18.92
C ASP A 823 50.32 27.42 -19.41
N SER A 824 51.56 27.29 -18.90
CA SER A 824 52.53 26.34 -19.37
C SER A 824 52.14 24.92 -19.03
N LYS A 825 51.70 24.68 -17.77
CA LYS A 825 51.31 23.37 -17.27
C LYS A 825 50.05 22.87 -17.94
N SER A 826 49.97 21.53 -18.12
CA SER A 826 48.81 20.83 -18.62
C SER A 826 47.62 20.98 -17.73
N GLU A 827 47.83 20.84 -16.40
CA GLU A 827 46.77 20.80 -15.44
C GLU A 827 47.19 21.74 -14.34
N TYR A 828 47.72 22.94 -14.75
CA TYR A 828 47.53 24.26 -14.15
C TYR A 828 47.36 24.22 -12.64
N LYS A 829 46.14 24.58 -12.17
CA LYS A 829 45.51 24.20 -10.94
C LYS A 829 46.35 24.11 -9.69
N MET A 830 46.08 23.04 -8.89
CA MET A 830 46.13 23.01 -7.45
C MET A 830 47.48 23.22 -6.84
N LEU A 831 48.56 22.68 -7.46
CA LEU A 831 49.88 22.74 -6.89
C LEU A 831 50.57 23.96 -7.41
N TYR A 832 51.15 24.74 -6.47
CA TYR A 832 51.21 26.19 -6.53
C TYR A 832 49.92 26.85 -6.88
N GLY A 833 48.88 26.66 -6.03
CA GLY A 833 47.53 27.10 -6.33
C GLY A 833 47.46 28.56 -6.00
N PHE A 834 46.35 29.23 -6.41
CA PHE A 834 46.25 30.66 -6.61
C PHE A 834 46.92 30.99 -7.92
N HIS A 835 46.09 31.39 -8.91
CA HIS A 835 46.51 31.80 -10.21
C HIS A 835 45.29 32.47 -10.77
N VAL A 836 44.88 33.59 -10.13
CA VAL A 836 43.83 34.45 -10.62
C VAL A 836 44.48 35.67 -11.25
N ILE A 837 45.84 35.73 -11.28
CA ILE A 837 46.54 36.89 -11.77
C ILE A 837 46.64 36.75 -13.26
N ASN A 838 47.20 35.61 -13.75
CA ASN A 838 47.32 35.29 -15.16
C ASN A 838 46.00 35.19 -15.90
N GLN A 839 44.87 34.99 -15.16
CA GLN A 839 43.53 35.18 -15.66
C GLN A 839 43.34 36.57 -16.18
N PHE A 840 43.56 37.59 -15.31
CA PHE A 840 43.42 39.00 -15.60
C PHE A 840 44.28 39.46 -16.77
N VAL A 841 45.54 38.96 -16.86
CA VAL A 841 46.43 39.12 -17.99
C VAL A 841 45.75 38.73 -19.29
N GLU A 842 45.33 37.44 -19.39
CA GLU A 842 44.67 36.87 -20.54
C GLU A 842 43.40 37.58 -20.91
N ARG A 843 42.64 38.06 -19.90
CA ARG A 843 41.33 38.64 -20.06
C ARG A 843 41.40 40.00 -20.69
N GLU A 844 42.53 40.71 -20.52
CA GLU A 844 42.79 41.99 -21.12
C GLU A 844 43.28 41.80 -22.53
N ALA A 845 44.05 40.72 -22.74
CA ALA A 845 44.58 40.34 -24.03
C ALA A 845 43.45 39.70 -24.79
N VAL A 846 43.68 39.40 -26.08
CA VAL A 846 42.65 39.11 -27.05
C VAL A 846 41.80 40.36 -27.23
N LYS A 847 42.48 41.49 -27.52
CA LYS A 847 41.88 42.78 -27.63
C LYS A 847 41.37 42.91 -29.04
N GLY A 848 40.04 43.02 -29.18
CA GLY A 848 39.36 43.11 -30.45
C GLY A 848 39.02 41.73 -30.96
N ASN A 849 37.95 41.06 -30.45
CA ASN A 849 37.01 41.49 -29.45
C ASN A 849 37.52 40.85 -28.19
N HIS A 850 37.36 41.53 -27.02
CA HIS A 850 37.61 40.94 -25.73
C HIS A 850 36.73 39.76 -25.51
N TRP A 851 37.33 38.65 -25.02
CA TRP A 851 37.40 37.35 -25.68
C TRP A 851 36.86 37.25 -27.08
N GLY A 852 37.64 36.59 -27.98
CA GLY A 852 37.40 36.52 -29.40
C GLY A 852 36.02 36.03 -29.69
N GLN A 853 35.42 36.53 -30.79
CA GLN A 853 34.00 36.74 -31.02
C GLN A 853 33.03 35.59 -30.78
N LEU A 854 33.50 34.32 -30.69
CA LEU A 854 32.73 33.15 -30.33
C LEU A 854 31.91 33.32 -29.07
N ASP A 855 32.55 33.32 -27.88
CA ASP A 855 31.85 33.38 -26.60
C ASP A 855 30.96 34.60 -26.40
N PRO A 856 31.31 35.87 -26.66
CA PRO A 856 30.43 37.00 -26.41
C PRO A 856 29.24 37.01 -27.33
N LEU A 857 29.27 36.30 -28.48
CA LEU A 857 28.12 36.09 -29.32
C LEU A 857 27.04 35.39 -28.54
N ARG A 858 27.36 34.17 -28.03
CA ARG A 858 26.44 33.32 -27.33
C ARG A 858 25.93 33.91 -26.03
N LYS A 859 26.77 34.71 -25.33
CA LYS A 859 26.36 35.43 -24.15
C LYS A 859 25.52 36.66 -24.43
N ALA A 860 25.45 37.12 -25.71
CA ALA A 860 24.71 38.29 -26.14
C ALA A 860 25.28 39.53 -25.53
N LYS A 861 26.52 39.89 -25.95
CA LYS A 861 27.62 40.45 -25.19
C LYS A 861 27.25 41.32 -24.00
N PRO A 862 27.48 40.87 -22.76
CA PRO A 862 27.59 41.73 -21.59
C PRO A 862 29.04 42.08 -21.42
N ASP A 863 29.40 42.75 -20.28
CA ASP A 863 30.64 43.43 -19.96
C ASP A 863 31.89 42.95 -20.64
N MET A 864 32.70 43.93 -21.11
CA MET A 864 33.79 43.71 -22.02
C MET A 864 35.01 43.20 -21.29
N THR A 865 35.33 43.80 -20.11
CA THR A 865 36.32 43.26 -19.21
C THR A 865 35.88 43.63 -17.81
N ILE A 866 34.68 44.23 -17.67
CA ILE A 866 34.13 44.69 -16.42
C ILE A 866 33.34 43.51 -15.86
N VAL A 867 32.23 43.76 -15.14
CA VAL A 867 31.59 42.88 -14.19
C VAL A 867 31.50 41.43 -14.63
N GLU A 868 30.65 41.13 -15.64
CA GLU A 868 30.37 39.79 -16.11
C GLU A 868 31.58 39.04 -16.62
N ALA A 869 32.54 39.74 -17.26
CA ALA A 869 33.72 39.15 -17.85
C ALA A 869 34.64 38.58 -16.82
N ARG A 870 34.46 39.02 -15.56
CA ARG A 870 35.33 38.71 -14.46
C ARG A 870 34.58 37.62 -13.76
N SER A 871 33.33 37.91 -13.34
CA SER A 871 32.45 37.06 -12.56
C SER A 871 32.32 35.66 -13.09
N TYR A 872 32.04 35.52 -14.41
CA TYR A 872 32.02 34.27 -15.11
C TYR A 872 33.36 33.58 -15.08
N LEU A 873 34.41 34.21 -15.66
CA LEU A 873 35.73 33.63 -15.82
C LEU A 873 36.34 33.11 -14.54
N ARG A 874 36.19 33.88 -13.42
CA ARG A 874 36.46 33.47 -12.06
C ARG A 874 35.88 32.12 -11.76
N TRP A 875 34.54 31.99 -11.88
CA TRP A 875 33.78 30.84 -11.47
C TRP A 875 34.10 29.58 -12.26
N VAL A 876 34.69 29.69 -13.47
CA VAL A 876 34.98 28.53 -14.28
C VAL A 876 36.38 28.07 -14.01
N TYR A 877 37.23 28.90 -13.37
CA TYR A 877 38.50 28.44 -12.86
C TYR A 877 38.33 27.57 -11.65
N LEU A 878 37.16 27.63 -10.98
CA LEU A 878 37.15 27.72 -9.53
C LEU A 878 36.36 26.56 -9.07
N SER A 879 35.28 26.23 -9.82
CA SER A 879 34.62 24.94 -9.82
C SER A 879 35.62 23.85 -10.11
N PHE A 880 36.58 24.14 -11.03
CA PHE A 880 37.60 23.24 -11.51
C PHE A 880 38.82 23.21 -10.62
N VAL A 881 38.81 23.92 -9.47
CA VAL A 881 39.78 23.71 -8.42
C VAL A 881 39.15 22.66 -7.55
N GLU A 882 37.93 22.95 -7.04
CA GLU A 882 37.14 22.08 -6.20
C GLU A 882 36.98 20.71 -6.78
N MET A 883 36.62 20.61 -8.08
CA MET A 883 36.51 19.40 -8.86
C MET A 883 37.70 18.50 -8.74
N HIS A 884 38.89 19.00 -9.12
CA HIS A 884 40.11 18.24 -9.13
C HIS A 884 40.59 17.92 -7.74
N ILE A 885 40.38 18.80 -6.72
CA ILE A 885 40.72 18.55 -5.33
C ILE A 885 39.99 17.34 -4.79
N GLN A 886 38.69 17.19 -5.14
CA GLN A 886 37.88 16.10 -4.67
C GLN A 886 38.24 14.86 -5.39
N LEU A 887 38.52 14.97 -6.71
CA LEU A 887 38.70 13.88 -7.64
C LEU A 887 39.88 13.02 -7.22
N LYS A 888 40.98 13.67 -6.82
CA LYS A 888 42.16 13.09 -6.21
C LYS A 888 41.86 12.28 -4.97
N LEU A 889 40.96 12.78 -4.10
CA LEU A 889 40.53 12.10 -2.90
C LEU A 889 39.61 10.94 -3.20
N LYS A 890 38.98 10.91 -4.40
CA LYS A 890 38.26 9.76 -4.89
C LYS A 890 39.22 8.69 -5.37
N CYS A 891 40.35 9.10 -6.00
CA CYS A 891 41.41 8.20 -6.42
C CYS A 891 41.95 7.45 -5.24
N ARG A 892 42.26 8.20 -4.16
CA ARG A 892 42.84 7.72 -2.92
C ARG A 892 41.97 6.73 -2.16
N VAL A 893 40.68 6.60 -2.53
CA VAL A 893 39.77 5.60 -2.03
C VAL A 893 40.08 4.33 -2.77
N VAL A 894 39.83 4.29 -4.09
CA VAL A 894 40.01 3.12 -4.94
C VAL A 894 41.45 2.62 -4.94
N LYS A 895 42.42 3.52 -4.66
CA LYS A 895 43.80 3.26 -4.28
C LYS A 895 43.94 2.21 -3.23
N LEU A 896 43.43 2.47 -2.01
CA LEU A 896 43.81 1.70 -0.86
C LEU A 896 42.81 0.60 -0.63
N GLN A 897 41.69 0.60 -1.40
CA GLN A 897 40.81 -0.54 -1.57
C GLN A 897 41.49 -1.72 -2.19
N LEU A 898 42.58 -1.47 -2.97
CA LEU A 898 43.52 -2.44 -3.49
C LEU A 898 43.95 -3.43 -2.45
N GLU A 899 44.23 -2.92 -1.22
CA GLU A 899 45.02 -3.55 -0.21
C GLU A 899 44.07 -4.38 0.60
N ASN A 900 42.97 -3.76 1.12
CA ASN A 900 41.91 -4.45 1.83
C ASN A 900 41.27 -5.57 1.03
N TRP A 901 41.36 -5.54 -0.32
CA TRP A 901 40.76 -6.52 -1.19
C TRP A 901 41.75 -7.60 -1.62
N ARG A 902 43.05 -7.51 -1.22
CA ARG A 902 44.09 -8.47 -1.56
C ARG A 902 43.70 -9.85 -1.09
N ALA A 903 43.82 -10.04 0.23
CA ALA A 903 43.74 -11.30 0.90
C ALA A 903 42.31 -11.78 1.02
N GLU A 904 41.32 -10.88 0.72
CA GLU A 904 39.92 -11.21 0.69
C GLU A 904 39.58 -12.26 -0.35
N ARG A 905 40.22 -12.20 -1.55
CA ARG A 905 40.05 -13.24 -2.54
C ARG A 905 40.96 -14.43 -2.29
N GLU A 906 42.25 -14.15 -1.98
CA GLU A 906 43.33 -15.10 -2.03
C GLU A 906 43.34 -16.12 -0.92
N ARG A 907 43.19 -15.69 0.37
CA ARG A 907 43.08 -16.58 1.51
C ARG A 907 41.92 -17.53 1.43
N ALA A 908 40.79 -17.08 0.83
CA ALA A 908 39.59 -17.86 0.71
C ALA A 908 39.54 -18.61 -0.60
N ARG A 909 40.58 -18.44 -1.46
CA ARG A 909 40.76 -19.15 -2.71
C ARG A 909 41.03 -20.61 -2.45
N LEU A 910 41.80 -20.89 -1.38
CA LEU A 910 42.21 -22.21 -0.98
C LEU A 910 41.08 -23.00 -0.38
N ALA A 911 40.00 -22.31 0.06
CA ALA A 911 38.95 -22.86 0.90
C ALA A 911 38.18 -23.98 0.25
N GLN A 912 37.80 -23.81 -1.03
CA GLN A 912 37.11 -24.84 -1.78
C GLN A 912 36.95 -24.28 -3.15
N GLU A 913 36.45 -23.03 -3.24
CA GLU A 913 36.14 -22.36 -4.46
C GLU A 913 36.97 -21.11 -4.40
N SER A 914 36.89 -20.25 -5.45
CA SER A 914 37.66 -19.05 -5.55
C SER A 914 36.68 -17.90 -5.41
N PRO A 915 36.66 -17.19 -4.29
CA PRO A 915 35.81 -16.03 -4.10
C PRO A 915 36.80 -14.87 -4.02
N LYS A 916 36.43 -13.62 -3.66
CA LYS A 916 35.10 -13.12 -3.39
C LYS A 916 34.70 -12.31 -4.56
N ILE A 917 33.60 -12.75 -5.22
CA ILE A 917 32.70 -11.91 -5.93
C ILE A 917 31.36 -12.41 -5.46
N ALA A 918 31.04 -12.07 -4.20
CA ALA A 918 29.70 -11.73 -3.81
C ALA A 918 29.83 -10.70 -2.72
N LEU A 919 31.04 -10.10 -2.60
CA LEU A 919 31.50 -9.38 -1.45
C LEU A 919 32.71 -8.61 -1.94
N GLY A 920 33.10 -8.85 -3.22
CA GLY A 920 34.29 -8.32 -3.80
C GLY A 920 33.86 -7.26 -4.78
N ILE A 921 32.52 -7.22 -5.07
CA ILE A 921 31.82 -6.28 -5.92
C ILE A 921 32.14 -4.83 -5.60
N PRO A 922 32.17 -4.29 -4.36
CA PRO A 922 32.43 -2.88 -4.12
C PRO A 922 33.71 -2.34 -4.69
N LEU A 923 34.73 -3.18 -4.98
CA LEU A 923 35.91 -2.81 -5.73
C LEU A 923 35.57 -2.10 -7.02
N PHE A 924 34.92 -2.85 -7.94
CA PHE A 924 34.32 -2.40 -9.18
C PHE A 924 33.43 -1.18 -9.03
N LEU A 925 32.36 -1.25 -8.22
CA LEU A 925 31.38 -0.18 -8.09
C LEU A 925 31.91 1.09 -7.45
N TYR A 926 33.08 1.02 -6.76
CA TYR A 926 33.80 2.15 -6.20
C TYR A 926 34.57 2.79 -7.31
N CYS A 927 35.35 1.99 -8.07
CA CYS A 927 36.04 2.42 -9.27
C CYS A 927 35.10 3.05 -10.29
N HIS A 928 33.83 2.58 -10.37
CA HIS A 928 32.73 3.25 -11.02
C HIS A 928 32.45 4.61 -10.44
N HIS A 929 32.05 4.69 -9.14
CA HIS A 929 31.71 5.89 -8.40
C HIS A 929 32.73 6.99 -8.52
N HIS A 930 34.03 6.62 -8.50
CA HIS A 930 35.17 7.46 -8.75
C HIS A 930 35.11 8.12 -10.10
N VAL A 931 35.19 7.34 -11.22
CA VAL A 931 35.31 7.86 -12.56
C VAL A 931 33.98 8.40 -13.08
N LEU A 932 32.87 8.21 -12.32
CA LEU A 932 31.54 8.76 -12.52
C LEU A 932 31.55 10.26 -12.57
N ALA A 933 32.50 10.89 -11.86
CA ALA A 933 32.70 12.32 -11.74
C ALA A 933 32.89 12.97 -13.09
N VAL A 934 33.65 12.31 -13.99
CA VAL A 934 33.99 12.84 -15.29
C VAL A 934 32.75 12.73 -16.13
N ILE A 935 32.28 13.90 -16.63
CA ILE A 935 31.03 14.04 -17.32
C ILE A 935 31.12 15.35 -18.06
N ARG A 936 32.23 16.10 -17.84
CA ARG A 936 32.51 17.34 -18.50
C ARG A 936 33.97 17.61 -18.34
N ASP A 937 34.67 16.76 -17.56
CA ASP A 937 35.80 17.19 -16.80
C ASP A 937 37.06 16.92 -17.55
N GLU A 938 38.02 17.86 -17.39
CA GLU A 938 39.40 17.71 -17.77
C GLU A 938 39.98 16.59 -16.95
N GLY A 939 40.78 15.69 -17.57
CA GLY A 939 41.39 14.59 -16.87
C GLY A 939 42.37 15.10 -15.85
N PRO A 940 42.55 14.49 -14.69
CA PRO A 940 43.60 14.91 -13.78
C PRO A 940 44.74 13.96 -13.94
N ARG A 941 45.58 14.22 -14.96
CA ARG A 941 46.64 13.36 -15.45
C ARG A 941 46.15 11.98 -15.86
N MET A 942 47.11 11.10 -16.17
CA MET A 942 46.94 9.68 -16.22
C MET A 942 48.32 9.12 -16.04
N SER A 943 49.27 9.95 -15.57
CA SER A 943 50.66 9.59 -15.46
C SER A 943 51.09 9.47 -14.03
N SER A 944 50.26 9.93 -13.08
CA SER A 944 50.56 9.80 -11.66
C SER A 944 50.03 8.47 -11.09
N GLU A 945 46.90 9.02 -12.11
CA GLU A 945 46.31 9.52 -10.84
C GLU A 945 45.02 8.81 -10.59
N ASP A 946 44.10 9.02 -11.54
CA ASP A 946 42.79 8.45 -11.63
C ASP A 946 42.87 7.21 -12.46
N ILE A 947 43.11 7.36 -13.77
CA ILE A 947 43.32 6.28 -14.69
C ILE A 947 44.42 5.32 -14.30
N ASP A 948 45.65 5.74 -13.89
CA ASP A 948 46.65 4.77 -13.48
C ASP A 948 46.25 3.86 -12.34
N THR A 949 45.68 4.42 -11.24
CA THR A 949 45.20 3.68 -10.09
C THR A 949 44.14 2.68 -10.47
N VAL A 950 43.15 3.16 -11.26
CA VAL A 950 42.05 2.39 -11.77
C VAL A 950 42.52 1.23 -12.58
N ARG A 951 43.48 1.46 -13.52
CA ARG A 951 44.06 0.44 -14.35
C ARG A 951 44.71 -0.67 -13.58
N SER A 952 45.57 -0.33 -12.58
CA SER A 952 46.24 -1.33 -11.78
C SER A 952 45.29 -2.26 -11.07
N ALA A 953 44.27 -1.69 -10.40
CA ALA A 953 43.25 -2.47 -9.73
C ALA A 953 42.47 -3.38 -10.66
N LEU A 954 42.00 -2.80 -11.79
CA LEU A 954 41.21 -3.44 -12.81
C LEU A 954 41.82 -4.64 -13.49
N LYS A 955 43.10 -4.53 -13.90
CA LYS A 955 43.67 -5.80 -14.31
C LYS A 955 44.08 -6.67 -13.12
N HIS A 956 43.45 -6.58 -11.89
CA HIS A 956 43.93 -7.40 -10.75
C HIS A 956 42.78 -8.11 -10.13
N PHE A 957 41.70 -7.36 -9.76
CA PHE A 957 40.42 -7.78 -10.30
C PHE A 957 40.65 -8.49 -11.61
N ASP A 958 39.87 -9.57 -11.85
CA ASP A 958 40.32 -10.68 -12.65
C ASP A 958 40.43 -10.38 -14.14
N LEU A 959 39.34 -9.83 -14.74
CA LEU A 959 39.21 -9.23 -16.07
C LEU A 959 40.35 -9.43 -17.04
N PRO A 960 40.39 -10.47 -17.88
CA PRO A 960 41.28 -10.57 -19.02
C PRO A 960 40.99 -9.53 -20.09
N ASP A 961 42.01 -9.27 -20.94
CA ASP A 961 42.06 -8.18 -21.89
C ASP A 961 41.09 -8.35 -23.03
N SER A 962 40.63 -7.18 -23.57
CA SER A 962 39.50 -6.94 -24.43
C SER A 962 38.62 -5.95 -23.72
N TYR A 963 38.45 -6.11 -22.38
CA TYR A 963 37.67 -5.22 -21.56
C TYR A 963 38.45 -3.95 -21.35
N TYR A 964 39.80 -4.10 -21.34
CA TYR A 964 40.81 -3.08 -21.36
C TYR A 964 40.49 -2.02 -22.38
N ASN A 965 40.44 -2.44 -23.66
CA ASN A 965 40.35 -1.53 -24.78
C ASN A 965 38.98 -0.93 -24.96
N LYS A 966 37.91 -1.46 -24.33
CA LYS A 966 36.61 -0.79 -24.26
C LYS A 966 36.57 0.34 -23.27
N LEU A 967 37.56 0.42 -22.35
CA LEU A 967 37.51 1.26 -21.18
C LEU A 967 38.00 2.62 -21.60
N ASP A 968 39.31 2.71 -21.93
CA ASP A 968 39.96 3.91 -22.40
C ASP A 968 39.29 4.50 -23.61
N GLN A 969 38.86 3.66 -24.59
CA GLN A 969 38.27 4.04 -25.86
C GLN A 969 37.06 4.93 -25.76
N CYS A 970 35.95 4.40 -25.18
CA CYS A 970 34.69 5.10 -25.03
C CYS A 970 34.81 6.36 -24.21
N ILE A 971 35.55 6.27 -23.09
CA ILE A 971 35.80 7.36 -22.18
C ILE A 971 36.81 8.33 -22.76
N ALA A 972 37.52 7.97 -23.87
CA ALA A 972 38.56 8.77 -24.51
C ALA A 972 38.06 10.10 -24.96
N ARG A 973 36.85 10.15 -25.53
CA ARG A 973 36.20 11.37 -25.96
C ARG A 973 35.95 12.31 -24.79
N TRP A 974 35.44 11.77 -23.67
CA TRP A 974 35.25 12.41 -22.39
C TRP A 974 36.53 13.01 -21.85
N GLN A 975 37.61 12.18 -21.77
CA GLN A 975 38.95 12.55 -21.40
C GLN A 975 39.48 13.68 -22.22
N ASN A 976 39.43 13.54 -23.55
CA ASN A 976 40.09 14.40 -24.52
C ASN A 976 39.54 15.78 -24.48
N MET A 977 40.45 16.73 -24.77
CA MET A 977 40.60 18.04 -24.17
C MET A 977 41.78 17.91 -23.24
N THR A 978 42.37 16.68 -23.13
CA THR A 978 43.40 16.41 -22.16
C THR A 978 44.36 15.38 -22.73
N LEU A 979 43.92 14.12 -22.91
CA LEU A 979 44.82 12.98 -22.78
C LEU A 979 45.21 12.43 -24.11
N GLY A 980 46.31 11.64 -24.09
CA GLY A 980 46.85 10.90 -25.19
C GLY A 980 46.16 9.57 -25.37
N THR A 981 46.99 8.49 -25.40
CA THR A 981 46.58 7.17 -25.85
C THR A 981 46.72 6.17 -24.72
N LEU A 982 47.24 4.95 -25.02
CA LEU A 982 47.02 3.75 -24.26
C LEU A 982 48.30 2.97 -24.24
N LEU A 983 48.69 2.44 -23.05
CA LEU A 983 49.77 1.49 -22.87
C LEU A 983 49.46 0.16 -23.54
N PRO A 984 50.42 -0.64 -24.02
CA PRO A 984 50.21 -2.04 -24.37
C PRO A 984 49.94 -2.87 -23.13
N SER A 985 49.38 -4.09 -23.31
CA SER A 985 49.08 -5.04 -22.24
C SER A 985 50.33 -5.61 -21.65
N LEU A 986 51.41 -5.71 -22.48
CA LEU A 986 52.70 -6.26 -22.13
C LEU A 986 53.34 -5.43 -21.03
N LEU A 987 54.13 -6.11 -20.16
CA LEU A 987 55.17 -5.53 -19.33
C LEU A 987 54.47 -5.39 -17.99
N PRO A 988 54.71 -6.26 -16.98
CA PRO A 988 53.93 -6.46 -15.76
C PRO A 988 52.91 -5.44 -15.32
N GLN A 989 51.60 -5.82 -15.28
CA GLN A 989 50.50 -4.90 -15.48
C GLN A 989 49.24 -5.72 -15.73
N ASP A 990 49.23 -7.02 -15.35
CA ASP A 990 48.00 -7.80 -15.28
C ASP A 990 48.11 -8.72 -14.09
N LYS A 991 47.03 -9.49 -13.79
CA LYS A 991 46.97 -10.26 -12.59
C LYS A 991 45.98 -11.39 -12.74
N GLN A 992 46.15 -12.44 -11.89
CA GLN A 992 45.45 -13.71 -11.72
C GLN A 992 43.97 -13.71 -12.06
N LEU A 993 43.50 -14.82 -12.67
CA LEU A 993 42.14 -14.98 -13.11
C LEU A 993 41.32 -15.75 -12.11
N PHE A 994 40.01 -15.44 -12.09
CA PHE A 994 38.95 -16.30 -11.63
C PHE A 994 38.19 -16.70 -12.87
N GLU A 995 38.33 -15.90 -13.95
CA GLU A 995 37.33 -15.63 -14.93
C GLU A 995 36.98 -16.85 -15.75
N THR A 996 35.71 -16.89 -16.24
CA THR A 996 35.16 -17.92 -17.10
C THR A 996 34.69 -19.04 -16.22
N PRO A 997 33.92 -18.64 -15.22
CA PRO A 997 32.51 -19.03 -15.30
C PRO A 997 31.74 -17.74 -15.44
N GLU A 998 32.47 -16.62 -15.57
CA GLU A 998 31.94 -15.28 -15.49
C GLU A 998 31.91 -14.75 -16.89
N MET A 999 33.07 -14.20 -17.34
CA MET A 999 33.24 -13.34 -18.49
C MET A 999 32.78 -11.96 -18.14
N LEU A 1000 33.77 -11.06 -17.89
CA LEU A 1000 33.70 -9.62 -17.96
C LEU A 1000 32.44 -9.05 -17.36
N GLN A 1001 31.51 -8.62 -18.24
CA GLN A 1001 30.21 -8.03 -18.01
C GLN A 1001 29.38 -8.70 -16.93
N LEU A 1002 29.37 -10.04 -16.91
CA LEU A 1002 28.53 -10.90 -16.11
C LEU A 1002 28.76 -10.70 -14.64
N ILE A 1003 30.03 -10.39 -14.26
CA ILE A 1003 30.50 -10.25 -12.90
C ILE A 1003 29.70 -9.24 -12.11
N HIS A 1004 29.28 -8.13 -12.78
CA HIS A 1004 28.31 -7.16 -12.31
C HIS A 1004 26.99 -7.83 -12.04
N MET A 1005 26.42 -8.44 -13.10
CA MET A 1005 25.01 -8.75 -13.25
C MET A 1005 24.53 -9.74 -12.23
N GLY A 1006 25.39 -10.71 -11.85
CA GLY A 1006 25.06 -11.78 -10.96
C GLY A 1006 24.98 -11.30 -9.54
N HIS A 1007 25.95 -10.46 -9.11
CA HIS A 1007 26.10 -10.07 -7.73
C HIS A 1007 26.05 -8.57 -7.61
N LEU A 1008 24.98 -8.05 -6.95
CA LEU A 1008 24.77 -6.67 -6.56
C LEU A 1008 23.28 -6.46 -6.52
N LEU A 1009 22.83 -5.53 -5.65
CA LEU A 1009 21.65 -4.76 -5.96
C LEU A 1009 22.02 -3.34 -5.67
N GLU A 1010 22.14 -2.57 -6.76
CA GLU A 1010 21.65 -1.23 -6.93
C GLU A 1010 22.68 -0.56 -7.77
N ARG A 1011 22.22 0.39 -8.59
CA ARG A 1011 22.91 0.98 -9.70
C ARG A 1011 22.82 2.48 -9.49
N PRO A 1012 23.60 3.31 -10.16
CA PRO A 1012 23.38 4.76 -10.23
C PRO A 1012 22.05 5.18 -10.83
N PHE A 1013 21.98 6.43 -11.29
CA PHE A 1013 20.93 7.36 -10.99
C PHE A 1013 21.67 8.66 -11.01
N VAL A 1014 21.79 9.25 -12.23
CA VAL A 1014 22.61 10.40 -12.49
C VAL A 1014 21.69 11.58 -12.41
N ARG A 1015 22.16 12.66 -11.75
CA ARG A 1015 21.46 13.92 -11.60
C ARG A 1015 21.66 14.75 -12.86
N GLU A 1016 21.73 16.10 -12.68
CA GLU A 1016 21.90 17.07 -13.73
C GLU A 1016 20.64 17.29 -14.52
N HIS A 1017 20.17 18.55 -14.55
CA HIS A 1017 18.77 18.87 -14.38
C HIS A 1017 18.86 20.37 -14.20
N ASP A 1018 18.21 20.92 -13.15
CA ASP A 1018 17.77 22.29 -13.12
C ASP A 1018 18.56 22.84 -11.96
N TYR A 1019 19.24 24.00 -12.17
CA TYR A 1019 20.03 24.62 -11.14
C TYR A 1019 19.81 26.10 -11.17
N ARG A 1020 18.57 26.52 -10.82
CA ARG A 1020 18.38 27.74 -10.07
C ARG A 1020 17.24 27.44 -9.16
N VAL A 1021 16.05 27.12 -9.74
CA VAL A 1021 14.96 26.51 -9.02
C VAL A 1021 15.23 25.03 -9.13
N ALA A 1022 15.10 24.27 -8.02
CA ALA A 1022 15.36 22.85 -8.04
C ALA A 1022 14.69 22.19 -6.86
N PHE A 1023 14.65 20.83 -6.87
CA PHE A 1023 15.23 20.04 -5.79
C PHE A 1023 16.52 19.48 -6.31
N ASN A 1024 16.46 18.35 -7.03
CA ASN A 1024 17.27 18.17 -8.22
C ASN A 1024 16.27 17.74 -9.25
N PRO A 1025 15.25 17.03 -8.80
CA PRO A 1025 15.31 15.63 -8.41
C PRO A 1025 15.37 14.73 -9.64
N ASP A 1026 15.26 13.41 -9.40
CA ASP A 1026 15.11 12.37 -10.38
C ASP A 1026 13.64 12.30 -10.87
N ASN A 1027 13.78 14.22 -13.38
CA ASN A 1027 13.21 13.88 -14.70
C ASN A 1027 11.73 14.04 -14.64
N TRP A 1028 11.04 13.26 -13.77
CA TRP A 1028 9.62 13.34 -13.50
C TRP A 1028 9.11 14.75 -13.19
N GLN A 1029 9.95 15.50 -12.44
CA GLN A 1029 9.73 16.87 -12.03
C GLN A 1029 9.97 17.77 -13.19
N ARG A 1030 11.05 17.52 -13.96
CA ARG A 1030 11.46 18.31 -15.10
C ARG A 1030 10.41 18.37 -16.20
N GLU A 1031 9.38 17.50 -16.12
CA GLU A 1031 8.24 17.52 -16.98
C GLU A 1031 7.15 18.21 -16.21
N LEU A 1032 6.72 17.64 -15.05
CA LEU A 1032 5.62 18.07 -14.22
C LEU A 1032 5.56 19.55 -13.91
N LEU A 1033 6.69 20.12 -13.44
CA LEU A 1033 6.93 21.50 -13.12
C LEU A 1033 6.52 22.47 -14.18
N ASP A 1034 6.80 22.13 -15.47
CA ASP A 1034 6.59 23.01 -16.59
C ASP A 1034 5.12 23.21 -16.89
N ILE A 1035 4.27 22.29 -16.41
CA ILE A 1035 2.84 22.35 -16.56
C ILE A 1035 2.32 23.36 -15.59
N VAL A 1036 2.60 23.17 -14.27
CA VAL A 1036 2.18 24.09 -13.23
C VAL A 1036 2.68 25.51 -13.42
N ASP A 1037 3.93 25.66 -13.96
CA ASP A 1037 4.51 26.90 -14.43
C ASP A 1037 3.79 27.56 -15.57
N GLY A 1038 2.90 26.81 -16.27
CA GLY A 1038 2.05 27.33 -17.30
C GLY A 1038 0.86 27.98 -16.65
N ARG A 1039 -0.26 27.25 -16.60
CA ARG A 1039 -0.83 26.95 -15.31
C ARG A 1039 -1.26 25.52 -15.37
N GLY A 1040 -2.56 24.74 -16.04
CA GLY A 1040 -3.05 23.63 -16.61
C GLY A 1040 -3.65 22.52 -15.81
N SER A 1041 -4.03 21.43 -16.51
CA SER A 1041 -4.38 20.26 -15.74
C SER A 1041 -3.33 19.21 -15.98
N ALA A 1042 -3.45 18.11 -15.32
CA ALA A 1042 -2.82 16.91 -15.45
C ALA A 1042 -2.92 16.01 -14.25
N VAL A 1043 -2.43 14.88 -14.34
CA VAL A 1043 -2.44 13.99 -13.21
C VAL A 1043 -1.13 13.26 -13.36
N VAL A 1044 -0.66 12.56 -12.30
CA VAL A 1044 0.57 11.81 -12.34
C VAL A 1044 0.28 10.47 -11.72
N CYS A 1045 0.76 9.45 -12.78
CA CYS A 1045 0.61 8.07 -12.38
C CYS A 1045 1.97 7.70 -11.89
N ALA A 1046 2.09 6.70 -11.04
CA ALA A 1046 3.29 6.67 -10.24
C ALA A 1046 3.19 5.51 -9.28
N PRO A 1047 3.73 4.33 -9.60
CA PRO A 1047 3.32 3.11 -8.93
C PRO A 1047 4.33 2.82 -7.86
N THR A 1048 3.83 2.05 -4.23
CA THR A 1048 4.16 3.50 -4.25
C THR A 1048 5.64 3.69 -4.03
N SER A 1049 6.03 4.26 -2.85
CA SER A 1049 7.22 5.05 -2.61
C SER A 1049 7.22 6.35 -3.38
N ALA A 1050 6.03 6.87 -3.75
CA ALA A 1050 5.87 7.41 -5.09
C ALA A 1050 6.14 8.88 -5.12
N GLY A 1051 6.42 9.50 -3.94
CA GLY A 1051 6.88 10.79 -4.37
C GLY A 1051 5.68 11.71 -4.51
N LYS A 1052 4.27 11.43 -4.40
CA LYS A 1052 3.28 11.95 -5.37
C LYS A 1052 2.93 13.39 -5.08
N THR A 1053 2.68 13.34 -3.52
CA THR A 1053 1.88 14.42 -3.02
C THR A 1053 2.61 15.72 -2.83
N PHE A 1054 3.58 15.80 -1.89
CA PHE A 1054 4.54 16.88 -1.71
C PHE A 1054 4.93 17.75 -2.88
N ILE A 1055 5.11 17.32 -4.15
CA ILE A 1055 5.39 18.18 -5.28
C ILE A 1055 4.29 19.17 -5.65
N SER A 1056 3.18 19.23 -4.89
CA SER A 1056 2.07 20.10 -5.24
C SER A 1056 2.15 21.40 -4.51
N TYR A 1057 3.08 21.51 -3.54
CA TYR A 1057 3.23 22.67 -2.70
C TYR A 1057 4.33 23.56 -3.27
N TYR A 1058 4.08 23.05 -6.45
CA TYR A 1058 4.51 24.45 -6.69
C TYR A 1058 3.38 25.44 -6.55
N CYS A 1059 2.11 24.99 -6.36
CA CYS A 1059 0.98 25.90 -6.21
C CYS A 1059 1.12 26.96 -5.15
N MET A 1060 1.38 26.51 -3.90
CA MET A 1060 1.58 27.35 -2.74
C MET A 1060 2.71 28.32 -2.89
N TYR A 1061 3.82 27.90 -3.55
CA TYR A 1061 4.97 28.72 -3.86
C TYR A 1061 4.62 29.90 -4.74
N LYS A 1062 3.51 29.84 -5.51
CA LYS A 1062 3.27 30.79 -6.56
C LYS A 1062 2.43 31.86 -5.95
N ALA A 1063 1.26 31.45 -5.41
CA ALA A 1063 0.30 32.28 -4.72
C ALA A 1063 0.80 32.97 -3.47
N LEU A 1064 1.96 32.56 -2.92
CA LEU A 1064 2.49 33.15 -1.72
C LEU A 1064 3.50 34.18 -2.13
N ARG A 1065 4.57 33.79 -2.88
CA ARG A 1065 5.62 34.65 -3.38
C ARG A 1065 5.27 35.97 -4.04
N ARG A 1066 3.99 36.28 -4.26
CA ARG A 1066 3.62 37.03 -5.42
C ARG A 1066 2.16 37.19 -5.29
N THR A 1067 1.76 38.40 -4.82
CA THR A 1067 0.43 38.96 -4.93
C THR A 1067 -0.59 38.07 -4.26
N ASN A 1068 -0.33 37.71 -2.98
CA ASN A 1068 -1.16 36.82 -2.22
C ASN A 1068 -2.53 37.42 -1.99
N LYS A 1069 -3.54 36.78 -2.59
CA LYS A 1069 -4.92 37.17 -2.50
C LYS A 1069 -5.74 36.01 -2.99
N LYS A 1070 -5.06 34.97 -3.55
CA LYS A 1070 -5.70 33.79 -4.07
C LYS A 1070 -5.20 32.66 -3.22
N VAL A 1071 -6.29 31.81 -3.14
CA VAL A 1071 -6.46 30.58 -2.40
C VAL A 1071 -5.72 29.55 -3.19
N VAL A 1072 -4.98 28.65 -2.48
CA VAL A 1072 -4.57 27.35 -2.97
C VAL A 1072 -5.39 26.35 -2.18
N VAL A 1073 -5.60 25.13 -2.71
CA VAL A 1073 -6.53 24.29 -2.00
C VAL A 1073 -5.98 22.91 -2.18
N TYR A 1074 -6.12 22.09 -1.12
CA TYR A 1074 -5.65 20.74 -1.04
C TYR A 1074 -6.86 20.05 -0.48
N LEU A 1075 -7.33 18.99 -1.17
CA LEU A 1075 -8.61 18.39 -0.89
C LEU A 1075 -8.30 16.97 -0.52
N ALA A 1076 -9.05 16.46 0.48
CA ALA A 1076 -8.53 15.28 1.13
C ALA A 1076 -8.97 14.03 0.41
N PRO A 1077 -8.01 12.80 0.84
CA PRO A 1077 -8.54 11.45 0.68
C PRO A 1077 -9.75 11.24 1.55
N ALA A 1078 -10.12 12.24 2.39
CA ALA A 1078 -11.44 12.48 2.93
C ALA A 1078 -11.50 12.10 4.37
N ARG A 1079 -12.74 12.03 4.90
CA ARG A 1079 -13.03 12.09 6.32
C ARG A 1079 -13.51 10.71 6.69
N ALA A 1080 -12.98 10.08 7.78
CA ALA A 1080 -11.98 10.54 8.72
C ALA A 1080 -10.65 10.42 7.99
N LEU A 1081 -9.68 11.37 8.05
CA LEU A 1081 -9.25 12.27 9.10
C LEU A 1081 -7.82 12.52 8.72
N ILE A 1082 -7.21 11.46 8.14
CA ILE A 1082 -5.83 11.23 7.79
C ILE A 1082 -5.13 12.33 7.07
N ASN A 1083 -5.80 13.08 6.16
CA ASN A 1083 -5.25 14.24 5.49
C ASN A 1083 -4.58 15.26 6.38
N GLN A 1084 -5.04 15.38 7.65
CA GLN A 1084 -5.01 16.66 8.29
C GLN A 1084 -3.64 16.95 8.81
N ALA A 1085 -3.10 16.04 9.65
CA ALA A 1085 -1.78 16.14 10.21
C ALA A 1085 -0.68 16.38 9.23
N VAL A 1086 -0.76 15.77 8.01
CA VAL A 1086 0.28 15.92 7.02
C VAL A 1086 0.17 17.25 6.35
N ALA A 1087 -1.05 17.63 5.89
CA ALA A 1087 -1.40 18.89 5.28
C ALA A 1087 -0.87 20.10 6.02
N ASP A 1088 -1.29 20.20 7.32
CA ASP A 1088 -0.82 21.14 8.32
C ASP A 1088 0.68 21.23 8.30
N VAL A 1089 1.37 20.12 8.67
CA VAL A 1089 2.81 20.01 8.82
C VAL A 1089 3.58 20.54 7.61
N CYS A 1090 3.14 20.18 6.37
CA CYS A 1090 3.74 20.62 5.12
C CYS A 1090 3.76 22.12 5.01
N ALA A 1091 2.58 22.75 5.14
CA ALA A 1091 2.41 24.19 4.95
C ALA A 1091 3.23 25.06 5.88
N ARG A 1092 3.75 24.48 6.99
CA ARG A 1092 4.54 25.15 8.00
C ARG A 1092 6.03 24.93 7.81
N TYR A 1093 6.49 24.49 6.61
CA TYR A 1093 7.72 25.01 6.01
C TYR A 1093 7.64 26.40 5.43
N GLY A 1094 7.05 27.35 6.18
CA GLY A 1094 7.41 28.74 6.08
C GLY A 1094 6.15 29.48 6.23
N SER A 1095 5.93 30.10 7.41
CA SER A 1095 4.84 31.02 7.62
C SER A 1095 5.30 32.39 7.25
N LYS A 1096 4.35 33.33 7.26
CA LYS A 1096 4.40 34.50 6.45
C LYS A 1096 3.56 35.47 7.22
N LYS A 1097 3.89 36.78 7.20
CA LYS A 1097 3.25 37.74 8.07
C LYS A 1097 2.30 38.56 7.24
N TYR A 1098 1.39 39.27 7.94
CA TYR A 1098 0.31 39.98 7.29
C TYR A 1098 0.05 41.21 8.12
N LYS A 1099 -0.88 42.05 7.63
CA LYS A 1099 -1.63 43.00 8.42
C LYS A 1099 -2.83 42.30 9.03
N ASN A 1100 -3.67 43.04 9.81
CA ASN A 1100 -4.96 42.68 10.40
C ASN A 1100 -5.76 41.64 9.63
N PRO A 1101 -6.50 40.72 10.30
CA PRO A 1101 -6.73 39.34 9.93
C PRO A 1101 -6.81 38.96 8.48
N GLY A 1102 -6.23 37.79 8.15
CA GLY A 1102 -5.06 37.80 7.32
C GLY A 1102 -4.78 36.35 7.17
N ARG A 1103 -3.99 35.78 8.12
CA ARG A 1103 -4.05 34.42 8.59
C ARG A 1103 -3.86 33.40 7.50
N TYR A 1104 -3.33 32.33 7.78
CA TYR A 1104 -2.51 31.51 6.92
C TYR A 1104 -3.23 30.30 6.37
N ILE A 1105 -3.94 29.53 7.24
CA ILE A 1105 -4.55 28.26 6.87
C ILE A 1105 -5.79 28.21 7.71
N TYR A 1106 -6.93 27.82 7.09
CA TYR A 1106 -8.11 27.37 7.81
C TYR A 1106 -8.40 26.00 7.30
N GLY A 1107 -8.70 25.07 8.23
CA GLY A 1107 -9.29 23.79 7.92
C GLY A 1107 -10.75 23.51 8.12
N ALA A 1108 -11.18 22.31 7.72
CA ALA A 1108 -11.97 21.47 8.32
C ALA A 1108 -13.17 20.83 7.70
N LEU A 1109 -13.82 20.04 8.75
CA LEU A 1109 -14.71 18.93 8.88
C LEU A 1109 -14.13 17.73 8.17
N GLY A 1110 -13.62 16.73 8.95
CA GLY A 1110 -12.47 16.50 9.79
C GLY A 1110 -12.24 15.03 9.97
N GLY A 1111 -11.47 14.69 11.01
CA GLY A 1111 -12.01 14.56 12.34
C GLY A 1111 -11.21 15.43 13.25
N ALA A 1112 -10.23 16.16 12.67
CA ALA A 1112 -9.49 17.21 13.30
C ALA A 1112 -9.37 18.24 12.20
N ASP A 1113 -9.26 19.56 12.49
CA ASP A 1113 -9.28 20.18 13.80
C ASP A 1113 -10.66 20.11 14.41
N TYR A 1114 -11.70 20.29 13.56
CA TYR A 1114 -13.13 20.10 13.78
C TYR A 1114 -13.70 21.35 13.19
N HIS A 1115 -15.00 21.29 12.76
CA HIS A 1115 -15.90 22.33 12.29
C HIS A 1115 -15.51 23.72 12.73
N GLN A 1116 -15.23 24.58 11.72
CA GLN A 1116 -14.86 25.99 11.81
C GLN A 1116 -13.56 26.18 12.53
N PHE A 1117 -13.09 27.44 12.72
CA PHE A 1117 -12.46 28.30 11.73
C PHE A 1117 -12.69 27.99 10.27
N HIS A 1118 -13.65 28.70 9.63
CA HIS A 1118 -14.03 28.42 8.27
C HIS A 1118 -13.16 29.14 7.28
N ASP A 1119 -13.01 30.47 7.47
CA ASP A 1119 -12.94 31.38 6.35
C ASP A 1119 -11.53 31.81 6.11
N SER A 1120 -11.13 32.96 6.69
CA SER A 1120 -10.09 33.82 6.17
C SER A 1120 -8.74 33.18 6.20
N CYS A 1121 -8.12 33.12 5.00
CA CYS A 1121 -6.83 32.54 4.71
C CYS A 1121 -6.95 32.36 3.22
N GLN A 1122 -6.22 32.85 2.23
CA GLN A 1122 -5.14 32.15 1.57
C GLN A 1122 -5.35 30.66 1.66
N VAL A 1123 -4.79 29.45 2.42
CA VAL A 1123 -4.98 28.17 1.76
C VAL A 1123 -5.85 27.29 2.62
N LEU A 1124 -6.64 26.36 2.01
CA LEU A 1124 -7.73 25.68 2.64
C LEU A 1124 -7.42 24.21 2.61
N LEU A 1125 -8.18 23.48 3.45
CA LEU A 1125 -8.09 22.05 3.65
C LEU A 1125 -9.37 21.56 4.24
N THR A 1126 -10.19 20.82 3.46
CA THR A 1126 -11.52 20.29 3.64
C THR A 1126 -11.55 19.02 2.84
N VAL A 1127 -12.81 18.70 2.50
CA VAL A 1127 -13.28 17.45 1.97
C VAL A 1127 -14.44 17.93 1.12
N PRO A 1128 -14.58 16.97 0.20
CA PRO A 1128 -15.50 17.07 -0.93
C PRO A 1128 -16.77 17.87 -0.77
N GLU A 1129 -17.49 17.66 0.36
CA GLU A 1129 -18.83 18.04 0.68
C GLU A 1129 -18.74 19.45 1.15
N THR A 1130 -17.82 19.73 2.10
CA THR A 1130 -17.48 21.04 2.61
C THR A 1130 -17.19 21.99 1.46
N PHE A 1131 -16.34 21.59 0.50
CA PHE A 1131 -15.95 22.39 -0.65
C PHE A 1131 -17.11 22.66 -1.58
N GLU A 1132 -17.98 21.64 -1.82
CA GLU A 1132 -19.16 21.71 -2.65
C GLU A 1132 -20.07 22.81 -2.21
N THR A 1133 -20.59 22.74 -0.96
CA THR A 1133 -21.41 23.75 -0.32
C THR A 1133 -20.80 25.13 -0.42
N MET A 1134 -19.48 25.26 -0.13
CA MET A 1134 -18.69 26.47 -0.24
C MET A 1134 -18.69 27.09 -1.65
N LEU A 1135 -19.18 26.36 -2.67
CA LEU A 1135 -19.10 26.77 -4.05
C LEU A 1135 -20.46 27.32 -4.38
N LEU A 1136 -21.49 26.46 -4.50
CA LEU A 1136 -22.86 26.81 -4.75
C LEU A 1136 -23.49 27.86 -3.86
N SER A 1137 -23.19 27.13 -2.79
CA SER A 1137 -23.57 27.58 -1.73
C SER A 1137 -23.47 29.06 -2.11
N PRO A 1138 -24.54 29.84 -2.00
CA PRO A 1138 -24.69 31.09 -2.73
C PRO A 1138 -23.93 32.26 -2.16
N LYS A 1139 -23.50 32.22 -0.88
CA LYS A 1139 -22.88 33.38 -0.28
C LYS A 1139 -21.39 33.22 -0.31
N TYR A 1140 -20.92 31.98 -0.64
CA TYR A 1140 -19.52 31.64 -0.70
C TYR A 1140 -19.00 31.79 -2.10
N THR A 1141 -19.86 32.16 -3.09
CA THR A 1141 -19.48 32.39 -4.47
C THR A 1141 -18.29 33.31 -4.64
N ASP A 1142 -18.18 34.33 -3.77
CA ASP A 1142 -17.12 35.31 -3.65
C ASP A 1142 -15.75 34.69 -3.62
N TRP A 1143 -15.59 33.63 -2.79
CA TRP A 1143 -14.38 32.86 -2.61
C TRP A 1143 -13.96 32.17 -3.86
N VAL A 1144 -14.93 31.67 -4.65
CA VAL A 1144 -14.75 30.67 -5.68
C VAL A 1144 -13.86 31.24 -6.75
N GLU A 1145 -14.20 32.46 -7.20
CA GLU A 1145 -13.52 33.20 -8.24
C GLU A 1145 -12.11 33.60 -7.87
N LEU A 1146 -11.78 33.63 -6.56
CA LEU A 1146 -10.44 33.89 -6.09
C LEU A 1146 -9.64 32.62 -5.97
N ILE A 1147 -10.23 31.44 -6.25
CA ILE A 1147 -9.49 30.20 -6.19
C ILE A 1147 -8.82 30.03 -7.52
N ASP A 1148 -7.49 30.20 -7.52
CA ASP A 1148 -6.62 29.60 -8.50
C ASP A 1148 -5.58 29.07 -7.58
N TYR A 1149 -5.87 27.79 -7.81
CA TYR A 1149 -5.50 26.62 -8.12
C TYR A 1149 -5.78 25.56 -7.09
N VAL A 1150 -6.36 24.01 -7.56
CA VAL A 1150 -7.03 23.11 -6.65
C VAL A 1150 -6.49 21.76 -7.00
N ILE A 1151 -6.05 21.03 -5.94
CA ILE A 1151 -5.40 19.76 -6.07
C ILE A 1151 -6.05 18.97 -4.98
N LEU A 1152 -6.20 17.64 -5.19
CA LEU A 1152 -7.06 16.79 -4.41
C LEU A 1152 -6.35 15.48 -4.46
N ASP A 1153 -6.18 14.33 -3.31
CA ASP A 1153 -5.12 13.36 -3.19
C ASP A 1153 -5.75 12.03 -3.45
N GLU A 1154 -5.14 11.10 -4.05
CA GLU A 1154 -5.56 9.72 -3.97
C GLU A 1154 -6.98 9.52 -4.43
N ILE A 1155 -7.71 9.44 -5.63
CA ILE A 1155 -7.06 9.14 -6.70
C ILE A 1155 -7.65 7.77 -6.86
N HIS A 1156 -6.78 6.76 -7.15
CA HIS A 1156 -7.09 5.35 -7.28
C HIS A 1156 -7.64 4.78 -6.00
N SER A 1157 -6.92 5.00 -4.89
CA SER A 1157 -7.17 4.41 -3.60
C SER A 1157 -8.53 4.78 -3.05
N MET A 1158 -8.98 6.03 -3.29
CA MET A 1158 -10.30 6.49 -2.91
C MET A 1158 -11.33 6.08 -3.92
N GLU A 1159 -10.97 6.07 -5.23
CA GLU A 1159 -11.87 5.70 -6.30
C GLU A 1159 -12.45 4.31 -6.14
N SER A 1160 -11.61 3.32 -5.74
CA SER A 1160 -12.05 1.96 -5.52
C SER A 1160 -12.88 1.78 -4.27
N ASN A 1161 -12.36 2.25 -3.11
CA ASN A 1161 -12.90 1.92 -1.80
C ASN A 1161 -13.83 3.00 -1.28
N GLY A 1162 -14.15 4.00 -2.12
CA GLY A 1162 -15.09 5.05 -1.83
C GLY A 1162 -16.42 4.68 -2.41
N ASN A 1163 -17.25 5.65 -2.91
CA ASN A 1163 -17.04 7.08 -3.07
C ASN A 1163 -15.96 7.37 -4.08
N GLY A 1164 -16.16 6.87 -5.32
CA GLY A 1164 -15.26 7.12 -6.42
C GLY A 1164 -16.06 7.69 -7.58
N ASP A 1165 -18.70 9.13 -6.78
CA ASP A 1165 -19.57 10.15 -7.41
C ASP A 1165 -18.99 11.52 -7.28
N VAL A 1166 -18.70 11.95 -6.02
CA VAL A 1166 -18.22 13.24 -5.59
C VAL A 1166 -17.05 13.77 -6.39
N TRP A 1167 -16.06 12.91 -6.73
CA TRP A 1167 -14.98 13.23 -7.65
C TRP A 1167 -15.39 13.88 -8.95
N GLU A 1168 -16.45 13.34 -9.60
CA GLU A 1168 -16.83 13.72 -10.94
C GLU A 1168 -17.38 15.12 -10.97
N ARG A 1169 -18.24 15.45 -9.98
CA ARG A 1169 -18.74 16.77 -9.68
C ARG A 1169 -17.72 17.89 -9.64
N ILE A 1170 -16.51 17.62 -9.10
CA ILE A 1170 -15.58 18.67 -8.73
C ILE A 1170 -14.56 18.85 -9.84
N LEU A 1171 -14.63 18.01 -10.90
CA LEU A 1171 -13.80 18.14 -12.07
C LEU A 1171 -14.70 18.49 -13.23
N ALA A 1172 -15.98 18.81 -12.98
CA ALA A 1172 -16.89 19.24 -14.02
C ALA A 1172 -17.08 20.73 -13.97
N LEU A 1173 -16.78 21.37 -12.83
CA LEU A 1173 -17.50 22.56 -12.42
C LEU A 1173 -16.47 23.58 -12.04
N LEU A 1174 -16.57 24.80 -12.64
CA LEU A 1174 -16.10 26.06 -12.08
C LEU A 1174 -14.58 26.17 -12.10
N PRO A 1175 -13.92 27.32 -11.86
CA PRO A 1175 -12.49 27.51 -12.08
C PRO A 1175 -11.65 26.47 -11.36
N CYS A 1176 -10.77 25.76 -12.10
CA CYS A 1176 -9.43 25.60 -11.63
C CYS A 1176 -8.57 25.15 -12.79
N PRO A 1177 -7.11 25.20 -12.63
CA PRO A 1177 -6.12 24.29 -13.17
C PRO A 1177 -5.92 23.43 -11.94
N PHE A 1178 -5.80 22.09 -12.13
CA PHE A 1178 -5.68 21.03 -11.15
C PHE A 1178 -4.49 20.14 -11.41
N VAL A 1179 -3.89 19.67 -10.30
CA VAL A 1179 -2.94 18.59 -10.28
C VAL A 1179 -3.71 17.53 -9.53
N ALA A 1180 -3.51 16.25 -9.87
CA ALA A 1180 -4.21 15.19 -9.18
C ALA A 1180 -3.30 14.01 -9.22
N LEU A 1181 -3.55 13.05 -8.30
CA LEU A 1181 -2.50 12.21 -7.79
C LEU A 1181 -3.06 10.83 -7.77
N SER A 1182 -2.31 9.89 -8.38
CA SER A 1182 -2.75 8.54 -8.55
C SER A 1182 -1.51 7.71 -8.60
N ALA A 1183 -1.48 6.61 -8.03
CA ALA A 1183 -0.84 5.62 -8.24
C ALA A 1183 -1.42 4.99 -9.49
N THR A 1184 -1.16 3.67 -9.68
CA THR A 1184 -1.31 2.97 -10.93
C THR A 1184 -2.76 2.91 -11.37
N LEU A 1185 -3.00 3.09 -12.69
CA LEU A 1185 -4.30 2.98 -13.31
C LEU A 1185 -4.00 2.32 -14.62
N GLY A 1186 -4.69 1.19 -14.90
CA GLY A 1186 -4.40 0.35 -16.03
C GLY A 1186 -5.03 0.72 -17.34
N GLU A 1187 -5.91 1.75 -17.40
CA GLU A 1187 -6.61 2.09 -18.63
C GLU A 1187 -6.40 3.55 -18.86
N THR A 1188 -6.06 3.91 -20.13
CA THR A 1188 -5.06 4.92 -20.37
C THR A 1188 -5.67 6.29 -20.62
N GLN A 1189 -5.65 6.79 -21.88
CA GLN A 1189 -6.66 6.89 -22.92
C GLN A 1189 -8.07 7.15 -22.43
N GLN A 1190 -8.68 6.23 -21.64
CA GLN A 1190 -10.07 6.35 -21.24
C GLN A 1190 -10.24 7.46 -20.25
N LEU A 1191 -9.37 7.46 -19.21
CA LEU A 1191 -9.14 8.53 -18.26
C LEU A 1191 -8.92 9.82 -18.99
N CYS A 1192 -7.78 9.93 -19.71
CA CYS A 1192 -7.30 11.13 -20.36
C CYS A 1192 -8.30 11.79 -21.28
N SER A 1193 -9.10 11.01 -22.04
CA SER A 1193 -10.19 11.48 -22.87
C SER A 1193 -11.24 12.23 -22.10
N TRP A 1194 -11.66 11.72 -20.92
CA TRP A 1194 -12.72 12.25 -20.10
C TRP A 1194 -12.32 13.60 -19.59
N LEU A 1195 -11.10 13.64 -19.00
CA LEU A 1195 -10.36 14.81 -18.58
C LEU A 1195 -10.31 15.89 -19.65
N ASN A 1196 -9.57 15.63 -20.76
CA ASN A 1196 -9.28 16.54 -21.86
C ASN A 1196 -10.52 17.16 -22.47
N ARG A 1197 -11.58 16.33 -22.64
CA ARG A 1197 -12.95 16.70 -22.97
C ARG A 1197 -13.41 17.85 -22.12
N VAL A 1198 -13.49 17.61 -20.79
CA VAL A 1198 -14.13 18.51 -19.86
C VAL A 1198 -13.27 19.72 -19.59
N GLN A 1199 -11.97 19.70 -19.98
CA GLN A 1199 -11.16 20.89 -20.10
C GLN A 1199 -11.60 21.78 -21.22
N GLY A 1200 -11.73 21.23 -22.45
CA GLY A 1200 -12.25 21.95 -23.58
C GLY A 1200 -13.63 22.55 -23.42
N ARG A 1201 -14.50 21.91 -22.59
CA ARG A 1201 -15.80 22.45 -22.28
C ARG A 1201 -15.76 23.64 -21.37
N LEU A 1202 -14.74 23.73 -20.47
CA LEU A 1202 -14.52 24.87 -19.62
C LEU A 1202 -14.12 26.07 -20.44
N LYS A 1203 -13.13 25.89 -21.35
CA LYS A 1203 -12.70 26.84 -22.35
C LYS A 1203 -13.85 27.41 -23.12
N GLU A 1204 -14.75 26.53 -23.60
CA GLU A 1204 -15.95 26.88 -24.33
C GLU A 1204 -16.82 27.85 -23.56
N GLN A 1205 -17.15 27.52 -22.28
CA GLN A 1205 -17.97 28.38 -21.45
C GLN A 1205 -17.41 29.74 -21.14
N THR A 1206 -16.06 29.92 -21.14
CA THR A 1206 -15.45 31.17 -20.72
C THR A 1206 -15.37 32.12 -21.91
N GLU A 1207 -16.09 31.82 -23.01
CA GLU A 1207 -15.99 32.56 -24.26
C GLU A 1207 -17.16 33.51 -24.34
N GLU A 1208 -17.05 34.65 -25.08
CA GLU A 1208 -15.88 35.15 -25.75
C GLU A 1208 -15.13 36.05 -24.81
N MET A 1209 -14.11 35.45 -24.17
CA MET A 1209 -12.93 36.10 -23.66
C MET A 1209 -11.86 35.04 -23.75
N SER A 1210 -12.29 33.75 -23.78
CA SER A 1210 -11.52 32.55 -23.56
C SER A 1210 -10.79 32.63 -22.23
N GLY A 1211 -9.85 31.69 -21.96
CA GLY A 1211 -9.05 31.72 -20.76
C GLY A 1211 -7.88 32.63 -21.02
N LYS A 1212 -7.04 32.86 -19.99
CA LYS A 1212 -5.91 33.75 -20.09
C LYS A 1212 -4.87 33.11 -20.97
N MET A 1213 -4.70 31.77 -20.78
CA MET A 1213 -3.81 30.90 -21.51
C MET A 1213 -3.69 29.67 -20.68
N ARG A 1214 -3.48 28.52 -21.36
CA ARG A 1214 -4.11 27.23 -21.16
C ARG A 1214 -5.64 27.33 -21.12
N ASP A 1215 -6.48 26.28 -21.39
CA ASP A 1215 -6.61 24.94 -20.89
C ASP A 1215 -5.61 23.96 -21.47
N PHE A 1216 -5.75 22.98 -21.15
CA PHE A 1216 -5.32 21.75 -21.66
C PHE A 1216 -4.94 20.92 -20.48
N GLU A 1217 -4.88 19.59 -20.71
CA GLU A 1217 -4.76 18.60 -19.70
C GLU A 1217 -3.73 17.69 -20.30
N VAL A 1218 -2.71 17.33 -19.47
CA VAL A 1218 -1.55 16.53 -19.73
C VAL A 1218 -1.58 15.41 -18.73
N HIS A 1219 -0.73 14.42 -18.95
CA HIS A 1219 -1.20 13.16 -18.43
C HIS A 1219 0.02 12.30 -18.46
N LEU A 1220 0.84 12.42 -17.19
CA LEU A 1220 2.23 12.07 -17.00
C LEU A 1220 2.28 10.59 -16.83
N LEU A 1221 2.65 9.66 -17.55
CA LEU A 1221 3.10 8.30 -17.46
C LEU A 1221 4.51 8.28 -17.98
N PRO A 1222 5.00 9.42 -19.07
CA PRO A 1222 4.88 9.33 -20.55
C PRO A 1222 6.01 8.45 -21.01
N SER A 1223 6.37 7.43 -20.19
CA SER A 1223 6.40 6.04 -20.57
C SER A 1223 7.82 5.60 -20.82
N GLU A 1224 8.42 4.95 -19.79
CA GLU A 1224 9.11 3.69 -19.97
C GLU A 1224 8.31 2.54 -19.39
N GLY A 1225 7.46 2.69 -18.34
CA GLY A 1225 7.60 3.58 -17.21
C GLY A 1225 6.82 3.01 -16.08
N LYS A 1226 6.66 3.82 -15.02
CA LYS A 1226 7.11 3.49 -13.68
C LYS A 1226 7.75 4.74 -13.16
N SER A 1227 7.69 4.94 -11.83
CA SER A 1227 8.44 5.99 -11.18
C SER A 1227 9.38 5.41 -10.17
N ILE A 1228 8.91 5.24 -8.90
CA ILE A 1228 9.74 4.97 -7.76
C ILE A 1228 9.57 3.52 -7.38
N GLN A 1229 9.08 2.70 -8.34
CA GLN A 1229 9.09 1.26 -8.25
C GLN A 1229 10.32 0.78 -9.02
N ARG A 1230 10.95 1.71 -9.78
CA ARG A 1230 12.25 1.54 -10.36
C ARG A 1230 13.34 1.78 -9.34
N TRP A 1231 13.02 2.54 -8.25
CA TRP A 1231 13.99 3.03 -7.30
C TRP A 1231 14.63 1.91 -6.54
N ASN A 1232 13.82 0.96 -6.03
CA ASN A 1232 14.32 -0.25 -5.42
C ASN A 1232 13.27 -1.30 -5.61
N ASP A 1233 13.72 -2.56 -5.49
CA ASP A 1233 12.90 -3.74 -5.62
C ASP A 1233 12.43 -4.12 -4.26
N ILE A 1234 11.31 -4.88 -4.22
CA ILE A 1234 10.67 -5.30 -3.00
C ILE A 1234 10.58 -6.79 -3.17
N LYS A 1235 11.22 -7.55 -2.26
CA LYS A 1235 11.14 -8.98 -2.23
C LYS A 1235 9.93 -9.31 -1.40
N LYS A 1236 9.17 -10.35 -1.81
CA LYS A 1236 8.05 -10.85 -1.07
C LYS A 1236 8.41 -12.25 -0.72
N TYR A 1237 8.40 -12.58 0.59
CA TYR A 1237 8.67 -13.92 1.06
C TYR A 1237 7.91 -14.05 2.34
N ILE A 1238 7.36 -15.26 2.61
CA ILE A 1238 6.10 -15.41 3.31
C ILE A 1238 6.18 -16.46 4.37
N TYR A 1239 5.11 -16.48 5.20
CA TYR A 1239 5.09 -16.98 6.53
C TYR A 1239 4.59 -18.39 6.37
N LEU A 1240 5.23 -19.34 7.08
CA LEU A 1240 4.86 -20.72 7.07
C LEU A 1240 5.81 -21.39 8.04
N PRO A 1241 5.40 -21.78 9.25
CA PRO A 1241 6.30 -22.42 10.20
C PRO A 1241 6.54 -23.84 9.78
N PRO A 1242 7.71 -24.45 10.00
CA PRO A 1242 7.88 -25.88 9.93
C PRO A 1242 6.93 -26.62 10.88
N PRO A 1243 6.09 -27.56 10.46
CA PRO A 1243 5.10 -28.21 11.32
C PRO A 1243 5.71 -28.89 12.52
N GLY A 1244 5.25 -28.54 13.73
CA GLY A 1244 5.63 -29.18 14.96
C GLY A 1244 6.82 -28.42 15.45
N ALA A 1245 6.63 -27.59 16.49
CA ALA A 1245 7.70 -26.82 17.05
C ALA A 1245 7.29 -26.38 18.42
N ALA A 1246 8.28 -25.84 19.16
CA ALA A 1246 8.09 -25.11 20.39
C ALA A 1246 7.89 -23.66 20.05
N LEU A 1247 7.67 -22.83 21.09
CA LEU A 1247 7.29 -21.45 20.94
C LEU A 1247 7.82 -20.74 22.14
N THR A 1248 7.68 -19.39 22.16
CA THR A 1248 8.18 -18.44 23.13
C THR A 1248 9.52 -17.92 22.69
N GLN A 1249 10.58 -18.76 22.87
CA GLN A 1249 11.84 -18.74 22.15
C GLN A 1249 12.77 -17.88 22.95
N LYS A 1250 12.70 -16.54 22.71
CA LYS A 1250 13.45 -15.48 23.34
C LYS A 1250 14.96 -15.66 23.43
N LYS A 1251 15.59 -14.79 24.27
CA LYS A 1251 16.66 -13.95 23.81
C LYS A 1251 17.94 -14.29 24.53
N ILE A 1252 19.09 -13.93 23.89
CA ILE A 1252 20.44 -14.29 24.26
C ILE A 1252 20.56 -15.79 24.16
N LYS A 1253 20.41 -16.27 22.91
CA LYS A 1253 20.21 -17.66 22.63
C LYS A 1253 20.62 -17.83 21.19
N ALA A 1254 21.02 -19.07 20.79
CA ALA A 1254 21.33 -19.41 19.41
C ALA A 1254 20.10 -19.36 18.56
N GLN A 1255 20.24 -18.92 17.28
CA GLN A 1255 19.11 -18.84 16.39
C GLN A 1255 19.59 -18.89 14.97
N TYR A 1256 18.66 -19.29 14.10
CA TYR A 1256 18.86 -19.70 12.74
C TYR A 1256 17.46 -19.55 12.20
N ASN A 1257 17.23 -19.84 10.90
CA ASN A 1257 15.88 -20.12 10.44
C ASN A 1257 15.69 -21.62 10.37
N ASN A 1258 14.68 -22.26 11.04
CA ASN A 1258 13.62 -21.85 11.95
C ASN A 1258 12.56 -20.99 11.30
N CYS A 1259 12.85 -19.67 11.16
CA CYS A 1259 11.95 -18.59 10.89
C CYS A 1259 11.19 -18.84 9.62
N TYR A 1260 9.96 -18.31 9.61
CA TYR A 1260 8.85 -18.85 8.88
C TYR A 1260 8.81 -18.14 7.55
N ILE A 1261 9.62 -17.07 7.44
CA ILE A 1261 9.77 -16.17 6.33
C ILE A 1261 10.25 -16.82 5.07
N ARG A 1262 11.27 -17.72 5.14
CA ARG A 1262 11.81 -18.47 4.01
C ARG A 1262 12.06 -17.63 2.77
N ASP A 1263 11.79 -18.18 1.57
CA ASP A 1263 11.83 -17.45 0.31
C ASP A 1263 10.42 -17.50 -0.22
N LEU A 1264 10.23 -17.25 -1.54
CA LEU A 1264 8.97 -17.48 -2.17
C LEU A 1264 9.27 -17.69 -3.63
N HIS A 1265 9.58 -16.59 -4.37
CA HIS A 1265 9.63 -16.50 -5.82
C HIS A 1265 8.20 -16.50 -6.35
N PRO A 1266 7.72 -15.46 -7.04
CA PRO A 1266 6.31 -15.07 -7.09
C PRO A 1266 5.39 -16.18 -7.54
N LEU A 1267 4.33 -16.46 -6.75
CA LEU A 1267 3.44 -17.59 -6.88
C LEU A 1267 2.75 -17.62 -8.21
N SER A 1268 2.71 -18.84 -8.81
CA SER A 1268 2.46 -19.12 -10.19
C SER A 1268 3.46 -18.53 -11.13
N ILE A 1269 4.23 -19.42 -11.79
CA ILE A 1269 4.73 -19.15 -13.13
C ILE A 1269 4.32 -20.41 -13.84
N LEU A 1270 3.49 -20.26 -14.90
CA LEU A 1270 2.63 -21.31 -15.38
C LEU A 1270 2.52 -21.17 -16.87
N THR A 1271 1.70 -22.06 -17.46
CA THR A 1271 1.46 -22.20 -18.86
C THR A 1271 0.12 -21.58 -19.10
N ALA A 1272 -0.91 -22.05 -18.36
CA ALA A 1272 -2.30 -21.68 -18.51
C ALA A 1272 -2.52 -20.20 -18.30
N ASP A 1273 -2.02 -19.64 -17.17
CA ASP A 1273 -2.15 -18.24 -16.81
C ASP A 1273 -1.62 -17.34 -17.90
N GLN A 1274 -0.37 -17.61 -18.36
CA GLN A 1274 0.35 -16.87 -19.37
C GLN A 1274 -0.37 -16.69 -20.67
N LEU A 1275 -1.17 -17.70 -21.12
CA LEU A 1275 -2.00 -17.65 -22.30
C LEU A 1275 -2.88 -16.42 -22.31
N GLN A 1276 -3.87 -16.37 -21.39
CA GLN A 1276 -4.73 -15.24 -21.15
C GLN A 1276 -3.99 -13.97 -20.79
N ARG A 1277 -3.16 -14.05 -19.73
CA ARG A 1277 -2.74 -12.90 -18.97
C ARG A 1277 -1.49 -12.24 -19.50
N GLY A 1278 -0.74 -12.93 -20.40
CA GLY A 1278 0.66 -12.72 -20.72
C GLY A 1278 1.12 -11.29 -20.80
N PHE A 1279 2.06 -10.81 -19.92
CA PHE A 1279 2.56 -11.40 -18.71
C PHE A 1279 2.23 -10.38 -17.66
N PRO A 1280 1.49 -10.67 -16.59
CA PRO A 1280 0.76 -9.64 -15.86
C PRO A 1280 1.64 -9.06 -14.78
N PRO A 1281 1.31 -7.91 -14.18
CA PRO A 1281 1.79 -7.47 -12.87
C PRO A 1281 1.58 -8.49 -11.78
N ASP A 1282 2.29 -8.41 -10.62
CA ASP A 1282 3.29 -7.45 -10.25
C ASP A 1282 4.58 -8.19 -10.28
N ILE A 1283 5.48 -7.77 -11.19
CA ILE A 1283 6.78 -8.37 -11.32
C ILE A 1283 7.63 -7.31 -11.97
N SER A 1284 8.97 -7.39 -11.79
CA SER A 1284 9.86 -6.36 -12.26
C SER A 1284 11.27 -6.83 -12.09
N LEU A 1285 11.61 -7.36 -10.89
CA LEU A 1285 12.94 -7.27 -10.33
C LEU A 1285 14.02 -7.94 -11.14
N VAL A 1286 15.22 -7.32 -11.11
CA VAL A 1286 16.46 -7.93 -11.52
C VAL A 1286 17.46 -7.49 -10.48
N PRO A 1287 18.60 -8.16 -10.35
CA PRO A 1287 18.95 -9.43 -10.95
C PRO A 1287 18.37 -10.54 -10.12
N SER A 1288 18.71 -11.80 -10.49
CA SER A 1288 18.21 -13.01 -9.89
C SER A 1288 16.71 -13.09 -9.95
N GLU A 1289 16.16 -12.97 -11.17
CA GLU A 1289 14.80 -13.41 -11.42
C GLU A 1289 14.80 -13.96 -12.79
N VAL A 1290 15.08 -13.09 -13.79
CA VAL A 1290 15.01 -13.44 -15.18
C VAL A 1290 16.40 -13.68 -15.68
N VAL A 1291 17.43 -13.51 -14.80
CA VAL A 1291 18.83 -13.68 -15.11
C VAL A 1291 19.12 -15.09 -15.53
N SER A 1292 19.02 -16.07 -14.59
CA SER A 1292 19.30 -17.47 -14.84
C SER A 1292 18.20 -18.15 -15.63
N LEU A 1293 16.98 -17.56 -15.65
CA LEU A 1293 15.89 -17.89 -16.55
C LEU A 1293 16.29 -17.86 -18.01
N PHE A 1294 17.19 -16.91 -18.37
CA PHE A 1294 17.81 -16.80 -19.68
C PHE A 1294 18.51 -18.08 -20.04
N GLU A 1295 19.34 -18.62 -19.13
CA GLU A 1295 20.11 -19.82 -19.33
C GLU A 1295 19.26 -21.03 -19.67
N LYS A 1296 18.00 -21.05 -19.21
CA LYS A 1296 16.99 -22.05 -19.50
C LYS A 1296 16.35 -21.82 -20.85
N MET A 1297 15.78 -20.61 -21.04
CA MET A 1297 15.14 -20.14 -22.25
C MET A 1297 16.00 -20.25 -23.50
N HIS A 1298 17.32 -20.12 -23.35
CA HIS A 1298 18.22 -19.99 -24.47
C HIS A 1298 18.81 -21.33 -24.84
N SER A 1299 18.45 -22.40 -24.11
CA SER A 1299 19.10 -23.68 -24.25
C SER A 1299 18.12 -24.73 -24.73
N LYS A 1300 16.90 -24.33 -25.16
CA LYS A 1300 15.83 -25.31 -25.23
C LYS A 1300 14.72 -24.78 -26.10
N PHE A 1301 14.88 -23.55 -26.63
CA PHE A 1301 13.99 -22.98 -27.64
C PHE A 1301 14.81 -22.87 -28.89
N ASN A 1302 16.02 -23.47 -28.89
CA ASN A 1302 17.07 -23.21 -29.83
C ASN A 1302 17.76 -24.52 -30.07
N GLU A 1303 17.58 -25.48 -29.14
CA GLU A 1303 18.20 -26.79 -29.16
C GLU A 1303 17.13 -27.80 -29.50
N VAL A 1304 16.00 -27.33 -30.06
CA VAL A 1304 14.83 -28.12 -30.34
C VAL A 1304 15.09 -29.19 -31.39
N VAL A 1305 15.82 -28.83 -32.48
CA VAL A 1305 16.42 -29.68 -33.51
C VAL A 1305 15.67 -30.97 -33.83
N TRP A 1306 14.57 -30.95 -34.62
CA TRP A 1306 13.84 -29.80 -35.09
C TRP A 1306 12.42 -30.28 -35.38
N PRO A 1307 11.57 -30.63 -34.40
CA PRO A 1307 10.60 -31.70 -34.61
C PRO A 1307 9.29 -31.17 -35.13
N ASN A 1308 8.89 -29.92 -34.78
CA ASN A 1308 7.82 -29.23 -35.44
C ASN A 1308 7.99 -27.81 -35.00
N TYR A 1309 9.11 -27.21 -35.42
CA TYR A 1309 9.24 -25.77 -35.45
C TYR A 1309 9.55 -25.41 -36.88
N SER A 1310 9.43 -26.38 -37.80
CA SER A 1310 9.91 -26.28 -39.15
C SER A 1310 8.76 -25.91 -40.04
N SER A 1311 7.55 -25.81 -39.46
CA SER A 1311 6.35 -25.44 -40.15
C SER A 1311 5.77 -24.32 -39.30
N LEU A 1312 5.59 -23.08 -39.83
CA LEU A 1312 6.21 -22.52 -41.01
C LEU A 1312 7.56 -21.97 -40.63
N GLN A 1313 7.68 -20.64 -40.46
CA GLN A 1313 8.91 -19.95 -40.17
C GLN A 1313 9.10 -19.76 -38.69
N LEU A 1314 8.28 -20.46 -37.85
CA LEU A 1314 8.20 -20.41 -36.41
C LEU A 1314 9.55 -20.34 -35.73
N ALA A 1315 10.44 -21.33 -36.01
CA ALA A 1315 11.76 -21.45 -35.44
C ALA A 1315 12.60 -20.20 -35.57
N LYS A 1316 12.61 -19.57 -36.77
CA LYS A 1316 13.37 -18.37 -37.01
C LYS A 1316 12.67 -17.15 -36.47
N THR A 1317 11.32 -17.16 -36.39
CA THR A 1317 10.50 -16.11 -35.79
C THR A 1317 10.81 -15.97 -34.31
N LEU A 1318 11.40 -17.01 -33.70
CA LEU A 1318 11.80 -17.00 -32.32
C LEU A 1318 13.25 -16.67 -32.25
N ARG A 1319 14.14 -17.43 -32.94
CA ARG A 1319 15.58 -17.26 -32.89
C ARG A 1319 16.11 -15.95 -33.41
N ALA A 1320 15.31 -15.15 -34.17
CA ALA A 1320 15.59 -13.78 -34.49
C ALA A 1320 15.54 -12.81 -33.32
N GLN A 1321 14.96 -13.24 -32.18
CA GLN A 1321 14.67 -12.38 -31.07
C GLN A 1321 15.59 -12.76 -29.95
N LEU A 1322 15.54 -14.05 -29.53
CA LEU A 1322 16.15 -14.67 -28.36
C LEU A 1322 17.57 -14.25 -28.15
N MET A 1323 18.44 -14.59 -29.13
CA MET A 1323 19.85 -14.32 -29.19
C MET A 1323 20.19 -12.88 -28.88
N LEU A 1324 19.45 -11.94 -29.53
CA LEU A 1324 19.65 -10.52 -29.46
C LEU A 1324 19.25 -9.92 -28.13
N ILE A 1325 18.48 -10.63 -27.28
CA ILE A 1325 18.05 -10.10 -26.00
C ILE A 1325 19.23 -10.01 -25.05
N GLU A 1326 20.28 -10.85 -25.24
CA GLU A 1326 21.46 -10.83 -24.40
C GLU A 1326 22.31 -9.59 -24.56
N PRO A 1327 22.73 -9.07 -25.72
CA PRO A 1327 23.53 -7.87 -25.79
C PRO A 1327 22.74 -6.66 -25.31
N SER A 1328 21.46 -6.52 -25.69
CA SER A 1328 20.58 -5.43 -25.30
C SER A 1328 20.39 -5.29 -23.80
N LYS A 1329 20.55 -6.41 -23.04
CA LYS A 1329 20.48 -6.46 -21.60
C LYS A 1329 21.72 -5.91 -20.93
N TYR A 1330 22.91 -6.01 -21.58
CA TYR A 1330 24.16 -5.53 -21.04
C TYR A 1330 24.46 -4.15 -21.56
N PHE A 1331 24.50 -4.01 -22.90
CA PHE A 1331 25.22 -2.98 -23.61
C PHE A 1331 24.39 -1.72 -23.78
N GLU A 1332 23.23 -1.62 -23.09
CA GLU A 1332 22.69 -0.33 -22.70
C GLU A 1332 23.50 0.15 -21.53
N ALA A 1333 24.33 1.20 -21.78
CA ALA A 1333 25.35 1.68 -20.87
C ALA A 1333 26.41 0.65 -20.56
N GLU A 1334 27.17 0.22 -21.60
CA GLU A 1334 28.41 -0.51 -21.46
C GLU A 1334 29.50 0.38 -20.92
N THR A 1335 30.55 -0.26 -20.35
CA THR A 1335 31.68 0.36 -19.68
C THR A 1335 31.21 0.84 -18.33
N TYR A 1336 31.77 0.23 -17.25
CA TYR A 1336 31.16 0.12 -15.94
C TYR A 1336 29.76 -0.44 -16.08
N ILE A 1337 28.79 0.16 -15.37
CA ILE A 1337 27.61 -0.53 -14.93
C ILE A 1337 26.49 0.09 -15.74
N THR A 1338 25.51 -0.76 -16.13
CA THR A 1338 24.24 -0.36 -16.68
C THR A 1338 23.53 0.59 -15.75
N GLN A 1339 22.72 1.51 -16.30
CA GLN A 1339 22.24 2.70 -15.63
C GLN A 1339 21.48 2.39 -14.37
N GLU A 1340 20.70 1.30 -14.42
CA GLU A 1340 19.36 1.20 -13.89
C GLU A 1340 18.59 0.61 -15.04
N ARG A 1341 19.25 0.38 -16.20
CA ARG A 1341 18.60 0.01 -17.43
C ARG A 1341 18.64 -1.47 -17.60
N ALA A 1342 19.01 -2.20 -16.52
CA ALA A 1342 18.77 -3.62 -16.41
C ALA A 1342 17.30 -3.88 -16.21
N ARG A 1343 16.51 -2.83 -15.85
CA ARG A 1343 15.06 -2.77 -15.82
C ARG A 1343 14.50 -3.21 -17.13
N GLN A 1344 14.98 -2.54 -18.22
CA GLN A 1344 14.53 -2.66 -19.59
C GLN A 1344 14.57 -4.09 -20.09
N TYR A 1345 15.53 -4.93 -19.61
CA TYR A 1345 15.61 -6.35 -19.85
C TYR A 1345 14.31 -7.07 -19.57
N GLU A 1346 13.65 -6.77 -18.44
CA GLU A 1346 12.36 -7.33 -18.07
C GLU A 1346 11.31 -7.14 -19.15
N ALA A 1347 11.21 -5.92 -19.73
CA ALA A 1347 10.27 -5.62 -20.78
C ALA A 1347 10.68 -6.23 -22.10
N GLU A 1348 12.02 -6.30 -22.37
CA GLU A 1348 12.61 -7.00 -23.50
C GLU A 1348 12.19 -8.45 -23.54
N VAL A 1349 12.52 -9.21 -22.48
CA VAL A 1349 12.30 -10.61 -22.36
C VAL A 1349 10.84 -10.96 -22.12
N LYS A 1350 9.96 -9.95 -21.86
CA LYS A 1350 8.53 -10.13 -21.83
C LYS A 1350 7.98 -10.36 -23.22
N ASN A 1351 8.69 -9.86 -24.25
CA ASN A 1351 8.41 -10.16 -25.64
C ASN A 1351 8.80 -11.58 -25.99
N ALA A 1352 9.64 -12.24 -25.15
CA ALA A 1352 10.08 -13.59 -25.36
C ALA A 1352 9.01 -14.50 -24.81
N PHE A 1353 8.68 -14.32 -23.51
CA PHE A 1353 7.86 -15.23 -22.73
C PHE A 1353 6.44 -15.21 -23.22
N ALA A 1354 5.73 -14.06 -23.05
CA ALA A 1354 4.32 -13.93 -23.35
C ALA A 1354 3.95 -14.25 -24.78
N TYR A 1355 4.83 -13.93 -25.77
CA TYR A 1355 4.70 -14.29 -27.17
C TYR A 1355 4.49 -15.76 -27.40
N TRP A 1356 5.33 -16.60 -26.77
CA TRP A 1356 5.21 -18.05 -26.79
C TRP A 1356 3.87 -18.50 -26.31
N ALA A 1357 3.40 -17.90 -25.19
CA ALA A 1357 2.10 -18.16 -24.64
C ALA A 1357 0.95 -17.79 -25.55
N TYR A 1358 1.14 -16.81 -26.47
CA TYR A 1358 0.17 -16.46 -27.49
C TYR A 1358 0.26 -17.35 -28.70
N LEU A 1359 1.20 -18.32 -28.71
CA LEU A 1359 1.13 -19.52 -29.51
C LEU A 1359 0.34 -20.48 -28.64
N GLY A 1360 1.01 -21.23 -27.73
CA GLY A 1360 0.48 -21.40 -26.41
C GLY A 1360 0.25 -22.83 -26.09
N HIS A 1361 -0.81 -23.07 -25.30
CA HIS A 1361 -1.28 -24.38 -24.89
C HIS A 1361 -2.54 -24.66 -25.66
N GLU A 1362 -3.15 -23.62 -26.26
CA GLU A 1362 -4.40 -23.74 -26.94
C GLU A 1362 -4.14 -23.47 -28.38
N GLY A 1363 -4.27 -24.54 -29.20
CA GLY A 1363 -4.62 -24.62 -30.60
C GLY A 1363 -4.52 -23.38 -31.44
N CYS A 1364 -5.61 -23.05 -32.14
CA CYS A 1364 -5.62 -22.08 -33.20
C CYS A 1364 -6.46 -20.92 -32.77
N GLU A 1365 -6.96 -20.93 -31.51
CA GLU A 1365 -7.83 -19.91 -30.97
C GLU A 1365 -7.06 -18.63 -30.77
N LEU A 1366 -5.83 -18.77 -30.23
CA LEU A 1366 -4.77 -17.81 -30.33
C LEU A 1366 -3.70 -18.55 -31.08
N PRO A 1367 -2.96 -17.97 -32.01
CA PRO A 1367 -2.94 -16.56 -32.40
C PRO A 1367 -4.11 -16.17 -33.27
N GLU A 1368 -4.96 -17.13 -33.70
CA GLU A 1368 -6.10 -16.96 -34.59
C GLU A 1368 -5.60 -17.02 -36.00
N ASN A 1369 -5.84 -18.18 -36.64
CA ASN A 1369 -5.28 -18.53 -37.92
C ASN A 1369 -6.28 -18.32 -39.01
N LEU A 1370 -5.93 -17.41 -39.96
CA LEU A 1370 -5.81 -17.78 -41.35
C LEU A 1370 -5.16 -16.62 -42.08
N VAL A 1371 -4.95 -15.47 -41.37
CA VAL A 1371 -4.65 -14.18 -41.96
C VAL A 1371 -3.29 -14.18 -42.60
N GLU A 1372 -3.17 -13.53 -43.80
CA GLU A 1372 -2.15 -13.79 -44.78
C GLU A 1372 -0.74 -13.54 -44.31
N GLU A 1373 -0.51 -12.44 -43.55
CA GLU A 1373 0.79 -12.00 -43.11
C GLU A 1373 1.47 -13.02 -42.21
N ASP A 1374 2.82 -13.06 -42.25
CA ASP A 1374 3.55 -14.25 -41.89
C ASP A 1374 4.05 -14.06 -40.49
N LEU A 1375 3.57 -14.93 -39.58
CA LEU A 1375 4.26 -15.37 -38.41
C LEU A 1375 3.94 -16.83 -38.48
N ASP A 1376 2.61 -17.09 -38.46
CA ASP A 1376 1.98 -18.36 -38.63
C ASP A 1376 0.77 -17.92 -39.41
N ASP A 1377 -0.42 -18.46 -39.09
CA ASP A 1377 -1.70 -17.98 -39.54
C ASP A 1377 -1.98 -18.30 -40.97
N PHE A 1378 -2.27 -19.59 -41.26
CA PHE A 1378 -2.00 -20.30 -42.50
C PHE A 1378 -1.02 -21.42 -42.25
N SER A 1379 -0.97 -21.90 -41.00
CA SER A 1379 -0.39 -23.17 -40.65
C SER A 1379 -1.49 -23.99 -40.06
N ALA A 1380 -1.60 -25.27 -40.52
CA ALA A 1380 -2.52 -26.24 -39.98
C ALA A 1380 -1.72 -27.17 -39.10
N SER A 1381 -0.40 -26.91 -39.02
CA SER A 1381 0.55 -27.52 -38.12
C SER A 1381 0.56 -26.74 -36.83
N MET A 1382 -0.32 -25.72 -36.68
CA MET A 1382 -0.43 -24.83 -35.54
C MET A 1382 -0.62 -25.59 -34.25
N ASN A 1383 -1.55 -26.58 -34.26
CA ASN A 1383 -1.79 -27.56 -33.23
C ASN A 1383 -0.51 -28.24 -32.76
N MET A 1384 0.22 -28.86 -33.70
CA MET A 1384 1.53 -29.46 -33.51
C MET A 1384 2.50 -28.54 -32.81
N ALA A 1385 2.71 -27.34 -33.38
CA ALA A 1385 3.55 -26.26 -32.91
C ALA A 1385 3.27 -25.88 -31.49
N VAL A 1386 1.98 -25.63 -31.17
CA VAL A 1386 1.44 -25.35 -29.85
C VAL A 1386 1.89 -26.37 -28.83
N GLU A 1387 1.88 -27.67 -29.20
CA GLU A 1387 2.18 -28.74 -28.29
C GLU A 1387 3.65 -29.09 -28.29
N SER A 1388 4.46 -28.52 -29.20
CA SER A 1388 5.90 -28.61 -29.13
C SER A 1388 6.42 -27.64 -28.10
N ILE A 1389 5.84 -26.41 -28.04
CA ILE A 1389 6.23 -25.40 -27.08
C ILE A 1389 5.52 -25.63 -25.76
N LEU A 1390 4.44 -26.45 -25.73
CA LEU A 1390 3.79 -26.87 -24.50
C LEU A 1390 4.75 -27.57 -23.57
N ARG A 1391 5.49 -28.56 -24.12
CA ARG A 1391 6.62 -29.24 -23.52
C ARG A 1391 7.66 -28.30 -22.99
N THR A 1392 7.95 -27.24 -23.79
CA THR A 1392 9.06 -26.34 -23.61
C THR A 1392 8.71 -25.27 -22.60
N PHE A 1393 7.44 -25.25 -22.11
CA PHE A 1393 7.05 -24.36 -21.05
C PHE A 1393 7.38 -25.06 -19.78
N ALA A 1394 6.64 -26.15 -19.46
CA ALA A 1394 6.55 -26.78 -18.16
C ALA A 1394 7.89 -27.15 -17.59
N GLN A 1395 8.77 -27.70 -18.46
CA GLN A 1395 10.08 -28.21 -18.14
C GLN A 1395 10.96 -27.21 -17.43
N LYS A 1396 11.01 -25.95 -17.92
CA LYS A 1396 11.85 -24.94 -17.31
C LYS A 1396 11.18 -24.27 -16.15
N LEU A 1397 9.83 -24.04 -16.25
CA LEU A 1397 9.05 -23.16 -15.40
C LEU A 1397 9.14 -23.53 -13.96
N ASN A 1398 8.54 -24.69 -13.61
CA ASN A 1398 8.08 -25.01 -12.27
C ASN A 1398 9.19 -25.19 -11.27
N GLU A 1399 10.47 -25.26 -11.73
CA GLU A 1399 11.63 -25.32 -10.87
C GLU A 1399 11.78 -24.06 -10.05
N ASP A 1400 11.62 -22.88 -10.69
CA ASP A 1400 11.93 -21.58 -10.12
C ASP A 1400 10.92 -21.23 -9.05
N GLU A 1401 9.62 -21.43 -9.36
CA GLU A 1401 8.55 -21.12 -8.45
C GLU A 1401 8.29 -22.42 -7.78
N ALA A 1402 8.78 -22.55 -6.52
CA ALA A 1402 9.24 -23.81 -5.99
C ALA A 1402 8.37 -24.24 -4.84
N LEU A 1403 7.14 -23.68 -4.75
CA LEU A 1403 6.00 -24.37 -4.17
C LEU A 1403 6.16 -24.49 -2.68
N LEU A 1404 6.51 -23.36 -2.02
CA LEU A 1404 6.54 -23.20 -0.59
C LEU A 1404 5.16 -23.28 0.01
N GLU A 1405 4.17 -22.60 -0.61
CA GLU A 1405 2.85 -22.46 -0.05
C GLU A 1405 1.96 -23.62 -0.43
N ARG A 1406 2.57 -24.72 -0.90
CA ARG A 1406 1.90 -25.94 -1.23
C ARG A 1406 2.49 -26.93 -0.27
N HIS A 1407 3.83 -27.13 -0.33
CA HIS A 1407 4.60 -28.12 0.38
C HIS A 1407 4.29 -28.23 1.86
N ALA A 1408 4.74 -27.23 2.66
CA ALA A 1408 4.61 -27.24 4.09
C ALA A 1408 3.27 -26.72 4.51
N ALA A 1409 2.54 -26.02 3.62
CA ALA A 1409 1.17 -25.64 3.81
C ALA A 1409 0.26 -26.82 3.96
N ASP A 1410 0.52 -27.90 3.17
CA ASP A 1410 -0.15 -29.17 3.31
C ASP A 1410 0.37 -29.90 4.52
N GLY A 1411 1.68 -29.77 4.84
CA GLY A 1411 2.28 -30.27 6.05
C GLY A 1411 1.57 -29.87 7.32
N MET A 1412 1.25 -28.56 7.42
CA MET A 1412 0.53 -27.92 8.49
C MET A 1412 -0.88 -28.44 8.63
N GLU A 1413 -1.56 -28.66 7.50
CA GLU A 1413 -2.90 -29.18 7.45
C GLU A 1413 -2.94 -30.65 7.75
N LYS A 1414 -1.81 -31.37 7.50
CA LYS A 1414 -1.63 -32.77 7.82
C LYS A 1414 -1.53 -32.91 9.31
N LYS A 1415 -0.71 -32.03 9.94
CA LYS A 1415 -0.55 -31.91 11.36
C LYS A 1415 -1.86 -31.61 12.06
N LYS A 1416 -2.68 -30.69 11.47
CA LYS A 1416 -4.00 -30.30 11.92
C LYS A 1416 -4.93 -31.48 12.03
N ARG A 1417 -4.82 -32.45 11.10
CA ARG A 1417 -5.68 -33.59 10.98
C ARG A 1417 -5.10 -34.79 11.68
N MET A 1418 -3.87 -34.69 12.23
CA MET A 1418 -3.38 -35.63 13.21
C MET A 1418 -3.61 -35.10 14.60
N LEU A 1419 -4.02 -33.81 14.71
CA LEU A 1419 -4.22 -33.11 15.95
C LEU A 1419 -5.66 -33.29 16.32
N LEU A 1420 -6.59 -32.99 15.39
CA LEU A 1420 -8.02 -32.96 15.61
C LEU A 1420 -8.52 -34.33 15.97
N ARG A 1421 -8.08 -35.37 15.22
CA ARG A 1421 -8.48 -36.75 15.41
C ARG A 1421 -8.09 -37.31 16.75
N GLN A 1422 -7.01 -36.75 17.37
CA GLN A 1422 -6.51 -37.12 18.68
C GLN A 1422 -7.46 -36.68 19.77
N GLN A 1423 -8.40 -35.75 19.47
CA GLN A 1423 -9.39 -35.26 20.40
C GLN A 1423 -10.50 -36.28 20.52
N HIS A 1424 -10.81 -36.99 19.41
CA HIS A 1424 -11.84 -38.00 19.41
C HIS A 1424 -11.33 -39.30 19.98
N LEU A 1425 -9.99 -39.45 20.12
CA LEU A 1425 -9.39 -40.59 20.77
C LEU A 1425 -9.22 -40.34 22.26
N GLN A 1426 -9.56 -39.11 22.73
CA GLN A 1426 -9.60 -38.76 24.13
C GLN A 1426 -10.95 -39.15 24.66
N LEU A 1427 -12.00 -38.39 24.23
CA LEU A 1427 -13.35 -38.37 24.77
C LEU A 1427 -14.03 -39.72 24.71
N LEU A 1428 -13.91 -40.44 23.58
CA LEU A 1428 -14.45 -41.76 23.33
C LEU A 1428 -14.04 -42.73 24.43
N GLN A 1429 -12.72 -42.96 24.57
CA GLN A 1429 -12.10 -43.77 25.59
C GLN A 1429 -12.42 -43.30 26.98
N GLN A 1430 -12.36 -41.97 27.21
CA GLN A 1430 -12.60 -41.31 28.48
C GLN A 1430 -13.98 -41.55 29.04
N GLN A 1431 -15.00 -41.79 28.18
CA GLN A 1431 -16.35 -42.10 28.58
C GLN A 1431 -16.41 -43.38 29.41
N GLU A 1432 -15.49 -44.33 29.11
CA GLU A 1432 -15.39 -45.63 29.75
C GLU A 1432 -14.60 -45.53 31.04
N GLN A 1433 -13.74 -44.48 31.17
CA GLN A 1433 -12.93 -44.17 32.32
C GLN A 1433 -13.76 -43.47 33.37
N GLU A 1434 -14.67 -42.57 32.93
CA GLU A 1434 -15.58 -41.78 33.72
C GLU A 1434 -16.44 -42.63 34.63
N ASN A 1435 -17.06 -43.71 34.09
CA ASN A 1435 -17.77 -44.68 34.88
C ASN A 1435 -16.82 -45.61 35.58
N GLU A 1436 -15.70 -45.97 34.91
CA GLU A 1436 -14.62 -46.78 35.38
C GLU A 1436 -15.01 -48.25 35.48
N PRO A 1437 -14.12 -49.21 35.24
CA PRO A 1437 -14.37 -50.61 35.58
C PRO A 1437 -13.64 -50.86 36.88
N ASN A 1438 -13.83 -49.94 37.85
CA ASN A 1438 -13.70 -50.18 39.26
C ASN A 1438 -15.11 -50.33 39.80
N GLN A 1439 -16.11 -50.32 38.91
CA GLN A 1439 -17.51 -50.21 39.20
C GLN A 1439 -18.14 -51.22 38.29
N GLU A 1440 -19.47 -51.45 38.45
CA GLU A 1440 -20.34 -52.16 37.54
C GLU A 1440 -20.29 -53.63 37.85
N GLU A 1441 -21.37 -54.36 37.50
CA GLU A 1441 -21.55 -55.75 37.87
C GLU A 1441 -21.29 -56.57 36.64
N SER A 1442 -20.00 -56.60 36.24
CA SER A 1442 -19.50 -57.30 35.09
C SER A 1442 -18.07 -57.52 35.42
N MET A 1443 -17.36 -58.36 34.61
CA MET A 1443 -16.05 -58.90 34.92
C MET A 1443 -15.01 -57.81 35.10
N GLU A 1444 -14.18 -57.99 36.14
CA GLU A 1444 -13.17 -57.07 36.62
C GLU A 1444 -12.06 -56.87 35.64
N GLN A 1445 -11.46 -55.65 35.67
CA GLN A 1445 -10.34 -55.28 34.87
C GLN A 1445 -9.40 -54.58 35.82
N LYS A 1446 -9.98 -53.99 36.89
CA LYS A 1446 -9.36 -53.08 37.83
C LYS A 1446 -8.61 -51.97 37.16
N SER A 1447 -9.29 -51.28 36.21
CA SER A 1447 -8.84 -50.06 35.57
C SER A 1447 -7.64 -50.32 34.71
N GLU A 1448 -7.70 -51.41 33.90
CA GLU A 1448 -6.86 -51.60 32.74
C GLU A 1448 -7.76 -51.42 31.56
N GLU A 1449 -8.12 -50.15 31.29
CA GLU A 1449 -8.90 -49.75 30.15
C GLU A 1449 -8.60 -48.30 29.90
N GLN A 1450 -7.61 -47.74 30.65
CA GLN A 1450 -7.43 -46.33 30.82
C GLN A 1450 -6.55 -45.81 29.71
N GLY A 1451 -6.59 -44.48 29.48
CA GLY A 1451 -5.78 -43.82 28.49
C GLY A 1451 -6.39 -43.93 27.13
N GLY A 1452 -5.70 -43.30 26.14
CA GLY A 1452 -6.11 -43.18 24.76
C GLY A 1452 -6.02 -44.47 24.00
N ALA A 1453 -6.23 -44.35 22.67
CA ALA A 1453 -6.30 -45.45 21.75
C ALA A 1453 -6.00 -44.83 20.40
N GLN A 1454 -5.84 -45.59 19.28
CA GLN A 1454 -5.63 -47.02 19.19
C GLN A 1454 -4.42 -47.20 18.33
N GLU A 1455 -4.22 -46.28 17.36
CA GLU A 1455 -2.93 -45.96 16.79
C GLU A 1455 -2.55 -44.67 17.49
N GLU A 1456 -1.37 -44.67 18.14
CA GLU A 1456 -1.13 -43.80 19.26
C GLU A 1456 0.02 -42.90 18.93
N GLU A 1457 -0.18 -41.59 19.22
CA GLU A 1457 0.83 -40.58 19.22
C GLU A 1457 0.74 -40.04 20.63
N GLN A 1458 1.86 -39.52 21.18
CA GLN A 1458 1.91 -38.90 22.49
C GLN A 1458 0.95 -37.73 22.50
N GLU A 1459 0.16 -37.64 23.59
CA GLU A 1459 -1.17 -37.08 23.54
C GLU A 1459 -1.17 -35.57 23.47
N LYS A 1460 -2.36 -35.03 23.11
CA LYS A 1460 -2.59 -33.90 22.24
C LYS A 1460 -1.84 -32.65 22.62
N GLU A 1461 -0.69 -32.41 21.94
CA GLU A 1461 -0.04 -31.12 21.87
C GLU A 1461 0.68 -31.12 20.55
N THR A 1462 0.80 -29.92 19.92
CA THR A 1462 1.60 -29.70 18.73
C THR A 1462 2.27 -28.37 19.01
N VAL A 1463 2.13 -27.37 18.10
CA VAL A 1463 2.47 -25.99 18.38
C VAL A 1463 1.36 -25.37 19.21
N GLY A 1464 0.18 -26.02 19.24
CA GLY A 1464 -0.71 -25.87 20.34
C GLY A 1464 -1.89 -26.74 20.05
N SER A 1465 -2.61 -27.15 21.13
CA SER A 1465 -3.99 -27.58 21.02
C SER A 1465 -4.81 -26.36 20.74
N VAL A 1466 -5.44 -26.30 19.55
CA VAL A 1466 -5.66 -25.09 18.80
C VAL A 1466 -4.34 -24.64 18.20
N SER A 1467 -3.96 -25.26 17.07
CA SER A 1467 -2.85 -24.85 16.25
C SER A 1467 -3.45 -23.87 15.26
N PHE A 1468 -3.85 -24.38 14.09
CA PHE A 1468 -5.21 -24.30 13.64
C PHE A 1468 -5.15 -23.29 12.52
N PRO A 1469 -4.76 -23.65 11.29
CA PRO A 1469 -4.15 -22.70 10.38
C PRO A 1469 -5.25 -21.86 9.78
N GLY A 1470 -4.99 -20.55 9.61
CA GLY A 1470 -5.93 -19.65 9.01
C GLY A 1470 -6.97 -19.22 9.99
N SER A 1471 -6.57 -19.08 11.26
CA SER A 1471 -7.47 -18.76 12.33
C SER A 1471 -6.72 -17.80 13.19
N ARG A 1472 -7.37 -17.29 14.25
CA ARG A 1472 -7.20 -15.92 14.64
C ARG A 1472 -6.66 -15.93 16.04
N GLN A 1473 -5.83 -14.91 16.36
CA GLN A 1473 -5.38 -14.59 17.68
C GLN A 1473 -4.62 -15.78 18.31
N PHE A 1474 -4.32 -18.55 15.68
CA PHE A 1474 -2.97 -18.99 15.22
C PHE A 1474 -1.99 -17.90 15.54
N ILE A 1475 -1.72 -16.99 14.56
CA ILE A 1475 -1.32 -15.59 14.69
C ILE A 1475 -0.32 -15.42 15.83
N ARG A 1476 -0.80 -14.78 16.93
CA ARG A 1476 -0.08 -14.10 17.97
C ARG A 1476 1.12 -14.85 18.50
N GLU A 1477 0.93 -16.18 18.69
CA GLU A 1477 1.86 -17.16 19.18
C GLU A 1477 3.20 -17.06 18.50
N HIS A 1478 3.16 -16.89 17.17
CA HIS A 1478 4.31 -16.88 16.31
C HIS A 1478 4.72 -15.48 15.96
N ILE A 1479 3.89 -14.43 16.20
CA ILE A 1479 4.15 -13.09 15.65
C ILE A 1479 5.36 -12.49 16.32
N LEU A 1480 5.50 -12.73 17.64
CA LEU A 1480 6.64 -12.45 18.47
C LEU A 1480 7.93 -12.99 17.89
N ASN A 1481 7.86 -14.22 17.32
CA ASN A 1481 9.00 -14.97 16.89
C ASN A 1481 9.39 -14.53 15.50
N VAL A 1482 8.38 -14.24 14.63
CA VAL A 1482 8.56 -13.56 13.35
C VAL A 1482 9.42 -12.33 13.51
N LEU A 1483 8.91 -11.34 14.27
CA LEU A 1483 9.57 -10.13 14.70
C LEU A 1483 10.99 -10.35 15.14
N ARG A 1484 11.22 -11.12 16.25
CA ARG A 1484 12.54 -11.32 16.83
C ARG A 1484 13.60 -11.83 15.86
N GLU A 1485 13.20 -12.64 14.87
CA GLU A 1485 14.09 -13.15 13.86
C GLU A 1485 14.29 -12.21 12.70
N LEU A 1486 13.31 -11.33 12.41
CA LEU A 1486 13.46 -10.27 11.45
C LEU A 1486 14.41 -9.22 11.92
N ILE A 1487 14.58 -9.03 13.25
CA ILE A 1487 15.52 -8.08 13.78
C ILE A 1487 16.90 -8.72 13.76
N ALA A 1488 16.98 -9.99 14.23
CA ALA A 1488 18.23 -10.68 14.43
C ALA A 1488 18.74 -11.27 13.12
N ARG A 1489 17.25 -10.63 10.39
CA ARG A 1489 17.72 -10.71 8.99
C ARG A 1489 17.77 -9.32 8.43
N ASP A 1490 16.64 -8.61 8.54
CA ASP A 1490 16.49 -7.18 8.38
C ASP A 1490 17.01 -6.51 9.64
N MET A 1491 17.07 -5.17 9.64
CA MET A 1491 17.61 -4.41 10.74
C MET A 1491 16.84 -3.13 10.87
N GLY A 1492 15.95 -2.84 9.88
CA GLY A 1492 15.23 -1.60 9.78
C GLY A 1492 14.08 -1.56 10.74
N PRO A 1493 13.34 -0.46 10.75
CA PRO A 1493 12.03 -0.38 11.38
C PRO A 1493 11.03 -1.31 10.75
N THR A 1494 9.89 -1.52 11.43
CA THR A 1494 9.01 -2.64 11.18
C THR A 1494 7.66 -2.03 11.43
N ILE A 1495 6.77 -2.12 10.41
CA ILE A 1495 5.36 -1.85 10.56
C ILE A 1495 4.61 -3.14 10.54
N VAL A 1496 3.42 -3.16 11.21
CA VAL A 1496 2.58 -4.32 11.33
C VAL A 1496 1.23 -3.78 11.00
N PHE A 1497 0.52 -4.46 10.07
CA PHE A 1497 -0.77 -4.05 9.55
C PHE A 1497 -1.75 -5.03 10.06
N SER A 1498 -3.00 -4.56 10.26
CA SER A 1498 -4.07 -5.35 10.81
C SER A 1498 -5.35 -4.67 10.42
N PHE A 1499 -6.50 -5.24 10.84
CA PHE A 1499 -7.78 -4.57 10.74
C PHE A 1499 -8.05 -4.00 12.09
N GLU A 1500 -8.40 -2.69 12.10
CA GLU A 1500 -8.89 -1.97 13.25
C GLU A 1500 -10.36 -2.27 13.44
N SER A 1501 -10.93 -2.04 14.65
CA SER A 1501 -10.31 -1.56 15.87
C SER A 1501 -9.48 -2.66 16.56
N GLU A 1502 -11.78 -4.41 17.78
CA GLU A 1502 -11.22 -4.97 19.02
C GLU A 1502 -9.86 -5.60 18.79
N ASP A 1503 -9.61 -6.14 17.57
CA ASP A 1503 -8.49 -6.97 17.18
C ASP A 1503 -7.15 -6.38 17.50
N CYS A 1504 -6.86 -5.14 17.03
CA CYS A 1504 -5.58 -4.48 17.15
C CYS A 1504 -5.10 -4.38 18.60
N GLY A 1505 -6.06 -4.28 19.55
CA GLY A 1505 -5.81 -4.16 20.96
C GLY A 1505 -5.43 -5.48 21.56
N ASP A 1506 -6.10 -6.58 21.14
CA ASP A 1506 -5.80 -7.96 21.49
C ASP A 1506 -4.37 -8.32 21.18
N LEU A 1507 -3.92 -7.93 19.96
CA LEU A 1507 -2.57 -8.12 19.43
C LEU A 1507 -1.60 -7.50 20.40
N VAL A 1508 -1.66 -6.15 20.57
CA VAL A 1508 -0.81 -5.32 21.43
C VAL A 1508 -0.64 -5.95 22.80
N LYS A 1509 -1.77 -6.18 23.51
CA LYS A 1509 -1.92 -6.83 24.80
C LYS A 1509 -1.04 -8.05 24.93
N TYR A 1510 -1.29 -9.10 24.10
CA TYR A 1510 -0.54 -10.34 24.09
C TYR A 1510 0.97 -10.18 24.09
N VAL A 1511 1.52 -9.18 23.37
CA VAL A 1511 2.94 -9.04 23.23
C VAL A 1511 3.49 -8.49 24.52
N VAL A 1512 2.85 -7.44 25.08
CA VAL A 1512 3.18 -6.88 26.38
C VAL A 1512 3.23 -7.96 27.47
N GLU A 1513 2.21 -8.86 27.50
CA GLU A 1513 2.14 -10.06 28.31
C GLU A 1513 3.42 -10.85 28.29
N GLN A 1514 3.80 -11.37 27.09
CA GLN A 1514 4.95 -12.19 26.84
C GLN A 1514 6.23 -11.61 27.40
N LEU A 1515 6.40 -10.28 27.29
CA LEU A 1515 7.61 -9.59 27.69
C LEU A 1515 7.67 -9.51 29.20
N GLU A 1516 6.57 -9.06 29.86
CA GLU A 1516 6.44 -9.07 31.31
C GLU A 1516 6.69 -10.41 31.94
N GLU A 1517 6.22 -11.50 31.27
CA GLU A 1517 6.49 -12.88 31.60
C GLU A 1517 7.96 -13.14 31.66
N ALA A 1518 8.67 -12.99 30.52
CA ALA A 1518 10.08 -13.27 30.41
C ALA A 1518 10.98 -12.49 31.35
N GLU A 1519 10.55 -11.28 31.76
CA GLU A 1519 11.22 -10.50 32.76
C GLU A 1519 11.17 -11.16 34.12
N SER A 1520 10.00 -11.74 34.48
CA SER A 1520 9.82 -12.55 35.66
C SER A 1520 10.62 -13.84 35.69
N ARG A 1521 10.77 -14.55 34.54
CA ARG A 1521 11.40 -15.87 34.41
C ARG A 1521 12.88 -15.94 34.89
N TYR A 1522 13.97 -13.26 34.16
CA TYR A 1522 15.36 -12.89 34.47
C TYR A 1522 15.54 -12.60 35.93
N ARG A 1523 14.62 -11.82 36.54
CA ARG A 1523 14.71 -11.37 37.91
C ARG A 1523 14.71 -12.42 38.99
N LYS A 1524 14.28 -13.67 38.70
CA LYS A 1524 14.24 -14.72 39.70
C LYS A 1524 15.50 -15.53 39.68
N THR A 1525 16.65 -14.86 39.91
CA THR A 1525 17.85 -15.44 40.50
C THR A 1525 18.51 -16.45 39.59
N ASN A 1526 18.69 -16.08 38.31
CA ASN A 1526 19.38 -16.90 37.35
C ASN A 1526 20.70 -16.23 37.12
N GLU A 1527 20.84 -15.41 36.06
CA GLU A 1527 22.03 -14.65 35.77
C GLU A 1527 22.01 -13.38 36.58
N PHE A 1528 20.79 -12.88 36.87
CA PHE A 1528 20.49 -11.63 37.54
C PHE A 1528 21.25 -11.45 38.81
N ALA A 1529 21.34 -12.49 39.67
CA ALA A 1529 21.98 -12.43 40.96
C ALA A 1529 23.41 -11.94 40.90
N LEU A 1530 24.19 -12.43 39.90
CA LEU A 1530 25.51 -11.97 39.55
C LEU A 1530 25.54 -10.51 39.12
N TYR A 1531 24.61 -10.09 38.23
CA TYR A 1531 24.52 -8.75 37.70
C TYR A 1531 24.37 -7.75 38.81
N LYS A 1532 23.27 -7.86 39.60
CA LYS A 1532 22.92 -6.93 40.64
C LYS A 1532 23.99 -6.78 41.68
N ALA A 1533 24.77 -7.85 41.96
CA ALA A 1533 25.92 -7.88 42.84
C ALA A 1533 26.88 -6.75 42.57
N ARG A 1534 27.51 -6.73 41.37
CA ARG A 1534 28.40 -5.69 40.88
C ARG A 1534 27.87 -4.29 41.09
N ILE A 1535 26.70 -3.99 40.48
CA ILE A 1535 26.05 -2.69 40.46
C ILE A 1535 25.72 -2.18 41.83
N GLU A 1536 25.44 -3.09 42.80
CA GLU A 1536 25.19 -2.76 44.18
C GLU A 1536 26.48 -2.46 44.91
N ARG A 1537 27.53 -3.30 44.72
CA ARG A 1537 28.81 -3.17 45.38
C ARG A 1537 29.42 -1.83 45.07
N ALA A 1538 29.69 -1.56 43.78
CA ALA A 1538 30.35 -0.37 43.31
C ALA A 1538 29.66 0.94 43.68
N ALA A 1539 28.30 0.95 43.78
CA ALA A 1539 27.51 2.07 44.24
C ALA A 1539 27.85 2.50 45.64
N ALA A 1540 27.99 1.51 46.54
CA ALA A 1540 28.38 1.62 47.93
C ALA A 1540 29.63 2.44 48.06
N ALA A 1541 30.72 1.94 47.41
CA ALA A 1541 32.05 2.51 47.34
C ALA A 1541 32.03 3.95 46.92
N GLN A 1542 31.20 4.32 45.90
CA GLN A 1542 31.05 5.67 45.40
C GLN A 1542 30.64 6.58 46.54
N GLU A 1543 29.45 6.30 47.13
CA GLU A 1543 28.84 7.12 48.15
C GLU A 1543 29.62 7.12 49.45
N ALA A 1544 30.56 6.17 49.64
CA ALA A 1544 31.44 6.13 50.77
C ALA A 1544 32.59 7.09 50.61
N ARG A 1545 33.06 7.31 49.35
CA ARG A 1545 34.05 8.32 49.00
C ARG A 1545 33.55 9.70 49.27
N ARG A 1546 32.22 9.93 49.19
CA ARG A 1546 31.58 11.17 49.57
C ARG A 1546 31.85 11.50 51.02
N LYS A 1547 31.75 10.48 51.91
CA LYS A 1547 31.92 10.64 53.33
C LYS A 1547 33.38 10.73 53.69
N GLN A 1548 34.28 10.12 52.88
CA GLN A 1548 35.72 10.17 53.01
C GLN A 1548 36.20 11.60 52.97
N ARG A 1549 35.86 12.32 51.87
CA ARG A 1549 36.22 13.69 51.64
C ARG A 1549 35.60 14.61 52.67
N GLU A 1550 34.35 14.32 53.09
CA GLU A 1550 33.62 14.99 54.14
C GLU A 1550 34.27 14.85 55.51
N SER A 1551 35.24 13.92 55.66
CA SER A 1551 35.97 13.72 56.89
C SER A 1551 37.25 14.49 56.80
N THR A 1552 38.07 14.25 55.76
CA THR A 1552 39.40 14.82 55.63
C THR A 1552 39.38 16.33 55.50
N LEU A 1553 38.29 16.90 54.92
CA LEU A 1553 38.03 18.32 54.85
C LEU A 1553 37.64 18.93 56.17
N LYS A 1554 37.14 18.10 57.11
CA LYS A 1554 36.55 18.54 58.34
C LYS A 1554 37.59 18.52 59.42
N GLN A 1555 38.85 18.18 59.07
CA GLN A 1555 40.01 18.41 59.89
C GLN A 1555 40.19 19.90 60.07
N LYS A 1556 40.64 20.45 61.24
CA LYS A 1556 41.18 19.86 62.44
C LYS A 1556 42.59 19.34 62.22
N ARG A 1557 43.57 20.16 61.77
CA ARG A 1557 43.65 21.61 61.77
C ARG A 1557 45.07 21.86 61.35
N LEU A 1558 45.35 23.00 60.69
CA LEU A 1558 46.68 23.40 60.32
C LEU A 1558 47.58 23.54 61.53
N THR A 1559 48.76 22.88 61.48
CA THR A 1559 49.72 22.89 62.56
C THR A 1559 51.05 22.72 61.90
N THR A 1560 51.91 23.75 61.98
CA THR A 1560 53.25 23.71 61.43
C THR A 1560 54.11 24.33 62.49
N GLY A 1561 53.52 25.28 63.26
CA GLY A 1561 54.05 25.78 64.51
C GLY A 1561 53.81 24.79 65.62
N ASP A 1562 54.02 25.26 66.88
CA ASP A 1562 54.07 24.45 68.08
C ASP A 1562 55.13 23.37 67.91
N ASP A 1563 54.88 22.15 68.44
CA ASP A 1563 55.57 20.97 67.97
C ASP A 1563 54.48 20.04 67.59
N GLY A 1564 54.13 20.04 66.28
CA GLY A 1564 53.37 18.99 65.66
C GLY A 1564 54.06 18.61 64.39
N ASP A 1565 55.21 19.27 64.08
CA ASP A 1565 55.82 19.36 62.77
C ASP A 1565 54.88 19.86 61.69
N VAL A 1566 55.35 19.92 60.43
CA VAL A 1566 54.67 20.49 59.29
C VAL A 1566 53.39 19.75 58.99
N GLU A 1567 52.32 20.50 58.62
CA GLU A 1567 51.04 19.97 58.22
C GLU A 1567 50.18 21.17 58.05
N VAL A 1568 49.36 21.19 56.98
CA VAL A 1568 48.48 22.28 56.69
C VAL A 1568 47.22 21.57 56.32
N ALA A 1569 46.11 21.92 57.00
CA ALA A 1569 44.81 21.35 56.74
C ALA A 1569 43.99 22.54 56.30
N ASP A 1570 43.18 22.46 55.21
CA ASP A 1570 42.91 21.32 54.37
C ASP A 1570 43.48 21.65 53.03
N ARG A 1571 44.33 20.75 52.50
CA ARG A 1571 45.20 21.08 51.38
C ARG A 1571 44.76 20.33 50.16
N ASP A 1572 43.80 19.38 50.30
CA ASP A 1572 43.40 18.50 49.24
C ASP A 1572 41.92 18.68 49.18
N MET A 1573 41.42 19.15 48.01
CA MET A 1573 40.02 19.40 47.75
C MET A 1573 39.77 19.17 46.28
N SER A 1574 40.75 18.55 45.57
CA SER A 1574 40.75 18.42 44.14
C SER A 1574 39.65 17.52 43.62
N ASP A 1575 39.39 16.38 44.31
CA ASP A 1575 38.19 15.59 44.14
C ASP A 1575 37.10 16.22 44.97
N GLY A 1576 35.80 16.18 44.56
CA GLY A 1576 35.30 15.52 43.38
C GLY A 1576 33.84 15.29 43.62
N GLU A 1577 33.04 15.38 42.52
CA GLU A 1577 31.62 15.11 42.54
C GLU A 1577 31.42 13.98 41.57
N GLY A 1578 30.59 12.98 41.96
CA GLY A 1578 30.38 11.79 41.18
C GLY A 1578 28.91 11.49 41.15
N GLU A 1579 28.49 10.80 40.08
CA GLU A 1579 27.12 10.38 39.83
C GLU A 1579 27.27 9.20 38.90
N ASP A 1580 26.25 8.33 38.72
CA ASP A 1580 24.98 8.26 39.42
C ASP A 1580 24.95 6.95 40.19
N GLU A 1581 26.09 6.22 40.25
CA GLU A 1581 26.21 4.90 39.67
C GLU A 1581 25.02 4.00 39.87
N LEU A 1582 24.12 4.06 38.85
CA LEU A 1582 23.08 3.15 38.47
C LEU A 1582 22.12 2.68 39.53
N PHE A 1583 21.08 1.98 39.04
CA PHE A 1583 20.17 1.11 39.74
C PHE A 1583 19.13 0.84 38.69
N VAL A 1584 18.72 -0.44 38.54
CA VAL A 1584 17.77 -0.80 37.51
C VAL A 1584 16.93 -1.88 38.12
N VAL A 1585 15.60 -1.77 37.89
CA VAL A 1585 14.67 -2.86 37.99
C VAL A 1585 13.39 -2.64 37.16
N PRO A 1586 13.01 -1.53 36.48
CA PRO A 1586 11.98 -1.55 35.44
C PRO A 1586 12.13 -2.58 34.35
N ASP A 1587 13.28 -2.63 33.65
CA ASP A 1587 13.45 -3.55 32.56
C ASP A 1587 14.92 -3.60 32.25
N VAL A 1588 15.36 -4.76 31.68
CA VAL A 1588 16.70 -4.98 31.21
C VAL A 1588 16.53 -5.61 29.86
N LEU A 1589 17.24 -6.72 29.58
CA LEU A 1589 17.51 -7.26 28.27
C LEU A 1589 16.35 -7.72 27.41
N PRO A 1590 15.18 -8.27 27.78
CA PRO A 1590 14.31 -8.96 26.84
C PRO A 1590 13.52 -7.98 26.01
N GLU A 1591 13.59 -6.68 26.36
CA GLU A 1591 12.84 -5.64 25.72
C GLU A 1591 13.80 -4.79 24.93
N PHE A 1592 15.13 -4.97 25.12
CA PHE A 1592 16.14 -4.03 24.65
C PHE A 1592 16.69 -4.38 23.30
N THR A 1593 16.27 -5.50 22.68
CA THR A 1593 16.57 -5.77 21.28
C THR A 1593 15.23 -5.81 20.56
N PHE A 1594 14.10 -5.82 21.32
CA PHE A 1594 12.77 -5.70 20.78
C PHE A 1594 12.56 -4.30 20.25
N ILE A 1595 12.99 -3.29 21.02
CA ILE A 1595 12.88 -1.90 20.65
C ILE A 1595 14.13 -1.58 19.86
N GLY A 1596 14.08 -0.51 19.04
CA GLY A 1596 15.09 -0.12 18.08
C GLY A 1596 16.48 0.01 18.64
N GLU A 1597 17.50 -0.31 17.82
CA GLU A 1597 18.88 -0.36 18.26
C GLU A 1597 19.47 1.02 18.42
N LYS A 1598 19.23 1.93 17.45
CA LYS A 1598 19.88 3.23 17.43
C LYS A 1598 18.78 4.26 17.33
N CYS A 1599 18.97 5.41 18.01
CA CYS A 1599 17.88 6.32 18.29
C CYS A 1599 18.39 7.73 18.43
N THR A 1600 17.46 8.66 18.74
CA THR A 1600 17.56 10.08 18.51
C THR A 1600 16.58 10.62 19.51
N VAL A 1601 16.60 11.96 19.74
CA VAL A 1601 15.70 12.72 20.59
C VAL A 1601 16.24 12.67 21.99
N GLU A 1602 16.66 13.85 22.54
CA GLU A 1602 17.16 13.99 23.89
C GLU A 1602 16.07 13.56 24.86
N PRO A 1603 16.37 12.89 25.98
CA PRO A 1603 15.44 12.05 26.71
C PRO A 1603 14.34 12.85 27.34
N GLU A 1604 14.61 14.14 27.64
CA GLU A 1604 13.75 15.04 28.38
C GLU A 1604 12.33 15.05 27.86
N VAL A 1605 12.16 15.41 26.58
CA VAL A 1605 10.87 15.55 25.93
C VAL A 1605 10.15 14.22 25.83
N VAL A 1606 10.90 13.10 25.62
CA VAL A 1606 10.38 11.76 25.48
C VAL A 1606 9.64 11.35 26.71
N ASP A 1607 10.29 11.54 27.89
CA ASP A 1607 9.75 11.32 29.20
C ASP A 1607 8.53 12.16 29.47
N SER A 1608 8.49 13.40 28.95
CA SER A 1608 7.44 14.35 29.23
C SER A 1608 6.19 14.05 28.45
N LEU A 1609 6.33 13.36 27.30
CA LEU A 1609 5.22 12.91 26.48
C LEU A 1609 4.54 11.74 27.14
N MET A 1610 5.34 10.77 27.64
CA MET A 1610 4.92 9.69 28.49
C MET A 1610 4.18 10.17 29.71
N GLU A 1611 4.69 11.25 30.36
CA GLU A 1611 4.15 11.87 31.56
C GLU A 1611 2.72 12.29 31.36
N ASP A 1612 2.44 13.03 30.26
CA ASP A 1612 1.12 13.47 29.86
C ASP A 1612 0.14 12.33 29.81
N CYS A 1613 0.46 11.30 28.98
CA CYS A 1613 -0.34 10.11 28.74
C CYS A 1613 -0.75 9.41 30.00
N GLU A 1614 0.18 9.28 30.98
CA GLU A 1614 0.01 8.63 32.26
C GLU A 1614 -1.17 9.13 33.06
N LYS A 1615 -1.43 10.46 32.98
CA LYS A 1615 -2.45 11.13 33.74
C LYS A 1615 -3.83 10.69 33.35
N GLU A 1616 -4.14 10.72 32.04
CA GLU A 1616 -5.45 10.40 31.53
C GLU A 1616 -5.52 8.98 31.03
N GLY A 1617 -4.47 8.15 31.28
CA GLY A 1617 -4.15 6.85 30.69
C GLY A 1617 -5.31 6.08 30.11
N GLU A 1618 -5.21 5.76 28.79
CA GLU A 1618 -6.27 5.14 28.03
C GLU A 1618 -6.01 3.67 27.96
N ASP A 1619 -5.19 3.24 26.96
CA ASP A 1619 -4.88 1.86 26.69
C ASP A 1619 -3.91 1.33 27.72
N LEU A 1620 -3.28 2.27 28.47
CA LEU A 1620 -2.03 2.10 29.17
C LEU A 1620 -0.98 2.03 28.11
N LEU A 1621 -1.06 3.03 27.20
CA LEU A 1621 -0.10 3.44 26.21
C LEU A 1621 1.26 3.62 26.82
N LEU A 1622 1.29 4.16 28.06
CA LEU A 1622 2.45 4.33 28.90
C LEU A 1622 3.25 3.07 29.10
N ARG A 1623 2.58 1.91 29.19
CA ARG A 1623 3.20 0.61 29.25
C ARG A 1623 3.62 0.17 27.88
N ALA A 1624 2.69 0.13 26.90
CA ALA A 1624 2.93 -0.41 25.59
C ALA A 1624 4.09 0.26 24.89
N LEU A 1625 4.07 1.62 24.83
CA LEU A 1625 5.04 2.49 24.18
C LEU A 1625 6.45 2.26 24.63
N GLN A 1626 6.71 2.33 25.97
CA GLN A 1626 8.04 2.20 26.52
C GLN A 1626 8.61 0.80 26.36
N ARG A 1627 7.74 -0.20 26.09
CA ARG A 1627 8.14 -1.56 25.84
C ARG A 1627 8.31 -1.81 24.36
N GLY A 1628 8.25 -0.74 23.54
CA GLY A 1628 8.63 -0.75 22.16
C GLY A 1628 7.46 -0.91 21.24
N ILE A 1629 6.24 -1.12 21.80
CA ILE A 1629 5.06 -1.39 21.02
C ILE A 1629 4.46 -0.05 20.70
N GLY A 1630 4.66 0.43 19.46
CA GLY A 1630 3.91 1.51 18.89
C GLY A 1630 2.49 1.09 18.64
N MET A 1631 1.60 2.08 18.49
CA MET A 1631 0.22 1.87 18.18
C MET A 1631 -0.18 3.05 17.34
N HIS A 1632 -1.41 2.99 16.79
CA HIS A 1632 -2.04 4.12 16.16
C HIS A 1632 -3.33 3.49 15.77
N HIS A 1633 -4.39 3.76 16.55
CA HIS A 1633 -5.69 3.24 16.23
C HIS A 1633 -6.72 4.08 16.88
N ALA A 1634 -7.97 3.90 16.40
CA ALA A 1634 -9.17 4.51 16.92
C ALA A 1634 -9.41 4.12 18.35
N GLY A 1635 -10.06 5.03 19.11
CA GLY A 1635 -10.26 4.87 20.53
C GLY A 1635 -9.11 5.45 21.31
N VAL A 1636 -8.21 6.20 20.64
CA VAL A 1636 -7.10 6.86 21.27
C VAL A 1636 -7.30 8.31 20.97
N LYS A 1637 -7.17 9.17 22.02
CA LYS A 1637 -7.21 10.62 21.96
C LYS A 1637 -6.19 11.19 21.02
N GLY A 1638 -6.47 12.40 20.48
CA GLY A 1638 -5.63 13.04 19.49
C GLY A 1638 -4.25 13.38 19.99
N LYS A 1639 -4.13 13.78 21.27
CA LYS A 1639 -2.89 14.22 21.87
C LYS A 1639 -1.97 13.04 22.06
N LEU A 1640 -2.58 11.86 22.32
CA LEU A 1640 -1.89 10.69 22.77
C LEU A 1640 -1.32 9.99 21.58
N ARG A 1641 -2.17 9.63 20.60
CA ARG A 1641 -1.80 9.12 19.30
C ARG A 1641 -0.72 9.93 18.61
N ALA A 1642 -0.81 11.28 18.69
CA ALA A 1642 0.15 12.21 18.14
C ALA A 1642 1.54 12.03 18.68
N HIS A 1643 1.65 11.73 20.00
CA HIS A 1643 2.90 11.49 20.67
C HIS A 1643 3.57 10.25 20.14
N VAL A 1644 2.78 9.22 19.76
CA VAL A 1644 3.29 7.97 19.27
C VAL A 1644 4.01 8.21 17.97
N GLU A 1645 3.33 8.86 17.00
CA GLU A 1645 3.73 8.96 15.62
C GLU A 1645 5.07 9.62 15.46
N ARG A 1646 5.39 10.61 16.34
CA ARG A 1646 6.63 11.36 16.34
C ARG A 1646 7.79 10.46 16.63
N LEU A 1647 7.58 9.43 17.48
CA LEU A 1647 8.62 8.65 18.09
C LEU A 1647 8.89 7.44 17.25
N PHE A 1648 7.97 7.12 16.30
CA PHE A 1648 8.25 6.10 15.33
C PHE A 1648 9.08 6.69 14.22
N ARG A 1649 8.82 7.97 13.87
CA ARG A 1649 9.54 8.67 12.84
C ARG A 1649 10.88 9.11 13.33
N GLY A 1650 11.02 9.28 14.66
CA GLY A 1650 12.23 9.65 15.34
C GLY A 1650 13.21 8.52 15.48
N ARG A 1651 12.83 7.30 15.06
CA ARG A 1651 13.64 6.11 15.13
C ARG A 1651 13.97 5.74 16.57
N HIS A 1652 13.02 5.97 17.49
CA HIS A 1652 13.14 5.62 18.89
C HIS A 1652 12.62 4.22 19.06
N CYS A 1653 11.45 3.95 18.43
CA CYS A 1653 10.69 2.73 18.56
C CYS A 1653 11.10 1.75 17.50
N GLY A 1654 10.69 0.47 17.65
CA GLY A 1654 11.11 -0.59 16.78
C GLY A 1654 9.97 -1.20 16.01
N VAL A 1655 8.73 -1.16 16.54
CA VAL A 1655 7.59 -1.76 15.89
C VAL A 1655 6.43 -0.83 16.09
N ILE A 1656 5.36 -1.00 15.29
CA ILE A 1656 4.13 -0.27 15.43
C ILE A 1656 3.04 -1.19 14.94
N PHE A 1657 1.85 -1.16 15.58
CA PHE A 1657 0.71 -1.98 15.24
C PHE A 1657 -0.43 -1.06 14.93
N SER A 1658 -0.92 -1.07 13.66
CA SER A 1658 -1.90 -0.13 13.18
C SER A 1658 -2.58 -0.73 11.99
N THR A 1659 -3.57 0.00 11.42
CA THR A 1659 -4.40 -0.44 10.32
C THR A 1659 -3.81 0.13 9.05
N GLU A 1660 -4.57 0.08 7.94
CA GLU A 1660 -4.14 0.35 6.59
C GLU A 1660 -3.93 1.82 6.32
N THR A 1661 -4.44 2.72 7.21
CA THR A 1661 -4.40 4.16 7.07
C THR A 1661 -3.01 4.74 6.95
N LEU A 1662 -1.98 4.11 7.57
CA LEU A 1662 -0.63 4.65 7.63
C LEU A 1662 0.10 4.56 6.32
N ALA A 1663 -0.45 3.85 5.32
CA ALA A 1663 0.11 3.84 3.98
C ALA A 1663 -0.56 4.86 3.11
N LEU A 1664 -1.55 5.61 3.63
CA LEU A 1664 -2.43 6.39 2.81
C LEU A 1664 -2.21 7.86 3.06
N GLY A 1665 -2.96 8.48 4.00
CA GLY A 1665 -2.89 9.90 4.28
C GLY A 1665 -1.94 10.26 5.39
N ILE A 1666 -1.27 9.27 6.00
CA ILE A 1666 -0.26 9.47 7.03
C ILE A 1666 0.91 8.67 6.49
N HIS A 1667 2.14 8.90 6.99
CA HIS A 1667 3.32 8.24 6.49
C HIS A 1667 4.25 7.96 7.62
N SER A 1668 5.16 6.99 7.42
CA SER A 1668 6.08 6.52 8.42
C SER A 1668 7.20 5.85 7.68
N PRO A 1669 8.39 5.67 8.25
CA PRO A 1669 9.46 4.90 7.64
C PRO A 1669 9.14 3.44 7.84
N CYS A 1670 9.64 2.54 6.97
CA CYS A 1670 9.30 1.14 7.03
C CYS A 1670 10.48 0.42 6.47
N ARG A 1671 10.64 -0.88 6.80
CA ARG A 1671 11.53 -1.70 6.04
C ARG A 1671 10.94 -3.08 5.95
N SER A 1672 10.81 -3.80 7.10
CA SER A 1672 10.02 -5.01 7.14
C SER A 1672 8.59 -4.65 7.32
N VAL A 1673 7.73 -5.02 6.34
CA VAL A 1673 6.32 -4.81 6.41
C VAL A 1673 5.78 -6.15 6.81
N VAL A 1674 4.81 -6.15 7.75
CA VAL A 1674 4.21 -7.33 8.32
C VAL A 1674 2.75 -7.10 8.10
N LEU A 1675 2.01 -8.18 7.82
CA LEU A 1675 0.61 -8.12 7.47
C LEU A 1675 0.01 -9.24 8.27
N ALA A 1676 -1.08 -8.96 9.04
CA ALA A 1676 -1.68 -9.91 9.92
C ALA A 1676 -3.05 -10.16 9.38
N GLY A 1677 -3.27 -11.40 8.88
CA GLY A 1677 -4.52 -11.87 8.33
C GLY A 1677 -4.67 -11.43 6.91
N ASP A 1678 -5.47 -12.18 6.11
CA ASP A 1678 -5.94 -11.73 4.83
C ASP A 1678 -7.40 -11.41 4.96
N HIS A 1679 -7.95 -11.56 6.19
CA HIS A 1679 -9.34 -11.33 6.49
C HIS A 1679 -9.48 -9.87 6.84
N ILE A 1680 -10.67 -9.24 6.76
CA ILE A 1680 -11.90 -9.72 6.17
C ILE A 1680 -12.08 -9.17 4.78
N LEU A 1681 -11.21 -8.23 4.34
CA LEU A 1681 -11.33 -7.62 3.04
C LEU A 1681 -9.94 -7.34 2.56
N LEU A 1682 -9.73 -7.56 1.26
CA LEU A 1682 -8.57 -7.07 0.55
C LEU A 1682 -9.08 -6.88 -0.85
N ASN A 1683 -8.50 -5.89 -1.54
CA ASN A 1683 -8.50 -5.85 -2.98
C ASN A 1683 -7.07 -5.55 -3.30
N PRO A 1684 -6.55 -5.86 -4.48
CA PRO A 1684 -5.26 -5.36 -4.94
C PRO A 1684 -5.11 -3.85 -4.91
N THR A 1685 -6.25 -3.10 -4.87
CA THR A 1685 -6.38 -1.70 -4.55
C THR A 1685 -5.59 -1.31 -3.31
N GLN A 1686 -5.99 -1.87 -2.16
CA GLN A 1686 -5.50 -1.49 -0.86
C GLN A 1686 -4.36 -2.39 -0.45
N PHE A 1687 -3.95 -3.31 -1.36
CA PHE A 1687 -2.70 -4.01 -1.28
C PHE A 1687 -1.60 -3.10 -1.75
N ARG A 1688 -1.72 -2.59 -3.00
CA ARG A 1688 -0.63 -1.94 -3.70
C ARG A 1688 -0.14 -0.63 -3.13
N GLN A 1689 -0.86 -0.03 -2.15
CA GLN A 1689 -0.33 1.05 -1.34
C GLN A 1689 0.80 0.59 -0.45
N MET A 1690 0.69 -0.61 0.14
CA MET A 1690 1.67 -1.19 1.01
C MET A 1690 2.68 -2.02 0.27
N MET A 1691 2.45 -2.34 -1.03
CA MET A 1691 3.31 -3.23 -1.79
C MET A 1691 4.66 -2.62 -2.06
N GLY A 1692 4.66 -1.36 -2.54
CA GLY A 1692 5.85 -0.65 -2.93
C GLY A 1692 6.51 -0.01 -1.75
N ARG A 1693 5.84 -0.02 -0.57
CA ARG A 1693 6.32 0.50 0.68
C ARG A 1693 7.60 -0.19 1.06
N ALA A 1694 8.56 0.60 1.58
CA ALA A 1694 9.86 0.16 2.05
C ALA A 1694 10.78 0.12 0.88
N GLY A 1695 12.04 0.56 1.10
CA GLY A 1695 12.85 1.15 0.05
C GLY A 1695 12.83 2.64 0.29
N ARG A 1696 13.00 3.03 1.58
CA ARG A 1696 12.99 4.39 2.09
C ARG A 1696 13.79 5.40 1.31
N ARG A 1697 13.45 6.69 1.55
CA ARG A 1697 13.81 7.81 0.73
C ARG A 1697 15.27 8.16 0.74
N GLY A 1698 16.02 7.71 -0.28
CA GLY A 1698 17.46 7.85 -0.33
C GLY A 1698 18.23 6.88 0.52
N LEU A 1699 17.55 5.94 1.22
CA LEU A 1699 18.19 5.08 2.19
C LEU A 1699 18.16 3.68 1.67
N ASP A 1700 17.11 2.90 2.02
CA ASP A 1700 17.09 1.44 1.97
C ASP A 1700 17.20 0.94 0.57
N TYR A 1701 17.82 -0.25 0.39
CA TYR A 1701 18.00 -0.84 -0.91
C TYR A 1701 16.93 -1.87 -1.18
N LEU A 1702 16.13 -2.24 -0.17
CA LEU A 1702 15.20 -3.33 -0.32
C LEU A 1702 14.01 -3.04 0.53
N GLY A 1703 12.83 -3.43 0.02
CA GLY A 1703 11.62 -3.52 0.77
C GLY A 1703 11.42 -4.98 1.03
N HIS A 1704 10.70 -5.29 2.12
CA HIS A 1704 10.43 -6.65 2.52
C HIS A 1704 9.00 -6.67 2.90
N LEU A 1705 8.18 -7.51 2.22
CA LEU A 1705 6.81 -7.71 2.62
C LEU A 1705 6.71 -9.15 3.00
N VAL A 1706 6.39 -9.37 4.30
CA VAL A 1706 6.14 -10.67 4.86
C VAL A 1706 4.64 -10.70 5.06
N PHE A 1707 4.01 -11.76 4.52
CA PHE A 1707 2.59 -11.92 4.48
C PHE A 1707 2.27 -12.85 5.59
N LEU A 1708 1.22 -12.55 6.36
CA LEU A 1708 0.41 -13.57 6.95
C LEU A 1708 -0.94 -13.27 6.36
N GLY A 1709 -1.54 -14.11 5.47
CA GLY A 1709 -0.99 -15.30 4.87
C GLY A 1709 -1.76 -16.48 5.34
N ILE A 1710 -3.04 -16.24 5.76
CA ILE A 1710 -3.96 -17.23 6.25
C ILE A 1710 -4.29 -18.28 5.21
N THR A 1711 -4.40 -17.90 3.91
CA THR A 1711 -4.94 -18.78 2.90
C THR A 1711 -3.87 -18.96 1.86
N MET A 1712 -3.24 -20.16 1.87
CA MET A 1712 -3.02 -21.10 0.78
C MET A 1712 -2.83 -20.55 -0.62
N ARG A 1713 -3.87 -19.92 -1.21
CA ARG A 1713 -3.88 -19.58 -2.61
C ARG A 1713 -3.88 -18.11 -2.83
N ARG A 1714 -4.48 -17.31 -1.90
CA ARG A 1714 -4.84 -15.93 -2.17
C ARG A 1714 -3.69 -14.96 -2.37
N ILE A 1715 -2.43 -15.37 -2.11
CA ILE A 1715 -1.21 -14.74 -2.61
C ILE A 1715 -1.28 -14.42 -4.08
N LYS A 1716 -1.60 -15.46 -4.90
CA LYS A 1716 -1.90 -15.40 -6.31
C LYS A 1716 -2.89 -14.32 -6.61
N ARG A 1717 -4.11 -14.40 -6.02
CA ARG A 1717 -5.20 -13.50 -6.28
C ARG A 1717 -4.94 -12.06 -5.89
N LEU A 1718 -3.88 -11.78 -5.09
CA LEU A 1718 -3.35 -10.44 -4.92
C LEU A 1718 -2.40 -10.07 -6.02
N MET A 1719 -1.28 -10.82 -6.15
CA MET A 1719 -0.18 -10.57 -7.07
C MET A 1719 -0.59 -10.53 -8.51
N THR A 1720 -1.04 -11.70 -9.04
CA THR A 1720 -1.10 -12.06 -10.43
C THR A 1720 -2.18 -11.28 -11.15
N SER A 1721 -3.12 -10.66 -10.39
CA SER A 1721 -4.14 -9.79 -10.91
C SER A 1721 -3.56 -8.60 -11.62
N SER A 1722 -4.22 -8.19 -12.73
CA SER A 1722 -3.77 -7.08 -13.52
C SER A 1722 -4.68 -5.95 -13.14
N MET A 1723 -4.14 -5.00 -12.34
CA MET A 1723 -4.44 -3.60 -12.43
C MET A 1723 -5.73 -3.25 -11.71
N THR A 1724 -5.77 -2.06 -11.09
CA THR A 1724 -6.98 -1.52 -10.50
C THR A 1724 -7.24 -0.35 -11.39
N VAL A 1725 -8.41 -0.38 -12.03
CA VAL A 1725 -8.69 0.38 -13.20
C VAL A 1725 -9.89 1.19 -12.86
N ILE A 1726 -9.96 2.43 -13.41
CA ILE A 1726 -11.02 3.37 -13.19
C ILE A 1726 -12.32 2.82 -13.70
N LYS A 1727 -13.42 3.21 -13.06
CA LYS A 1727 -14.75 2.83 -13.43
C LYS A 1727 -15.51 3.53 -12.37
N GLY A 1728 -16.08 4.70 -12.73
CA GLY A 1728 -16.52 5.66 -11.78
C GLY A 1728 -17.96 5.40 -11.51
N ASN A 1729 -18.73 6.49 -11.42
CA ASN A 1729 -20.14 6.47 -11.21
C ASN A 1729 -20.70 7.33 -12.34
N VAL A 1730 -21.36 10.32 -10.27
CA VAL A 1730 -22.17 10.66 -11.47
C VAL A 1730 -22.62 12.10 -11.36
N GLN A 1731 -23.30 12.64 -12.40
CA GLN A 1731 -24.59 13.25 -12.18
C GLN A 1731 -25.51 12.62 -13.19
N MET A 1732 -26.32 11.64 -12.70
CA MET A 1732 -27.72 11.84 -12.54
C MET A 1732 -27.97 11.46 -11.11
N ASP A 1733 -28.55 12.39 -10.33
CA ASP A 1733 -28.90 12.16 -8.96
C ASP A 1733 -30.09 13.04 -8.77
N PRO A 1734 -31.13 12.67 -8.03
CA PRO A 1734 -32.25 13.54 -7.73
C PRO A 1734 -31.80 14.70 -6.88
N ILE A 1735 -31.02 14.44 -5.81
CA ILE A 1735 -30.67 15.42 -4.81
C ILE A 1735 -29.91 16.58 -5.40
N SER A 1736 -28.90 16.33 -6.29
CA SER A 1736 -28.22 17.34 -7.07
C SER A 1736 -29.13 18.32 -7.78
N ASN A 1737 -30.21 17.78 -8.39
CA ASN A 1737 -31.04 18.53 -9.29
C ASN A 1737 -32.05 19.32 -8.52
N LEU A 1738 -32.41 18.85 -7.29
CA LEU A 1738 -33.21 19.56 -6.33
C LEU A 1738 -32.49 20.77 -5.80
N ARG A 1739 -31.23 20.59 -5.36
CA ARG A 1739 -30.33 21.65 -4.96
C ARG A 1739 -30.21 22.74 -5.99
N LEU A 1740 -29.99 22.37 -7.28
CA LEU A 1740 -29.83 23.30 -8.39
C LEU A 1740 -31.07 24.11 -8.60
N LEU A 1741 -32.25 23.46 -8.50
CA LEU A 1741 -33.56 24.05 -8.59
C LEU A 1741 -33.70 25.18 -7.61
N GLN A 1742 -33.61 24.87 -6.30
CA GLN A 1742 -33.78 25.81 -5.22
C GLN A 1742 -32.75 26.92 -5.16
N LEU A 1743 -31.54 26.71 -5.74
CA LEU A 1743 -30.52 27.73 -5.92
C LEU A 1743 -31.05 28.78 -6.85
N TYR A 1744 -31.57 28.36 -8.03
CA TYR A 1744 -32.13 29.26 -9.00
C TYR A 1744 -33.32 30.03 -8.45
N ASP A 1745 -34.18 29.41 -7.61
CA ASP A 1745 -35.40 30.05 -7.19
C ASP A 1745 -35.26 30.85 -5.92
N PHE A 1746 -34.02 31.02 -5.39
CA PHE A 1746 -33.82 31.81 -4.20
C PHE A 1746 -33.63 33.25 -4.62
N ASN A 1747 -33.00 33.49 -5.80
CA ASN A 1747 -32.84 34.79 -6.38
C ASN A 1747 -34.11 35.25 -7.05
N THR A 1748 -35.02 34.31 -7.40
CA THR A 1748 -36.36 34.61 -7.85
C THR A 1748 -37.17 35.26 -6.77
N LEU A 1749 -36.99 34.82 -5.49
CA LEU A 1749 -37.57 35.48 -4.34
C LEU A 1749 -37.14 36.92 -4.26
N ARG A 1750 -38.09 37.77 -3.79
CA ARG A 1750 -38.12 39.22 -3.81
C ARG A 1750 -36.79 39.92 -3.85
N HIS A 1751 -36.69 40.80 -4.88
CA HIS A 1751 -35.50 41.36 -5.49
C HIS A 1751 -35.26 40.51 -6.71
N LEU A 1752 -35.33 41.14 -7.90
CA LEU A 1752 -35.16 40.48 -9.16
C LEU A 1752 -33.66 40.26 -9.40
N LYS A 1753 -33.00 43.44 -12.06
CA LYS A 1753 -31.63 44.00 -12.14
C LYS A 1753 -30.63 42.90 -12.23
N ASN A 1754 -30.20 42.35 -11.06
CA ASN A 1754 -29.24 41.28 -10.94
C ASN A 1754 -29.78 39.97 -11.43
N GLU A 1755 -31.08 39.89 -11.78
CA GLU A 1755 -31.70 38.86 -12.58
C GLU A 1755 -30.89 38.49 -13.81
N ALA A 1756 -30.45 39.51 -14.58
CA ALA A 1756 -29.59 39.41 -15.74
C ALA A 1756 -28.35 38.58 -15.48
N GLY A 1757 -27.46 39.11 -14.61
CA GLY A 1757 -26.23 38.52 -14.14
C GLY A 1757 -26.42 37.11 -13.64
N TRP A 1758 -27.46 36.92 -12.80
CA TRP A 1758 -27.85 35.66 -12.21
C TRP A 1758 -28.15 34.65 -13.27
N LYS A 1759 -29.19 34.88 -14.10
CA LYS A 1759 -29.64 33.97 -15.12
C LYS A 1759 -28.56 33.56 -16.09
N THR A 1760 -27.67 34.48 -16.50
CA THR A 1760 -26.62 34.13 -17.43
C THR A 1760 -25.54 33.33 -16.74
N HIS A 1761 -25.35 33.51 -15.43
CA HIS A 1761 -24.54 32.63 -14.61
C HIS A 1761 -25.14 31.25 -14.49
N VAL A 1762 -26.48 31.15 -14.41
CA VAL A 1762 -27.24 29.92 -14.37
C VAL A 1762 -27.15 29.18 -15.67
N LEU A 1763 -27.17 29.89 -16.84
CA LEU A 1763 -26.91 29.33 -18.16
C LEU A 1763 -25.56 28.65 -18.21
N LYS A 1764 -24.47 29.41 -17.90
CA LYS A 1764 -23.12 28.90 -17.78
C LYS A 1764 -23.03 27.72 -16.87
N LEU A 1765 -23.66 27.79 -15.67
CA LEU A 1765 -23.68 26.75 -14.67
C LEU A 1765 -24.30 25.48 -15.18
N ALA A 1766 -25.49 25.58 -15.83
CA ALA A 1766 -26.23 24.50 -16.45
C ALA A 1766 -25.47 23.74 -17.52
N GLU A 1767 -24.63 24.46 -18.30
CA GLU A 1767 -23.69 23.93 -19.26
C GLU A 1767 -22.53 23.24 -18.61
N ARG A 1768 -21.89 23.91 -17.62
CA ARG A 1768 -20.76 23.43 -16.87
C ARG A 1768 -21.09 22.11 -16.22
N LEU A 1769 -22.14 22.06 -15.37
CA LEU A 1769 -22.78 20.84 -14.94
C LEU A 1769 -23.31 20.03 -16.12
N PHE A 1770 -23.21 18.67 -16.06
CA PHE A 1770 -23.47 17.76 -17.17
C PHE A 1770 -22.47 17.99 -18.26
N VAL A 1771 -21.18 18.06 -17.86
CA VAL A 1771 -20.11 18.60 -18.68
C VAL A 1771 -19.81 17.83 -19.95
N ASN A 1772 -19.71 16.48 -19.89
CA ASN A 1772 -19.48 15.66 -21.06
C ASN A 1772 -20.62 15.69 -22.04
N PRO A 1773 -21.92 15.68 -21.69
CA PRO A 1773 -22.53 15.07 -20.53
C PRO A 1773 -22.24 13.59 -20.45
N LEU A 1774 -22.22 13.03 -19.22
CA LEU A 1774 -22.53 11.65 -18.92
C LEU A 1774 -21.22 11.00 -18.65
N PHE A 1775 -21.09 10.41 -17.45
CA PHE A 1775 -19.82 10.02 -16.89
C PHE A 1775 -19.92 8.55 -16.62
N PHE A 1776 -18.92 7.78 -17.12
CA PHE A 1776 -18.61 6.41 -16.74
C PHE A 1776 -19.82 5.51 -16.67
N GLN A 1777 -20.12 4.91 -15.49
CA GLN A 1777 -21.16 3.93 -15.29
C GLN A 1777 -22.55 4.40 -15.68
N GLY A 1778 -22.77 5.72 -15.78
CA GLY A 1778 -24.00 6.31 -16.25
C GLY A 1778 -24.32 6.08 -17.70
N ARG A 1779 -23.32 5.71 -18.55
CA ARG A 1779 -23.55 5.34 -19.93
C ARG A 1779 -23.78 3.84 -20.04
N ASN A 1780 -23.59 3.11 -18.92
CA ASN A 1780 -23.87 1.69 -18.81
C ASN A 1780 -25.21 1.53 -18.12
N SER A 1781 -25.86 2.65 -17.74
CA SER A 1781 -27.17 2.68 -17.10
C SER A 1781 -28.19 2.91 -18.18
N VAL A 1782 -29.31 3.60 -17.85
CA VAL A 1782 -30.33 3.99 -18.80
C VAL A 1782 -29.95 5.36 -19.28
N ALA A 1783 -29.28 5.41 -20.45
CA ALA A 1783 -29.15 6.60 -21.25
C ALA A 1783 -28.70 6.05 -22.57
N GLY A 1784 -27.38 6.10 -22.86
CA GLY A 1784 -26.76 5.45 -23.99
C GLY A 1784 -26.95 6.24 -25.26
N GLY A 1785 -25.84 6.67 -25.91
CA GLY A 1785 -24.80 7.44 -25.25
C GLY A 1785 -24.47 8.56 -26.17
N ASN A 1786 -23.83 9.67 -25.69
CA ASN A 1786 -23.62 10.04 -24.30
C ASN A 1786 -24.67 11.05 -23.91
N MET A 1787 -25.60 11.38 -24.84
CA MET A 1787 -27.01 11.43 -24.53
C MET A 1787 -27.32 12.55 -23.57
N GLU A 1788 -27.93 12.24 -22.41
CA GLU A 1788 -28.63 13.15 -21.54
C GLU A 1788 -29.57 14.09 -22.24
N GLY A 1789 -29.68 15.34 -21.74
CA GLY A 1789 -30.93 16.04 -21.70
C GLY A 1789 -31.62 15.41 -20.54
N PHE A 1790 -32.79 14.77 -20.78
CA PHE A 1790 -33.21 13.56 -20.10
C PHE A 1790 -33.71 13.83 -18.69
N THR A 1791 -33.74 15.12 -18.28
CA THR A 1791 -34.13 15.52 -16.96
C THR A 1791 -35.62 15.63 -16.94
N VAL A 1792 -36.22 15.87 -18.14
CA VAL A 1792 -37.62 16.08 -18.41
C VAL A 1792 -38.56 15.07 -17.77
N GLU A 1793 -38.40 13.77 -18.09
CA GLU A 1793 -39.25 12.70 -17.61
C GLU A 1793 -39.20 12.50 -16.10
N TRP A 1794 -38.15 13.04 -15.42
CA TRP A 1794 -38.03 13.07 -13.98
C TRP A 1794 -38.71 14.29 -13.44
N LEU A 1795 -38.25 15.48 -13.91
CA LEU A 1795 -38.70 16.82 -13.63
C LEU A 1795 -40.19 16.93 -13.50
N GLN A 1796 -40.94 16.61 -14.57
CA GLN A 1796 -42.39 16.67 -14.63
C GLN A 1796 -43.10 15.86 -13.56
N MET A 1797 -42.58 14.65 -13.25
CA MET A 1797 -43.12 13.75 -12.24
C MET A 1797 -42.95 14.31 -10.85
N LEU A 1798 -41.79 14.96 -10.57
CA LEU A 1798 -41.50 15.65 -9.34
C LEU A 1798 -42.27 16.93 -9.21
N LEU A 1799 -42.77 17.50 -10.33
CA LEU A 1799 -43.23 18.86 -10.39
C LEU A 1799 -44.57 18.95 -9.72
N GLY A 1800 -45.44 17.96 -10.02
CA GLY A 1800 -46.74 17.80 -9.41
C GLY A 1800 -46.63 16.78 -8.34
N TYR A 1801 -45.73 17.02 -7.37
CA TYR A 1801 -45.46 16.11 -6.29
C TYR A 1801 -44.74 16.88 -5.22
N PHE A 1802 -44.45 18.19 -5.47
CA PHE A 1802 -43.67 18.98 -4.54
C PHE A 1802 -44.55 19.58 -3.50
N GLN A 1803 -45.88 19.67 -3.75
CA GLN A 1803 -46.67 20.64 -3.02
C GLN A 1803 -48.11 20.45 -3.39
N ARG A 1804 -48.76 19.53 -2.65
CA ARG A 1804 -50.10 19.08 -2.92
C ARG A 1804 -50.57 18.43 -1.64
N GLU A 1805 -49.73 18.45 -0.57
CA GLU A 1805 -49.50 17.24 0.20
C GLU A 1805 -50.22 17.27 1.52
N GLY A 1806 -51.10 18.27 1.77
CA GLY A 1806 -51.86 18.37 3.00
C GLY A 1806 -51.31 19.51 3.76
N LEU A 1807 -51.36 19.46 5.12
CA LEU A 1807 -51.10 20.62 5.95
C LEU A 1807 -49.62 20.85 6.10
N HIS A 1808 -48.80 19.78 5.93
CA HIS A 1808 -47.37 19.81 5.80
C HIS A 1808 -46.65 19.86 7.12
N PHE A 1809 -47.02 20.82 8.00
CA PHE A 1809 -46.10 21.36 8.97
C PHE A 1809 -46.91 21.53 10.22
N SER A 1810 -47.08 20.48 11.09
CA SER A 1810 -46.76 19.09 10.88
C SER A 1810 -48.06 18.40 10.53
N ASP A 1811 -48.77 17.81 11.52
CA ASP A 1811 -50.13 17.31 11.35
C ASP A 1811 -51.06 18.15 12.18
N HIS A 1812 -50.51 19.15 12.93
CA HIS A 1812 -51.28 20.10 13.69
C HIS A 1812 -52.18 20.94 12.83
N ALA A 1813 -53.37 21.28 13.37
CA ALA A 1813 -54.49 21.89 12.68
C ALA A 1813 -54.16 23.22 12.06
N SER A 1814 -54.92 23.55 10.98
CA SER A 1814 -54.75 24.72 10.15
C SER A 1814 -54.98 25.99 10.95
N SER A 1815 -54.15 27.07 10.81
CA SER A 1815 -53.16 27.30 9.78
C SER A 1815 -51.87 26.70 10.23
N LEU A 1816 -50.87 26.67 9.32
CA LEU A 1816 -49.80 25.72 9.29
C LEU A 1816 -50.36 24.32 9.07
N GLY A 1817 -50.92 24.01 7.87
CA GLY A 1817 -50.93 24.81 6.67
C GLY A 1817 -52.31 24.74 6.11
N SER A 1818 -52.47 25.31 4.90
CA SER A 1818 -53.73 25.47 4.23
C SER A 1818 -53.40 25.58 2.76
N ILE A 1819 -52.08 25.59 2.44
CA ILE A 1819 -51.56 25.65 1.10
C ILE A 1819 -51.20 24.23 0.83
N LEU A 1820 -51.63 23.71 -0.33
CA LEU A 1820 -51.50 22.32 -0.70
C LEU A 1820 -51.99 22.22 -2.10
N GLN A 1821 -51.69 23.26 -2.92
CA GLN A 1821 -52.32 23.40 -4.20
C GLN A 1821 -51.46 24.14 -5.17
N ASP A 1822 -50.17 24.40 -4.83
CA ASP A 1822 -49.34 25.29 -5.63
C ASP A 1822 -48.74 24.56 -6.80
N ALA A 1823 -48.76 23.21 -6.80
CA ALA A 1823 -48.00 22.41 -7.74
C ALA A 1823 -48.88 22.05 -8.90
N MET A 1824 -50.12 22.61 -8.94
CA MET A 1824 -51.08 22.41 -10.00
C MET A 1824 -51.08 23.65 -10.86
N TYR A 1825 -50.27 24.67 -10.47
CA TYR A 1825 -50.34 26.01 -10.98
C TYR A 1825 -49.07 26.23 -11.73
N VAL A 1826 -48.47 25.13 -12.25
CA VAL A 1826 -47.24 25.20 -12.97
C VAL A 1826 -47.10 23.96 -13.82
N PHE A 1827 -47.99 22.96 -13.61
CA PHE A 1827 -47.93 21.69 -14.26
C PHE A 1827 -48.19 21.77 -15.75
N ARG A 1828 -49.31 22.41 -16.15
CA ARG A 1828 -49.82 22.48 -17.51
C ARG A 1828 -48.89 23.14 -18.49
N GLU A 1829 -48.19 24.19 -17.99
CA GLU A 1829 -47.37 25.09 -18.77
C GLU A 1829 -45.96 24.62 -18.81
N ALA A 1830 -45.67 23.42 -18.22
CA ALA A 1830 -44.39 22.80 -18.25
C ALA A 1830 -44.47 21.49 -18.97
N HIS A 1831 -45.70 21.13 -19.45
CA HIS A 1831 -45.97 19.90 -20.13
C HIS A 1831 -46.36 20.22 -21.56
N VAL A 1832 -45.96 21.43 -22.04
CA VAL A 1832 -46.23 21.90 -23.38
C VAL A 1832 -45.59 21.02 -24.41
N GLY A 1833 -44.29 20.72 -24.23
CA GLY A 1833 -43.59 19.72 -25.00
C GLY A 1833 -43.18 18.60 -24.08
N ASN A 1834 -43.35 18.85 -22.75
CA ASN A 1834 -42.66 18.24 -21.63
C ASN A 1834 -41.40 19.04 -21.42
N GLU A 1835 -41.31 20.22 -22.10
CA GLU A 1835 -40.14 21.08 -22.18
C GLU A 1835 -38.93 20.32 -22.69
N GLY A 1836 -39.01 19.70 -23.90
CA GLY A 1836 -39.81 20.15 -25.01
C GLY A 1836 -38.99 20.12 -26.25
N PHE A 1837 -37.71 19.69 -26.12
CA PHE A 1837 -36.99 18.85 -27.06
C PHE A 1837 -35.62 19.46 -27.20
N SER A 1838 -34.76 18.81 -28.01
CA SER A 1838 -33.31 18.77 -27.84
C SER A 1838 -32.65 20.11 -27.84
N PHE A 1839 -31.70 20.28 -26.89
CA PHE A 1839 -30.62 21.24 -26.83
C PHE A 1839 -30.62 21.64 -25.37
N ILE A 1840 -29.42 21.89 -24.80
CA ILE A 1840 -29.16 22.01 -23.38
C ILE A 1840 -29.98 23.13 -22.80
N ARG A 1841 -29.80 24.36 -23.32
CA ARG A 1841 -30.11 25.56 -22.58
C ARG A 1841 -31.58 25.89 -22.65
N MET A 1842 -32.38 25.16 -23.46
CA MET A 1842 -33.82 25.23 -23.45
C MET A 1842 -34.46 24.50 -22.29
N LEU A 1843 -33.65 23.73 -21.54
CA LEU A 1843 -34.07 22.93 -20.41
C LEU A 1843 -34.25 23.87 -19.28
N THR A 1844 -33.12 24.43 -18.78
CA THR A 1844 -33.02 25.36 -17.68
C THR A 1844 -33.80 26.64 -17.95
N SER A 1845 -33.92 27.08 -19.22
CA SER A 1845 -34.79 28.19 -19.60
C SER A 1845 -36.23 27.86 -19.38
N GLY A 1846 -36.64 26.61 -19.71
CA GLY A 1846 -37.94 26.07 -19.38
C GLY A 1846 -38.21 26.03 -17.89
N VAL A 1847 -37.14 25.87 -17.08
CA VAL A 1847 -37.18 25.71 -15.64
C VAL A 1847 -36.95 27.06 -15.01
N PHE A 1848 -36.94 28.17 -15.81
CA PHE A 1848 -36.78 29.52 -15.33
C PHE A 1848 -38.10 30.06 -14.83
N ASP A 1849 -39.13 29.18 -14.83
CA ASP A 1849 -40.47 29.50 -15.24
C ASP A 1849 -41.31 28.39 -14.67
N LYS A 1850 -40.73 27.57 -13.75
CA LYS A 1850 -41.50 26.86 -12.77
C LYS A 1850 -41.78 27.71 -11.55
N ALA A 1851 -41.93 27.00 -10.41
CA ALA A 1851 -42.56 27.36 -9.17
C ALA A 1851 -43.49 26.21 -8.90
N HIS A 1852 -43.00 24.98 -8.55
CA HIS A 1852 -41.75 24.61 -7.90
C HIS A 1852 -41.55 25.39 -6.63
N TYR A 1853 -42.52 25.31 -5.72
CA TYR A 1853 -42.39 25.99 -4.46
C TYR A 1853 -43.23 25.19 -3.53
N SER A 1854 -42.75 25.11 -2.28
CA SER A 1854 -43.26 24.26 -1.24
C SER A 1854 -44.17 25.12 -0.37
N PRO A 1855 -44.72 24.77 0.81
CA PRO A 1855 -45.84 25.48 1.39
C PRO A 1855 -45.42 26.79 2.01
N LEU A 1856 -42.48 27.62 1.05
CA LEU A 1856 -41.44 27.86 2.06
C LEU A 1856 -40.82 26.56 2.48
N TYR A 1857 -41.54 25.61 3.15
CA TYR A 1857 -41.01 25.18 4.42
C TYR A 1857 -40.33 23.86 4.14
N ASP A 1858 -40.92 23.04 3.22
CA ASP A 1858 -40.62 21.63 3.18
C ASP A 1858 -39.34 21.38 2.46
N LYS A 1859 -39.18 22.00 1.27
CA LYS A 1859 -38.07 21.69 0.40
C LYS A 1859 -36.77 22.26 0.88
N LYS A 1860 -36.83 23.43 1.55
CA LYS A 1860 -35.76 23.99 2.37
C LYS A 1860 -35.26 23.02 3.42
N LEU A 1861 -36.20 22.27 4.04
CA LEU A 1861 -35.98 21.45 5.19
C LEU A 1861 -35.55 20.07 4.73
N ASN A 1862 -35.65 19.77 3.42
CA ASN A 1862 -35.00 18.66 2.79
C ASN A 1862 -33.55 19.00 2.65
N SER A 1863 -33.24 20.11 1.93
CA SER A 1863 -31.91 20.63 1.71
C SER A 1863 -31.09 20.88 2.95
N GLY A 1864 -31.75 21.07 4.13
CA GLY A 1864 -31.08 21.37 5.37
C GLY A 1864 -31.02 20.19 6.27
N VAL A 1865 -31.54 19.02 5.85
CA VAL A 1865 -31.24 17.75 6.45
C VAL A 1865 -29.89 17.31 5.94
N LEU A 1866 -29.62 17.49 4.63
CA LEU A 1866 -28.39 17.06 4.00
C LEU A 1866 -27.21 17.86 4.49
N ASP A 1867 -27.37 19.20 4.56
CA ASP A 1867 -26.37 20.08 5.12
C ASP A 1867 -26.89 20.63 6.45
MG MG B . 1.11 10.80 -1.68
PB ADP C . 4.24 9.43 -1.71
O1B ADP C . 3.82 10.76 -2.29
O2B ADP C . 4.67 8.53 -2.80
O3B ADP C . 3.18 8.85 -0.69
PA ADP C . 6.74 10.74 -0.65
O1A ADP C . 6.47 11.92 -1.54
O2A ADP C . 6.44 11.09 0.75
O3A ADP C . 5.55 9.77 -0.86
O5' ADP C . 8.30 10.28 -0.83
C5' ADP C . 9.02 9.60 0.25
C4' ADP C . 10.25 10.39 0.62
O4' ADP C . 11.22 10.33 -0.46
C3' ADP C . 10.04 11.89 0.85
O3' ADP C . 9.85 11.84 2.26
C2' ADP C . 11.44 12.44 0.58
O2' ADP C . 12.26 12.15 1.71
C1' ADP C . 11.89 11.57 -0.60
N9 ADP C . 12.07 12.14 -1.93
C8 ADP C . 11.15 12.86 -2.63
N7 ADP C . 11.55 13.24 -3.82
C5 ADP C . 12.84 12.73 -3.90
C6 ADP C . 13.84 12.82 -4.90
N6 ADP C . 13.61 13.34 -6.11
N1 ADP C . 15.05 12.30 -4.63
C2 ADP C . 15.25 11.69 -3.45
N3 ADP C . 14.37 11.51 -2.45
C4 ADP C . 13.18 12.06 -2.74
#